data_6AM9
#
_entry.id   6AM9
#
_cell.length_a   87.502
_cell.length_b   109.122
_cell.length_c   160.491
_cell.angle_alpha   90.00
_cell.angle_beta   90.00
_cell.angle_gamma   90.00
#
_symmetry.space_group_name_H-M   'P 21 21 21'
#
loop_
_entity.id
_entity.type
_entity.pdbx_description
1 polymer 'Tryptophan synthase beta chain 1'
2 non-polymer 'SODIUM ION'
3 non-polymer [3-HYDROXY-2-METHYL-5-PHOSPHONOOXYMETHYL-PYRIDIN-4-YLMETHYL]-SERINE
4 non-polymer '2-{[(E)-{3-hydroxy-2-methyl-5-[(phosphonooxy)methyl]pyridin-4-yl}methylidene]amino}prop-2-enoic acid'
5 water water
#
_entity_poly.entity_id   1
_entity_poly.type   'polypeptide(L)'
_entity_poly.pdbx_seq_one_letter_code
;MWFGEFGGQYVPETLVGPLKELEKAYKRFKDDEEFNRQLNYYLKTWAGRPTPLYYAKRLTEKIGGAKVYLKREDLVHGGA
HKTNNAIGQALLAKLMGKTRLIAETGAGQHGVATAMAGALLGMKVDIYMGAEDVERQKMNVFRMKLLGANVIPVNSGSRT
LKDAINEALRDWVATFEYTHYLIGSVVGPHPYPTIVRDFQSVIGREAKAQILEAEGQLPDVIVACVGGGSNAMGIFYPFV
NDKKVKLVGVEAGGKGLESGKHSASLNAGQVGVSHGMLSYFLQDEEGQIKPSHSIAPGLDYPGVGPEHAYLKKIQRAEYV
AVTDEEALKAFHELSRTEGIIPALESAHAVAYAMKLAKEMSRDEIIIVNLSGRGDKDLDIVLKASGNVLEHHHHHH
;
_entity_poly.pdbx_strand_id   A,B,C,D
#
# COMPACT_ATOMS: atom_id res chain seq x y z
N MET A 1 -3.83 -0.99 47.48
CA MET A 1 -2.86 -1.87 48.20
C MET A 1 -3.20 -3.35 48.10
N TRP A 2 -4.49 -3.67 48.01
CA TRP A 2 -4.96 -5.06 48.03
C TRP A 2 -5.61 -5.45 46.72
N PHE A 3 -5.59 -6.74 46.45
CA PHE A 3 -6.34 -7.34 45.36
C PHE A 3 -6.99 -8.58 46.01
N GLY A 4 -8.19 -8.39 46.53
CA GLY A 4 -8.79 -9.38 47.42
C GLY A 4 -8.02 -9.40 48.72
N GLU A 5 -7.71 -10.61 49.20
CA GLU A 5 -6.85 -10.79 50.38
C GLU A 5 -5.37 -10.54 50.05
N PHE A 6 -5.01 -10.71 48.77
CA PHE A 6 -3.62 -10.72 48.37
C PHE A 6 -3.09 -9.31 48.19
N GLY A 7 -1.76 -9.18 48.30
CA GLY A 7 -1.07 -7.92 48.09
C GLY A 7 -0.50 -7.43 49.39
N GLY A 8 -0.92 -6.24 49.80
CA GLY A 8 -0.53 -5.70 51.09
C GLY A 8 0.86 -5.10 51.04
N GLN A 9 1.42 -4.88 52.22
CA GLN A 9 2.68 -4.16 52.37
C GLN A 9 3.42 -4.76 53.57
N TYR A 10 3.62 -6.07 53.51
CA TYR A 10 4.14 -6.86 54.63
C TYR A 10 5.66 -6.67 54.79
N VAL A 11 6.05 -5.53 55.36
CA VAL A 11 7.45 -5.14 55.44
C VAL A 11 7.87 -4.71 56.85
N PRO A 12 9.20 -4.59 57.10
CA PRO A 12 9.64 -3.91 58.32
C PRO A 12 9.32 -2.41 58.30
N GLU A 13 9.27 -1.81 59.48
CA GLU A 13 8.94 -0.38 59.62
C GLU A 13 9.92 0.59 58.93
N THR A 14 11.17 0.15 58.75
CA THR A 14 12.16 0.92 57.98
C THR A 14 11.76 1.11 56.50
N LEU A 15 11.01 0.16 55.94
CA LEU A 15 10.53 0.29 54.54
C LEU A 15 9.21 1.06 54.36
N VAL A 16 8.55 1.45 55.46
CA VAL A 16 7.25 2.10 55.39
C VAL A 16 7.35 3.56 54.93
N GLY A 17 8.36 4.27 55.41
CA GLY A 17 8.64 5.63 54.96
C GLY A 17 8.93 5.70 53.46
N PRO A 18 9.93 4.94 52.98
CA PRO A 18 10.25 4.86 51.55
C PRO A 18 9.04 4.56 50.65
N LEU A 19 8.29 3.52 51.01
CA LEU A 19 7.12 3.09 50.24
C LEU A 19 5.99 4.13 50.17
N LYS A 20 5.76 4.83 51.29
CA LYS A 20 4.76 5.92 51.34
C LYS A 20 5.14 7.09 50.40
N GLU A 21 6.42 7.45 50.39
CA GLU A 21 6.91 8.54 49.53
C GLU A 21 6.83 8.19 48.03
N LEU A 22 7.10 6.92 47.72
CA LEU A 22 6.96 6.42 46.34
C LEU A 22 5.49 6.40 45.90
N GLU A 23 4.63 5.92 46.82
CA GLU A 23 3.19 5.88 46.62
C GLU A 23 2.59 7.27 46.42
N LYS A 24 3.07 8.23 47.20
CA LYS A 24 2.69 9.64 47.04
C LYS A 24 3.15 10.16 45.68
N ALA A 25 4.44 9.98 45.38
CA ALA A 25 5.05 10.44 44.14
C ALA A 25 4.33 9.91 42.90
N TYR A 26 4.00 8.62 42.92
CA TYR A 26 3.27 7.98 41.82
C TYR A 26 1.89 8.57 41.57
N LYS A 27 1.12 8.71 42.65
CA LYS A 27 -0.22 9.33 42.60
C LYS A 27 -0.19 10.69 41.93
N ARG A 28 0.82 11.49 42.28
CA ARG A 28 1.02 12.81 41.69
C ARG A 28 1.32 12.75 40.18
N PHE A 29 2.24 11.87 39.79
CA PHE A 29 2.74 11.82 38.40
C PHE A 29 1.99 10.87 37.46
N LYS A 30 1.23 9.93 38.02
CA LYS A 30 0.43 8.94 37.25
C LYS A 30 -0.34 9.55 36.07
N ASP A 31 -0.99 10.69 36.32
CA ASP A 31 -1.83 11.38 35.34
C ASP A 31 -1.28 12.74 34.87
N ASP A 32 -0.08 13.11 35.33
CA ASP A 32 0.54 14.40 35.00
C ASP A 32 0.80 14.48 33.49
N GLU A 33 0.37 15.57 32.87
CA GLU A 33 0.49 15.77 31.42
C GLU A 33 1.96 15.70 30.94
N GLU A 34 2.86 16.32 31.70
CA GLU A 34 4.29 16.37 31.37
C GLU A 34 4.99 15.02 31.54
N PHE A 35 4.70 14.30 32.63
CA PHE A 35 5.23 12.96 32.85
C PHE A 35 4.82 12.00 31.73
N ASN A 36 3.53 11.99 31.39
CA ASN A 36 3.03 11.11 30.32
C ASN A 36 3.52 11.52 28.93
N ARG A 37 3.77 12.81 28.72
CA ARG A 37 4.39 13.29 27.47
C ARG A 37 5.79 12.71 27.32
N GLN A 38 6.60 12.79 28.38
CA GLN A 38 7.98 12.32 28.36
C GLN A 38 8.07 10.79 28.29
N LEU A 39 7.21 10.10 29.06
CA LEU A 39 7.17 8.63 29.02
C LEU A 39 6.82 8.08 27.64
N ASN A 40 5.78 8.64 27.02
CA ASN A 40 5.36 8.22 25.68
C ASN A 40 6.37 8.61 24.61
N TYR A 41 7.01 9.77 24.79
CA TYR A 41 8.05 10.23 23.88
C TYR A 41 9.21 9.23 23.83
N TYR A 42 9.72 8.83 25.00
CA TYR A 42 10.75 7.81 25.08
C TYR A 42 10.26 6.42 24.64
N LEU A 43 9.01 6.08 24.95
CA LEU A 43 8.48 4.78 24.52
C LEU A 43 8.36 4.71 22.98
N LYS A 44 7.97 5.82 22.35
CA LYS A 44 7.90 5.88 20.89
C LYS A 44 9.28 5.93 20.20
N THR A 45 10.04 6.99 20.49
CA THR A 45 11.23 7.30 19.70
C THR A 45 12.45 6.50 20.11
N TRP A 46 12.50 6.06 21.36
CA TRP A 46 13.65 5.30 21.90
C TRP A 46 13.34 3.80 22.06
N ALA A 47 12.19 3.44 22.62
CA ALA A 47 11.84 2.03 22.82
C ALA A 47 11.23 1.37 21.57
N GLY A 48 10.60 2.17 20.72
CA GLY A 48 10.03 1.70 19.47
C GLY A 48 8.55 1.34 19.52
N ARG A 49 7.81 1.89 20.47
CA ARG A 49 6.37 1.63 20.56
C ARG A 49 5.66 2.46 19.46
N PRO A 50 4.54 1.97 18.90
CA PRO A 50 3.89 0.71 19.28
C PRO A 50 4.58 -0.50 18.68
N THR A 51 4.50 -1.63 19.37
CA THR A 51 4.91 -2.91 18.78
C THR A 51 3.77 -3.39 17.92
N PRO A 52 4.08 -4.16 16.86
CA PRO A 52 3.01 -4.72 16.03
C PRO A 52 2.31 -5.91 16.67
N LEU A 53 1.14 -6.23 16.13
CA LEU A 53 0.41 -7.44 16.43
C LEU A 53 0.48 -8.29 15.17
N TYR A 54 1.18 -9.42 15.25
CA TYR A 54 1.50 -10.25 14.09
C TYR A 54 0.60 -11.48 13.97
N TYR A 55 -0.09 -11.63 12.84
CA TYR A 55 -0.86 -12.82 12.54
C TYR A 55 0.06 -13.95 12.07
N ALA A 56 0.30 -14.94 12.93
CA ALA A 56 1.09 -16.12 12.58
C ALA A 56 0.27 -17.07 11.71
N LYS A 57 0.02 -16.65 10.47
CA LYS A 57 -0.84 -17.37 9.52
C LYS A 57 -0.34 -18.79 9.24
N ARG A 58 0.97 -18.97 9.18
CA ARG A 58 1.56 -20.26 8.83
C ARG A 58 1.42 -21.25 9.97
N LEU A 59 1.64 -20.79 11.20
CA LEU A 59 1.45 -21.62 12.40
C LEU A 59 -0.03 -21.91 12.62
N THR A 60 -0.85 -20.88 12.49
CA THR A 60 -2.31 -20.97 12.48
C THR A 60 -2.82 -22.06 11.52
N GLU A 61 -2.38 -21.99 10.27
CA GLU A 61 -2.80 -22.94 9.22
C GLU A 61 -2.24 -24.35 9.42
N LYS A 62 -1.06 -24.45 10.02
CA LYS A 62 -0.48 -25.75 10.39
C LYS A 62 -1.33 -26.46 11.45
N ILE A 63 -1.68 -25.71 12.50
CA ILE A 63 -2.54 -26.20 13.59
C ILE A 63 -3.97 -26.50 13.09
N GLY A 64 -4.44 -25.70 12.14
CA GLY A 64 -5.76 -25.89 11.55
C GLY A 64 -6.89 -25.66 12.54
N GLY A 65 -6.71 -24.69 13.43
CA GLY A 65 -7.70 -24.32 14.43
C GLY A 65 -7.82 -22.80 14.51
N ALA A 66 -7.75 -22.25 15.71
CA ALA A 66 -7.88 -20.80 15.90
C ALA A 66 -6.75 -19.98 15.28
N LYS A 67 -7.07 -18.71 15.05
CA LYS A 67 -6.11 -17.72 14.56
C LYS A 67 -5.18 -17.31 15.70
N VAL A 68 -3.88 -17.40 15.46
CA VAL A 68 -2.87 -17.07 16.47
C VAL A 68 -2.18 -15.76 16.09
N TYR A 69 -2.46 -14.71 16.87
CA TYR A 69 -1.76 -13.44 16.77
C TYR A 69 -0.69 -13.36 17.85
N LEU A 70 0.46 -12.78 17.51
CA LEU A 70 1.55 -12.56 18.45
C LEU A 70 1.72 -11.07 18.71
N LYS A 71 1.63 -10.66 19.98
CA LYS A 71 1.95 -9.29 20.37
C LYS A 71 3.46 -9.17 20.55
N ARG A 72 4.10 -8.36 19.67
CA ARG A 72 5.54 -8.43 19.42
C ARG A 72 6.39 -7.58 20.36
N GLU A 73 6.36 -7.90 21.65
CA GLU A 73 7.24 -7.24 22.63
C GLU A 73 8.71 -7.66 22.52
N ASP A 74 8.96 -8.75 21.78
CA ASP A 74 10.30 -9.11 21.33
C ASP A 74 11.01 -8.01 20.51
N LEU A 75 10.23 -7.16 19.82
CA LEU A 75 10.77 -6.05 19.03
C LEU A 75 11.00 -4.77 19.80
N VAL A 76 10.63 -4.75 21.09
CA VAL A 76 10.90 -3.58 21.93
C VAL A 76 12.39 -3.45 22.11
N HIS A 77 12.88 -2.21 22.12
CA HIS A 77 14.28 -1.93 22.39
C HIS A 77 14.74 -2.60 23.69
N GLY A 78 15.77 -3.42 23.60
CA GLY A 78 16.20 -4.27 24.70
C GLY A 78 15.88 -5.72 24.43
N GLY A 79 14.79 -5.95 23.70
CA GLY A 79 14.35 -7.28 23.30
C GLY A 79 13.34 -7.93 24.23
N ALA A 80 12.66 -7.12 25.06
CA ALA A 80 11.62 -7.63 25.95
C ALA A 80 10.69 -6.57 26.48
N HIS A 81 9.50 -7.00 26.90
CA HIS A 81 8.52 -6.12 27.56
C HIS A 81 9.09 -5.31 28.74
N LYS A 82 10.15 -5.85 29.38
CA LYS A 82 10.76 -5.21 30.56
C LYS A 82 11.13 -3.75 30.41
N THR A 83 11.43 -3.31 29.19
CA THR A 83 11.76 -1.92 28.90
C THR A 83 10.61 -0.95 29.20
N ASN A 84 9.37 -1.40 29.05
CA ASN A 84 8.20 -0.52 29.29
C ASN A 84 8.17 -0.01 30.75
N ASN A 85 8.32 -0.95 31.68
CA ASN A 85 8.34 -0.67 33.12
C ASN A 85 9.61 0.05 33.56
N ALA A 86 10.75 -0.36 33.01
CA ALA A 86 12.04 0.28 33.29
C ALA A 86 12.04 1.77 32.99
N ILE A 87 11.49 2.17 31.84
CA ILE A 87 11.48 3.61 31.47
C ILE A 87 10.53 4.38 32.39
N GLY A 88 9.32 3.85 32.57
CA GLY A 88 8.33 4.44 33.50
C GLY A 88 8.86 4.71 34.91
N GLN A 89 9.46 3.69 35.52
CA GLN A 89 10.00 3.82 36.87
C GLN A 89 11.25 4.68 36.95
N ALA A 90 12.14 4.57 35.96
CA ALA A 90 13.37 5.37 35.92
C ALA A 90 13.07 6.86 35.77
N LEU A 91 12.05 7.18 34.99
CA LEU A 91 11.62 8.56 34.78
C LEU A 91 10.90 9.10 36.02
N LEU A 92 10.05 8.27 36.61
CA LEU A 92 9.42 8.58 37.89
C LEU A 92 10.47 8.82 38.97
N ALA A 93 11.49 7.95 39.00
CA ALA A 93 12.61 8.07 39.94
C ALA A 93 13.37 9.39 39.74
N LYS A 94 13.57 9.78 38.48
CA LYS A 94 14.24 11.04 38.17
C LYS A 94 13.44 12.23 38.66
N LEU A 95 12.13 12.24 38.40
CA LEU A 95 11.27 13.33 38.87
C LEU A 95 11.14 13.41 40.40
N MET A 96 11.35 12.28 41.08
CA MET A 96 11.50 12.26 42.55
C MET A 96 12.89 12.74 43.02
N GLY A 97 13.75 13.15 42.09
CA GLY A 97 15.08 13.65 42.43
C GLY A 97 16.10 12.58 42.76
N LYS A 98 15.83 11.33 42.37
CA LYS A 98 16.77 10.25 42.61
C LYS A 98 17.91 10.32 41.58
N THR A 99 19.10 9.89 41.99
CA THR A 99 20.29 9.83 41.12
C THR A 99 20.75 8.42 40.79
N ARG A 100 20.30 7.42 41.56
CA ARG A 100 20.76 6.04 41.42
C ARG A 100 19.56 5.10 41.33
N LEU A 101 19.71 4.07 40.50
CA LEU A 101 18.72 3.03 40.30
C LEU A 101 19.32 1.71 40.71
N ILE A 102 18.59 0.93 41.51
CA ILE A 102 18.94 -0.48 41.71
C ILE A 102 17.83 -1.39 41.22
N ALA A 103 18.20 -2.61 40.85
CA ALA A 103 17.23 -3.60 40.43
C ALA A 103 17.77 -5.01 40.62
N GLU A 104 16.85 -5.94 40.84
CA GLU A 104 17.13 -7.36 40.77
C GLU A 104 17.10 -7.77 39.31
N THR A 105 17.79 -8.86 39.00
CA THR A 105 17.50 -9.57 37.77
C THR A 105 17.87 -11.05 37.90
N GLY A 106 17.07 -11.90 37.25
CA GLY A 106 17.36 -13.33 37.13
C GLY A 106 17.85 -13.65 35.73
N ALA A 107 16.97 -13.45 34.75
CA ALA A 107 17.31 -13.68 33.34
C ALA A 107 18.32 -12.69 32.78
N GLY A 108 18.36 -11.48 33.33
CA GLY A 108 19.22 -10.42 32.82
C GLY A 108 18.46 -9.35 32.07
N GLN A 109 17.29 -9.67 31.52
CA GLN A 109 16.51 -8.71 30.73
C GLN A 109 16.09 -7.47 31.51
N HIS A 110 15.63 -7.66 32.74
CA HIS A 110 15.26 -6.52 33.56
C HIS A 110 16.48 -5.67 33.93
N GLY A 111 17.58 -6.34 34.24
CA GLY A 111 18.85 -5.65 34.52
C GLY A 111 19.34 -4.83 33.34
N VAL A 112 19.27 -5.42 32.15
CA VAL A 112 19.63 -4.74 30.92
C VAL A 112 18.70 -3.55 30.70
N ALA A 113 17.40 -3.81 30.80
CA ALA A 113 16.39 -2.76 30.63
C ALA A 113 16.59 -1.61 31.61
N THR A 114 16.92 -1.93 32.87
CA THR A 114 17.23 -0.92 33.88
C THR A 114 18.53 -0.18 33.54
N ALA A 115 19.58 -0.92 33.18
CA ALA A 115 20.83 -0.30 32.75
C ALA A 115 20.60 0.63 31.56
N MET A 116 19.74 0.22 30.63
CA MET A 116 19.41 1.04 29.46
C MET A 116 18.70 2.33 29.84
N ALA A 117 17.64 2.21 30.64
CA ALA A 117 16.88 3.38 31.10
C ALA A 117 17.76 4.33 31.91
N GLY A 118 18.63 3.75 32.75
CA GLY A 118 19.58 4.51 33.53
C GLY A 118 20.59 5.28 32.70
N ALA A 119 21.12 4.63 31.67
CA ALA A 119 22.01 5.32 30.71
C ALA A 119 21.27 6.46 30.01
N LEU A 120 20.08 6.16 29.50
CA LEU A 120 19.21 7.15 28.85
C LEU A 120 19.02 8.41 29.68
N LEU A 121 18.68 8.23 30.96
CA LEU A 121 18.35 9.35 31.86
C LEU A 121 19.50 9.81 32.75
N GLY A 122 20.72 9.33 32.50
CA GLY A 122 21.92 9.78 33.20
C GLY A 122 21.90 9.49 34.70
N MET A 123 21.57 8.26 35.06
CA MET A 123 21.51 7.82 36.47
C MET A 123 22.48 6.67 36.68
N LYS A 124 23.00 6.53 37.89
CA LYS A 124 23.88 5.40 38.24
C LYS A 124 23.04 4.13 38.35
N VAL A 125 23.61 2.99 37.95
CA VAL A 125 22.87 1.73 37.96
C VAL A 125 23.70 0.62 38.58
N ASP A 126 23.17 0.04 39.66
CA ASP A 126 23.72 -1.16 40.27
C ASP A 126 22.67 -2.27 40.17
N ILE A 127 23.05 -3.39 39.56
CA ILE A 127 22.13 -4.49 39.35
C ILE A 127 22.54 -5.62 40.27
N TYR A 128 21.56 -6.13 41.01
CA TYR A 128 21.76 -7.28 41.86
C TYR A 128 21.36 -8.52 41.08
N MET A 129 22.23 -9.53 41.11
CA MET A 129 22.05 -10.73 40.32
C MET A 129 22.69 -11.92 41.04
N GLY A 130 21.92 -12.99 41.21
CA GLY A 130 22.41 -14.19 41.89
C GLY A 130 23.57 -14.79 41.12
N ALA A 131 24.61 -15.18 41.86
CA ALA A 131 25.84 -15.70 41.25
C ALA A 131 25.61 -16.87 40.29
N GLU A 132 24.63 -17.73 40.60
CA GLU A 132 24.21 -18.81 39.70
C GLU A 132 23.69 -18.25 38.37
N ASP A 133 22.90 -17.20 38.44
CA ASP A 133 22.36 -16.51 37.25
C ASP A 133 23.41 -15.68 36.47
N VAL A 134 24.45 -15.20 37.16
CA VAL A 134 25.53 -14.44 36.51
C VAL A 134 26.27 -15.32 35.50
N GLU A 135 26.71 -16.50 35.96
CA GLU A 135 27.35 -17.50 35.10
C GLU A 135 26.41 -17.99 33.99
N ARG A 136 25.13 -18.14 34.33
CA ARG A 136 24.12 -18.66 33.40
C ARG A 136 23.73 -17.70 32.28
N GLN A 137 23.86 -16.39 32.49
CA GLN A 137 23.46 -15.37 31.52
C GLN A 137 24.62 -14.35 31.35
N LYS A 138 25.80 -14.88 31.02
CA LYS A 138 27.04 -14.09 30.93
C LYS A 138 26.95 -12.90 29.97
N MET A 139 26.26 -13.10 28.85
CA MET A 139 26.12 -12.05 27.84
C MET A 139 25.30 -10.87 28.32
N ASN A 140 24.18 -11.14 29.02
CA ASN A 140 23.37 -10.06 29.59
C ASN A 140 24.13 -9.25 30.64
N VAL A 141 25.06 -9.90 31.35
CA VAL A 141 25.96 -9.20 32.28
C VAL A 141 26.90 -8.25 31.52
N PHE A 142 27.44 -8.69 30.37
CA PHE A 142 28.31 -7.83 29.57
CA PHE A 142 28.31 -7.84 29.54
C PHE A 142 27.52 -6.65 28.99
N ARG A 143 26.30 -6.90 28.50
CA ARG A 143 25.43 -5.83 28.02
CA ARG A 143 25.43 -5.83 28.03
C ARG A 143 25.23 -4.79 29.12
N MET A 144 24.93 -5.25 30.35
CA MET A 144 24.79 -4.35 31.50
C MET A 144 26.07 -3.57 31.78
N LYS A 145 27.22 -4.25 31.75
CA LYS A 145 28.52 -3.58 31.89
C LYS A 145 28.75 -2.52 30.80
N LEU A 146 28.50 -2.87 29.53
CA LEU A 146 28.67 -1.92 28.40
C LEU A 146 27.75 -0.69 28.52
N LEU A 147 26.56 -0.90 29.06
CA LEU A 147 25.61 0.19 29.33
C LEU A 147 25.98 1.10 30.52
N GLY A 148 27.10 0.82 31.19
CA GLY A 148 27.58 1.63 32.30
C GLY A 148 27.07 1.23 33.68
N ALA A 149 26.43 0.07 33.79
CA ALA A 149 25.89 -0.43 35.07
C ALA A 149 26.88 -1.40 35.74
N ASN A 150 26.92 -1.40 37.08
CA ASN A 150 27.72 -2.40 37.81
C ASN A 150 26.81 -3.58 38.11
N VAL A 151 27.36 -4.78 37.97
CA VAL A 151 26.61 -6.00 38.28
C VAL A 151 27.22 -6.58 39.57
N ILE A 152 26.40 -6.63 40.61
CA ILE A 152 26.82 -7.08 41.93
C ILE A 152 26.38 -8.54 42.08
N PRO A 153 27.33 -9.50 41.96
CA PRO A 153 26.94 -10.89 42.14
C PRO A 153 26.50 -11.13 43.60
N VAL A 154 25.38 -11.83 43.78
CA VAL A 154 24.86 -12.12 45.11
C VAL A 154 25.29 -13.51 45.53
N ASN A 155 26.07 -13.58 46.61
CA ASN A 155 26.58 -14.84 47.15
C ASN A 155 25.82 -15.30 48.41
N SER A 156 24.82 -14.51 48.85
CA SER A 156 24.05 -14.77 50.06
C SER A 156 22.87 -15.69 49.79
N GLY A 157 22.72 -16.73 50.64
CA GLY A 157 21.62 -17.69 50.52
C GLY A 157 21.73 -18.61 49.32
N SER A 158 20.63 -18.79 48.61
CA SER A 158 20.56 -19.67 47.44
C SER A 158 21.31 -19.19 46.17
N ARG A 159 21.74 -17.92 46.14
CA ARG A 159 22.45 -17.32 44.98
C ARG A 159 21.59 -17.29 43.68
N THR A 160 20.36 -16.81 43.85
CA THR A 160 19.32 -16.84 42.82
C THR A 160 18.54 -15.52 42.86
N LEU A 161 17.46 -15.45 42.07
CA LEU A 161 16.60 -14.26 42.00
C LEU A 161 16.06 -13.82 43.37
N LYS A 162 15.47 -14.77 44.11
CA LYS A 162 14.98 -14.52 45.48
C LYS A 162 16.02 -13.78 46.34
N ASP A 163 17.28 -14.22 46.25
CA ASP A 163 18.39 -13.65 47.04
C ASP A 163 18.83 -12.29 46.53
N ALA A 164 18.81 -12.10 45.21
CA ALA A 164 19.09 -10.81 44.60
C ALA A 164 18.09 -9.74 45.05
N ILE A 165 16.83 -10.14 45.15
CA ILE A 165 15.77 -9.27 45.70
C ILE A 165 16.10 -8.92 47.16
N ASN A 166 16.52 -9.91 47.94
CA ASN A 166 16.86 -9.68 49.36
C ASN A 166 18.06 -8.74 49.51
N GLU A 167 19.06 -8.91 48.64
CA GLU A 167 20.19 -7.97 48.58
C GLU A 167 19.76 -6.57 48.14
N ALA A 168 18.84 -6.51 47.18
CA ALA A 168 18.32 -5.22 46.68
C ALA A 168 17.53 -4.45 47.75
N LEU A 169 16.72 -5.14 48.54
CA LEU A 169 15.96 -4.50 49.62
C LEU A 169 16.87 -3.92 50.70
N ARG A 170 17.86 -4.70 51.13
CA ARG A 170 18.83 -4.26 52.14
C ARG A 170 19.59 -2.99 51.72
N ASP A 171 19.93 -2.91 50.43
CA ASP A 171 20.53 -1.70 49.84
C ASP A 171 19.56 -0.53 49.92
N TRP A 172 18.32 -0.76 49.45
CA TRP A 172 17.31 0.30 49.39
C TRP A 172 16.95 0.88 50.77
N VAL A 173 16.95 0.04 51.82
CA VAL A 173 16.72 0.50 53.21
C VAL A 173 17.66 1.66 53.54
N ALA A 174 18.95 1.45 53.25
CA ALA A 174 20.01 2.41 53.51
C ALA A 174 19.98 3.60 52.57
N THR A 175 19.74 3.33 51.29
CA THR A 175 19.99 4.29 50.24
C THR A 175 18.76 4.99 49.66
N PHE A 176 17.57 4.72 50.20
CA PHE A 176 16.30 5.20 49.59
C PHE A 176 16.25 6.71 49.30
N GLU A 177 16.95 7.51 50.11
CA GLU A 177 16.98 8.98 49.95
C GLU A 177 17.31 9.41 48.51
N TYR A 178 18.35 8.79 47.94
CA TYR A 178 18.83 9.07 46.56
C TYR A 178 18.68 7.90 45.57
N THR A 179 18.29 6.72 46.06
CA THR A 179 18.16 5.52 45.22
C THR A 179 16.69 5.12 45.08
N HIS A 180 16.34 4.66 43.87
CA HIS A 180 15.05 4.03 43.61
C HIS A 180 15.26 2.55 43.33
N TYR A 181 14.52 1.69 44.04
CA TYR A 181 14.55 0.25 43.78
C TYR A 181 13.57 -0.05 42.67
N LEU A 182 14.12 -0.35 41.49
CA LEU A 182 13.35 -0.56 40.28
C LEU A 182 12.98 -2.04 40.13
N ILE A 183 11.84 -2.42 40.71
CA ILE A 183 11.37 -3.82 40.67
C ILE A 183 10.78 -4.14 39.28
N GLY A 184 11.12 -5.32 38.76
CA GLY A 184 10.88 -5.65 37.33
C GLY A 184 9.65 -6.47 37.05
N SER A 185 8.89 -6.80 38.09
CA SER A 185 7.64 -7.53 37.94
C SER A 185 6.57 -7.02 38.92
N VAL A 186 5.35 -7.54 38.78
CA VAL A 186 4.21 -7.06 39.57
C VAL A 186 4.18 -7.66 40.99
N VAL A 187 5.33 -7.60 41.66
CA VAL A 187 5.54 -8.27 42.92
C VAL A 187 6.07 -7.25 43.92
N GLY A 188 6.23 -7.71 45.15
CA GLY A 188 6.79 -6.88 46.20
C GLY A 188 5.65 -6.17 46.91
N PRO A 189 5.98 -5.29 47.87
CA PRO A 189 4.96 -4.52 48.56
C PRO A 189 4.32 -3.46 47.67
N HIS A 190 3.11 -3.03 48.04
CA HIS A 190 2.46 -1.86 47.43
C HIS A 190 3.38 -0.63 47.59
N PRO A 191 3.52 0.22 46.56
CA PRO A 191 2.70 0.24 45.34
C PRO A 191 3.28 -0.48 44.11
N TYR A 192 4.22 -1.40 44.29
CA TYR A 192 4.93 -1.98 43.15
C TYR A 192 4.06 -2.83 42.20
N PRO A 193 3.23 -3.75 42.72
CA PRO A 193 2.34 -4.54 41.85
C PRO A 193 1.40 -3.71 40.97
N THR A 194 0.97 -2.56 41.49
CA THR A 194 0.09 -1.66 40.75
C THR A 194 0.87 -0.88 39.69
N ILE A 195 1.99 -0.28 40.12
CA ILE A 195 2.83 0.56 39.25
C ILE A 195 3.32 -0.22 38.03
N VAL A 196 3.86 -1.42 38.27
CA VAL A 196 4.42 -2.24 37.20
C VAL A 196 3.32 -2.65 36.21
N ARG A 197 2.15 -3.02 36.73
CA ARG A 197 1.02 -3.34 35.85
C ARG A 197 0.57 -2.12 35.04
N ASP A 198 0.53 -0.95 35.69
CA ASP A 198 0.20 0.29 34.99
C ASP A 198 1.18 0.62 33.87
N PHE A 199 2.48 0.43 34.09
CA PHE A 199 3.48 0.72 33.06
C PHE A 199 3.56 -0.34 31.97
N GLN A 200 3.02 -1.54 32.22
CA GLN A 200 2.92 -2.59 31.21
C GLN A 200 1.60 -2.62 30.45
N SER A 201 0.61 -1.87 30.94
CA SER A 201 -0.76 -1.86 30.36
C SER A 201 -0.85 -1.34 28.92
N VAL A 202 0.14 -0.54 28.51
CA VAL A 202 0.28 -0.09 27.12
C VAL A 202 0.28 -1.26 26.12
N ILE A 203 0.78 -2.42 26.55
CA ILE A 203 0.76 -3.62 25.72
C ILE A 203 -0.67 -3.98 25.32
N GLY A 204 -1.57 -4.04 26.30
CA GLY A 204 -2.95 -4.43 26.06
C GLY A 204 -3.78 -3.39 25.35
N ARG A 205 -3.54 -2.11 25.64
CA ARG A 205 -4.24 -1.02 24.95
C ARG A 205 -3.87 -0.98 23.46
N GLU A 206 -2.59 -1.22 23.14
CA GLU A 206 -2.16 -1.37 21.75
C GLU A 206 -2.78 -2.61 21.13
N ALA A 207 -2.63 -3.76 21.81
CA ALA A 207 -3.14 -5.03 21.30
C ALA A 207 -4.65 -5.02 21.05
N LYS A 208 -5.40 -4.33 21.90
CA LYS A 208 -6.85 -4.16 21.70
C LYS A 208 -7.15 -3.32 20.46
N ALA A 209 -6.49 -2.17 20.33
CA ALA A 209 -6.72 -1.29 19.17
C ALA A 209 -6.26 -1.97 17.87
N GLN A 210 -5.20 -2.75 17.96
CA GLN A 210 -4.67 -3.49 16.81
C GLN A 210 -5.55 -4.65 16.40
N ILE A 211 -6.04 -5.42 17.36
CA ILE A 211 -6.93 -6.55 17.04
C ILE A 211 -8.30 -6.08 16.51
N LEU A 212 -8.79 -4.94 17.01
CA LEU A 212 -10.01 -4.31 16.44
C LEU A 212 -9.79 -3.80 15.00
N GLU A 213 -8.58 -3.36 14.66
CA GLU A 213 -8.22 -3.04 13.28
C GLU A 213 -8.14 -4.30 12.40
N ALA A 214 -7.41 -5.29 12.89
CA ALA A 214 -7.17 -6.51 12.14
C ALA A 214 -8.42 -7.39 11.96
N GLU A 215 -9.26 -7.47 12.99
CA GLU A 215 -10.40 -8.39 12.97
C GLU A 215 -11.79 -7.79 13.25
N GLY A 216 -11.87 -6.51 13.59
CA GLY A 216 -13.16 -5.86 13.89
C GLY A 216 -13.85 -6.33 15.16
N GLN A 217 -13.11 -6.99 16.05
CA GLN A 217 -13.67 -7.58 17.26
C GLN A 217 -12.57 -7.86 18.29
N LEU A 218 -12.98 -8.14 19.52
CA LEU A 218 -12.05 -8.52 20.59
C LEU A 218 -11.64 -9.98 20.43
N PRO A 219 -10.47 -10.37 20.97
CA PRO A 219 -10.05 -11.77 20.86
C PRO A 219 -10.88 -12.67 21.75
N ASP A 220 -10.84 -13.96 21.46
CA ASP A 220 -11.51 -14.95 22.29
C ASP A 220 -10.66 -15.31 23.51
N VAL A 221 -9.35 -15.45 23.29
CA VAL A 221 -8.41 -15.77 24.38
C VAL A 221 -7.13 -14.92 24.28
N ILE A 222 -6.59 -14.56 25.45
CA ILE A 222 -5.25 -13.95 25.53
C ILE A 222 -4.37 -14.85 26.40
N VAL A 223 -3.21 -15.24 25.86
CA VAL A 223 -2.27 -16.15 26.52
C VAL A 223 -0.95 -15.42 26.77
N ALA A 224 -0.46 -15.48 28.01
CA ALA A 224 0.82 -14.89 28.35
C ALA A 224 1.50 -15.76 29.42
N CYS A 225 2.83 -15.78 29.40
CA CYS A 225 3.60 -16.52 30.39
C CYS A 225 3.60 -15.75 31.70
N VAL A 226 3.75 -16.46 32.81
CA VAL A 226 3.69 -15.85 34.13
C VAL A 226 4.86 -16.31 34.99
N GLY A 227 5.79 -15.39 35.22
CA GLY A 227 6.82 -15.55 36.22
C GLY A 227 6.26 -14.85 37.44
N GLY A 228 6.66 -13.59 37.60
CA GLY A 228 6.07 -12.72 38.60
C GLY A 228 4.73 -12.17 38.13
N GLY A 229 4.58 -11.99 36.81
CA GLY A 229 3.29 -11.65 36.18
C GLY A 229 3.13 -10.31 35.45
N SER A 230 4.22 -9.62 35.12
CA SER A 230 4.12 -8.27 34.53
C SER A 230 3.73 -8.22 33.04
N ASN A 231 4.32 -9.09 32.22
CA ASN A 231 3.93 -9.13 30.79
C ASN A 231 2.47 -9.59 30.68
N ALA A 232 2.07 -10.50 31.55
CA ALA A 232 0.69 -11.00 31.52
C ALA A 232 -0.31 -9.93 31.96
N MET A 233 -0.03 -9.23 33.05
CA MET A 233 -0.92 -8.14 33.53
C MET A 233 -0.99 -7.00 32.52
N GLY A 234 0.14 -6.71 31.88
CA GLY A 234 0.20 -5.64 30.89
C GLY A 234 -0.79 -5.85 29.76
N ILE A 235 -0.78 -7.07 29.22
CA ILE A 235 -1.71 -7.44 28.15
C ILE A 235 -3.11 -7.76 28.68
N PHE A 236 -3.25 -8.33 29.89
CA PHE A 236 -4.57 -8.67 30.47
C PHE A 236 -5.40 -7.44 30.85
N TYR A 237 -4.79 -6.50 31.56
CA TYR A 237 -5.53 -5.52 32.34
C TYR A 237 -6.54 -4.69 31.53
N PRO A 238 -6.16 -4.22 30.32
CA PRO A 238 -7.15 -3.51 29.50
C PRO A 238 -8.37 -4.34 29.06
N PHE A 239 -8.27 -5.68 29.09
CA PHE A 239 -9.38 -6.59 28.78
C PHE A 239 -10.19 -7.10 29.99
N VAL A 240 -9.81 -6.72 31.22
CA VAL A 240 -10.46 -7.24 32.44
C VAL A 240 -11.97 -7.04 32.43
N ASN A 241 -12.43 -5.85 32.06
CA ASN A 241 -13.87 -5.52 32.02
C ASN A 241 -14.59 -5.93 30.73
N ASP A 242 -13.86 -6.51 29.77
CA ASP A 242 -14.46 -7.19 28.63
C ASP A 242 -14.63 -8.66 29.00
N LYS A 243 -15.83 -9.00 29.47
CA LYS A 243 -16.10 -10.30 30.11
C LYS A 243 -15.89 -11.52 29.20
N LYS A 244 -16.18 -11.35 27.91
CA LYS A 244 -16.04 -12.43 26.92
C LYS A 244 -14.60 -12.86 26.61
N VAL A 245 -13.60 -12.08 27.02
CA VAL A 245 -12.18 -12.38 26.73
C VAL A 245 -11.59 -13.24 27.85
N LYS A 246 -11.28 -14.50 27.53
CA LYS A 246 -10.63 -15.40 28.50
C LYS A 246 -9.16 -15.02 28.64
N LEU A 247 -8.67 -15.10 29.87
CA LEU A 247 -7.28 -14.76 30.18
C LEU A 247 -6.57 -15.99 30.68
N VAL A 248 -5.42 -16.32 30.09
CA VAL A 248 -4.63 -17.48 30.48
C VAL A 248 -3.19 -17.07 30.77
N GLY A 249 -2.75 -17.36 31.98
CA GLY A 249 -1.38 -17.22 32.41
C GLY A 249 -0.73 -18.59 32.40
N VAL A 250 0.47 -18.67 31.83
CA VAL A 250 1.18 -19.94 31.65
C VAL A 250 2.44 -19.91 32.49
N GLU A 251 2.47 -20.76 33.53
CA GLU A 251 3.58 -20.83 34.46
C GLU A 251 4.58 -21.88 34.01
N ALA A 252 5.77 -21.82 34.59
CA ALA A 252 6.83 -22.79 34.31
C ALA A 252 6.56 -24.11 35.01
N GLY A 253 6.10 -25.08 34.22
CA GLY A 253 5.89 -26.46 34.70
C GLY A 253 7.18 -27.22 34.96
N GLY A 254 8.31 -26.74 34.42
CA GLY A 254 9.63 -27.27 34.74
C GLY A 254 9.85 -28.68 34.22
N LYS A 255 10.41 -29.55 35.07
CA LYS A 255 10.54 -30.98 34.78
C LYS A 255 9.21 -31.70 34.93
N GLY A 256 8.30 -31.07 35.67
CA GLY A 256 6.94 -31.58 35.88
C GLY A 256 6.41 -31.00 37.17
N LEU A 257 5.09 -30.83 37.25
CA LEU A 257 4.45 -30.32 38.47
C LEU A 257 4.63 -31.28 39.66
N GLU A 258 4.68 -32.58 39.37
CA GLU A 258 4.92 -33.62 40.37
C GLU A 258 6.40 -34.04 40.49
N SER A 259 7.30 -33.33 39.81
CA SER A 259 8.74 -33.59 39.88
C SER A 259 9.43 -32.87 41.05
N GLY A 260 8.76 -31.86 41.62
CA GLY A 260 9.37 -30.98 42.63
C GLY A 260 10.43 -30.04 42.09
N LYS A 261 10.39 -29.74 40.79
CA LYS A 261 11.38 -28.88 40.11
C LYS A 261 10.68 -28.09 39.00
N HIS A 262 10.09 -26.96 39.40
CA HIS A 262 9.23 -26.13 38.55
C HIS A 262 9.10 -24.73 39.18
N SER A 263 8.28 -23.87 38.59
CA SER A 263 8.01 -22.53 39.17
C SER A 263 6.56 -22.07 39.10
N ALA A 264 5.63 -23.01 38.95
CA ALA A 264 4.21 -22.72 38.97
C ALA A 264 3.70 -22.52 40.40
N SER A 265 3.67 -21.25 40.83
CA SER A 265 3.28 -20.87 42.18
C SER A 265 1.76 -20.94 42.36
N LEU A 266 1.02 -20.37 41.41
CA LEU A 266 -0.43 -20.41 41.42
C LEU A 266 -0.96 -21.84 41.32
N ASN A 267 -0.26 -22.68 40.57
CA ASN A 267 -0.72 -24.04 40.28
C ASN A 267 -0.43 -25.00 41.45
N ALA A 268 0.83 -25.03 41.89
CA ALA A 268 1.28 -25.99 42.91
C ALA A 268 1.97 -25.33 44.11
N GLY A 269 1.79 -24.01 44.26
CA GLY A 269 2.33 -23.28 45.41
C GLY A 269 1.26 -23.05 46.45
N GLN A 270 1.69 -22.62 47.63
CA GLN A 270 0.81 -22.37 48.77
C GLN A 270 0.77 -20.89 49.10
N VAL A 271 -0.27 -20.47 49.81
CA VAL A 271 -0.42 -19.06 50.21
C VAL A 271 0.67 -18.77 51.24
N GLY A 272 1.23 -17.58 51.19
CA GLY A 272 2.36 -17.22 52.05
C GLY A 272 2.69 -15.74 52.00
N VAL A 273 3.68 -15.34 52.79
CA VAL A 273 4.10 -13.94 52.88
C VAL A 273 5.62 -13.89 52.69
N SER A 274 6.04 -13.20 51.65
CA SER A 274 7.46 -12.92 51.44
C SER A 274 7.65 -11.76 50.49
N HIS A 275 8.82 -11.12 50.58
CA HIS A 275 9.16 -9.95 49.78
C HIS A 275 8.09 -8.85 49.81
N GLY A 276 7.46 -8.66 50.97
CA GLY A 276 6.50 -7.58 51.16
C GLY A 276 5.08 -7.84 50.72
N MET A 277 4.71 -9.09 50.45
CA MET A 277 3.42 -9.36 49.82
C MET A 277 2.83 -10.70 50.22
N LEU A 278 1.49 -10.74 50.25
CA LEU A 278 0.77 -11.97 50.54
C LEU A 278 0.32 -12.49 49.19
N SER A 279 0.81 -13.67 48.84
CA SER A 279 0.53 -14.27 47.55
C SER A 279 0.84 -15.76 47.56
N TYR A 280 0.84 -16.37 46.37
CA TYR A 280 1.23 -17.76 46.23
C TYR A 280 2.74 -17.88 46.09
N PHE A 281 3.33 -18.78 46.88
CA PHE A 281 4.76 -19.11 46.83
C PHE A 281 4.93 -20.62 46.82
N LEU A 282 6.13 -21.06 46.42
CA LEU A 282 6.53 -22.45 46.59
C LEU A 282 7.27 -22.52 47.93
N GLN A 283 6.77 -23.35 48.85
CA GLN A 283 7.27 -23.35 50.24
C GLN A 283 7.84 -24.68 50.70
N ASP A 284 8.77 -24.59 51.65
CA ASP A 284 9.25 -25.77 52.41
C ASP A 284 8.28 -26.07 53.56
N GLU A 285 8.51 -27.17 54.27
CA GLU A 285 7.65 -27.58 55.40
C GLU A 285 7.66 -26.57 56.56
N GLU A 286 8.77 -25.88 56.76
CA GLU A 286 8.86 -24.80 57.77
C GLU A 286 8.05 -23.54 57.40
N GLY A 287 7.80 -23.34 56.11
CA GLY A 287 7.03 -22.19 55.61
C GLY A 287 7.86 -21.16 54.86
N GLN A 288 9.20 -21.29 54.92
CA GLN A 288 10.11 -20.43 54.14
C GLN A 288 10.03 -20.76 52.65
N ILE A 289 10.63 -19.91 51.82
CA ILE A 289 10.50 -20.02 50.36
C ILE A 289 11.36 -21.18 49.84
N LYS A 290 10.84 -21.87 48.82
CA LYS A 290 11.52 -23.00 48.18
C LYS A 290 12.20 -22.51 46.90
N PRO A 291 13.38 -23.09 46.55
CA PRO A 291 14.00 -22.68 45.28
C PRO A 291 13.22 -23.22 44.08
N SER A 292 13.11 -22.40 43.02
CA SER A 292 12.36 -22.78 41.82
C SER A 292 13.29 -23.16 40.68
N HIS A 293 12.77 -23.93 39.73
CA HIS A 293 13.51 -24.33 38.53
C HIS A 293 12.68 -24.10 37.27
N SER A 294 13.30 -23.53 36.25
CA SER A 294 12.75 -23.53 34.90
C SER A 294 13.89 -23.43 33.90
N ILE A 295 13.73 -24.08 32.75
CA ILE A 295 14.67 -23.94 31.64
C ILE A 295 14.73 -22.48 31.17
N ALA A 296 13.59 -21.79 31.22
CA ALA A 296 13.54 -20.35 30.99
C ALA A 296 14.02 -19.66 32.25
N PRO A 297 15.22 -19.03 32.21
CA PRO A 297 15.69 -18.38 33.44
C PRO A 297 14.87 -17.17 33.87
N GLY A 298 13.99 -16.65 33.03
CA GLY A 298 13.07 -15.57 33.44
C GLY A 298 11.90 -15.97 34.32
N LEU A 299 11.51 -17.25 34.28
CA LEU A 299 10.45 -17.78 35.14
C LEU A 299 11.10 -18.49 36.33
N ASP A 300 11.98 -17.77 37.03
CA ASP A 300 12.76 -18.33 38.16
C ASP A 300 12.34 -17.77 39.52
N TYR A 301 11.30 -16.94 39.57
CA TYR A 301 10.82 -16.35 40.82
C TYR A 301 9.89 -17.35 41.51
N PRO A 302 10.19 -17.72 42.77
CA PRO A 302 9.35 -18.72 43.47
C PRO A 302 7.91 -18.29 43.74
N GLY A 303 7.66 -16.99 43.82
CA GLY A 303 6.31 -16.46 43.95
C GLY A 303 5.68 -15.97 42.66
N VAL A 304 4.59 -15.22 42.84
CA VAL A 304 3.81 -14.63 41.75
C VAL A 304 3.06 -13.41 42.29
N GLY A 305 2.87 -12.40 41.44
CA GLY A 305 2.20 -11.15 41.83
C GLY A 305 0.81 -11.37 42.42
N PRO A 306 0.40 -10.47 43.35
CA PRO A 306 -0.88 -10.66 44.03
C PRO A 306 -2.12 -10.41 43.17
N GLU A 307 -2.03 -9.57 42.14
CA GLU A 307 -3.20 -9.37 41.28
C GLU A 307 -3.50 -10.64 40.49
N HIS A 308 -2.48 -11.45 40.22
CA HIS A 308 -2.70 -12.76 39.61
C HIS A 308 -3.35 -13.75 40.57
N ALA A 309 -2.91 -13.73 41.82
CA ALA A 309 -3.59 -14.47 42.90
C ALA A 309 -5.06 -14.04 43.00
N TYR A 310 -5.33 -12.73 42.94
CA TYR A 310 -6.70 -12.21 42.96
C TYR A 310 -7.53 -12.61 41.76
N LEU A 311 -6.99 -12.36 40.55
CA LEU A 311 -7.68 -12.74 39.31
C LEU A 311 -8.03 -14.22 39.30
N LYS A 312 -7.14 -15.06 39.83
CA LYS A 312 -7.36 -16.50 39.94
C LYS A 312 -8.56 -16.82 40.84
N LYS A 313 -8.61 -16.17 42.01
CA LYS A 313 -9.64 -16.44 43.00
C LYS A 313 -11.04 -16.11 42.50
N ILE A 314 -11.20 -14.91 41.94
CA ILE A 314 -12.47 -14.51 41.29
C ILE A 314 -12.71 -15.20 39.92
N GLN A 315 -11.73 -15.97 39.46
CA GLN A 315 -11.82 -16.81 38.26
C GLN A 315 -11.94 -15.99 36.96
N ARG A 316 -11.34 -14.81 36.95
CA ARG A 316 -11.27 -13.98 35.76
C ARG A 316 -10.24 -14.57 34.79
N ALA A 317 -9.12 -15.03 35.34
CA ALA A 317 -8.06 -15.69 34.56
C ALA A 317 -7.92 -17.14 34.98
N GLU A 318 -7.60 -18.01 34.01
CA GLU A 318 -7.22 -19.40 34.25
C GLU A 318 -5.70 -19.47 34.22
N TYR A 319 -5.11 -20.33 35.05
CA TYR A 319 -3.67 -20.53 35.07
C TYR A 319 -3.33 -21.99 34.83
N VAL A 320 -2.33 -22.19 33.98
CA VAL A 320 -1.93 -23.49 33.49
C VAL A 320 -0.41 -23.55 33.52
N ALA A 321 0.13 -24.70 33.15
CA ALA A 321 1.57 -24.89 33.08
C ALA A 321 1.98 -25.54 31.78
N VAL A 322 3.24 -25.32 31.42
CA VAL A 322 3.89 -25.90 30.26
C VAL A 322 5.25 -26.38 30.79
N THR A 323 5.64 -27.61 30.43
CA THR A 323 6.94 -28.15 30.87
C THR A 323 8.09 -27.56 30.05
N ASP A 324 9.30 -27.78 30.53
CA ASP A 324 10.53 -27.43 29.80
C ASP A 324 10.51 -27.93 28.36
N GLU A 325 10.18 -29.22 28.20
CA GLU A 325 10.16 -29.86 26.88
C GLU A 325 9.19 -29.18 25.92
N GLU A 326 7.99 -28.89 26.41
CA GLU A 326 6.97 -28.20 25.60
C GLU A 326 7.35 -26.76 25.20
N ALA A 327 8.09 -26.08 26.07
CA ALA A 327 8.59 -24.73 25.79
C ALA A 327 9.68 -24.78 24.71
N LEU A 328 10.59 -25.76 24.84
CA LEU A 328 11.60 -26.03 23.83
C LEU A 328 11.02 -26.33 22.46
N LYS A 329 10.01 -27.20 22.38
CA LYS A 329 9.37 -27.53 21.09
C LYS A 329 8.73 -26.28 20.47
N ALA A 330 8.13 -25.43 21.30
CA ALA A 330 7.56 -24.15 20.85
C ALA A 330 8.62 -23.14 20.39
N PHE A 331 9.77 -23.12 21.07
CA PHE A 331 10.91 -22.27 20.68
C PHE A 331 11.34 -22.59 19.25
N HIS A 332 11.58 -23.87 18.98
CA HIS A 332 11.97 -24.34 17.64
C HIS A 332 10.85 -24.17 16.62
N GLU A 333 9.60 -24.43 17.04
CA GLU A 333 8.45 -24.37 16.13
C GLU A 333 8.21 -22.97 15.57
N LEU A 334 8.29 -21.95 16.44
CA LEU A 334 8.03 -20.58 16.03
C LEU A 334 9.14 -20.04 15.15
N SER A 335 10.39 -20.33 15.53
CA SER A 335 11.58 -20.00 14.76
C SER A 335 11.51 -20.52 13.31
N ARG A 336 11.11 -21.77 13.15
CA ARG A 336 11.09 -22.44 11.83
C ARG A 336 9.87 -22.07 11.00
N THR A 337 8.72 -21.95 11.67
CA THR A 337 7.44 -21.73 10.99
C THR A 337 7.16 -20.26 10.73
N GLU A 338 7.64 -19.37 11.59
CA GLU A 338 7.39 -17.92 11.43
C GLU A 338 8.63 -17.01 11.33
N GLY A 339 9.83 -17.57 11.54
CA GLY A 339 11.05 -16.76 11.54
C GLY A 339 11.18 -15.80 12.71
N ILE A 340 10.61 -16.18 13.85
CA ILE A 340 10.68 -15.37 15.07
C ILE A 340 11.25 -16.26 16.17
N ILE A 341 12.42 -15.88 16.68
CA ILE A 341 13.08 -16.63 17.73
C ILE A 341 12.58 -16.04 19.06
N PRO A 342 11.70 -16.77 19.77
CA PRO A 342 11.11 -16.19 20.97
C PRO A 342 11.99 -16.40 22.18
N ALA A 343 11.83 -15.57 23.20
CA ALA A 343 12.47 -15.85 24.49
C ALA A 343 11.88 -17.16 25.04
N LEU A 344 12.68 -17.88 25.82
CA LEU A 344 12.23 -19.15 26.40
C LEU A 344 11.03 -18.97 27.35
N GLU A 345 10.88 -17.79 27.95
CA GLU A 345 9.74 -17.47 28.80
C GLU A 345 8.49 -17.41 27.94
N SER A 346 8.59 -16.61 26.88
CA SER A 346 7.53 -16.41 25.90
C SER A 346 7.09 -17.73 25.26
N ALA A 347 8.08 -18.60 25.00
CA ALA A 347 7.84 -19.92 24.41
C ALA A 347 6.83 -20.76 25.21
N HIS A 348 6.75 -20.56 26.52
CA HIS A 348 5.74 -21.23 27.34
C HIS A 348 4.34 -20.81 26.90
N ALA A 349 4.16 -19.50 26.70
CA ALA A 349 2.89 -18.97 26.20
C ALA A 349 2.56 -19.46 24.77
N VAL A 350 3.58 -19.55 23.91
CA VAL A 350 3.38 -20.07 22.55
C VAL A 350 2.95 -21.52 22.64
N ALA A 351 3.70 -22.31 23.42
CA ALA A 351 3.44 -23.74 23.57
C ALA A 351 2.00 -24.08 23.98
N TYR A 352 1.44 -23.33 24.93
CA TYR A 352 0.05 -23.55 25.33
C TYR A 352 -0.93 -23.07 24.26
N ALA A 353 -0.62 -21.96 23.60
CA ALA A 353 -1.44 -21.43 22.50
C ALA A 353 -1.58 -22.40 21.34
N MET A 354 -0.51 -23.15 21.04
CA MET A 354 -0.55 -24.21 20.01
C MET A 354 -1.55 -25.32 20.36
N LYS A 355 -1.55 -25.73 21.63
CA LYS A 355 -2.49 -26.77 22.14
C LYS A 355 -3.93 -26.25 22.22
N LEU A 356 -4.10 -25.02 22.68
CA LEU A 356 -5.42 -24.38 22.75
C LEU A 356 -6.00 -24.10 21.36
N ALA A 357 -5.17 -23.60 20.44
CA ALA A 357 -5.60 -23.34 19.06
C ALA A 357 -6.20 -24.56 18.35
N LYS A 358 -5.59 -25.73 18.58
CA LYS A 358 -6.02 -26.98 17.96
C LYS A 358 -7.46 -27.38 18.31
N GLU A 359 -7.84 -27.21 19.58
CA GLU A 359 -9.18 -27.57 20.06
C GLU A 359 -10.21 -26.42 19.97
N MET A 360 -9.94 -25.42 19.11
CA MET A 360 -10.82 -24.28 18.90
C MET A 360 -11.17 -24.13 17.42
N SER A 361 -12.23 -23.36 17.15
CA SER A 361 -12.72 -23.11 15.79
C SER A 361 -11.78 -22.20 14.99
N ARG A 362 -11.88 -22.27 13.66
CA ARG A 362 -11.11 -21.41 12.74
C ARG A 362 -11.44 -19.93 12.91
N ASP A 363 -12.69 -19.63 13.22
CA ASP A 363 -13.17 -18.25 13.38
C ASP A 363 -12.84 -17.63 14.74
N GLU A 364 -12.22 -18.41 15.65
CA GLU A 364 -11.79 -17.89 16.95
C GLU A 364 -10.34 -17.38 16.97
N ILE A 365 -10.10 -16.39 17.83
CA ILE A 365 -8.87 -15.58 17.83
C ILE A 365 -8.12 -15.76 19.15
N ILE A 366 -6.81 -16.05 19.08
CA ILE A 366 -5.93 -16.13 20.25
C ILE A 366 -4.78 -15.13 20.12
N ILE A 367 -4.66 -14.22 21.07
CA ILE A 367 -3.49 -13.32 21.15
C ILE A 367 -2.50 -13.91 22.15
N VAL A 368 -1.29 -14.17 21.68
CA VAL A 368 -0.18 -14.59 22.55
C VAL A 368 0.71 -13.38 22.75
N ASN A 369 1.19 -13.20 23.97
CA ASN A 369 2.08 -12.09 24.27
C ASN A 369 3.49 -12.62 24.17
N LEU A 370 4.18 -12.23 23.09
CA LEU A 370 5.56 -12.66 22.88
C LEU A 370 6.45 -11.69 23.65
N SER A 371 6.70 -12.03 24.91
CA SER A 371 7.31 -11.10 25.87
C SER A 371 8.76 -10.70 25.55
N GLY A 372 9.53 -11.58 24.91
CA GLY A 372 10.87 -11.25 24.49
C GLY A 372 11.38 -12.03 23.29
N ARG A 373 12.57 -11.64 22.82
CA ARG A 373 13.28 -12.39 21.79
C ARG A 373 14.24 -13.38 22.44
N GLY A 374 14.62 -14.40 21.65
CA GLY A 374 15.39 -15.55 22.14
C GLY A 374 16.90 -15.48 22.03
N ASP A 375 17.43 -14.33 21.59
CA ASP A 375 18.88 -14.15 21.40
C ASP A 375 19.68 -14.46 22.67
N LYS A 376 19.13 -14.09 23.84
CA LYS A 376 19.77 -14.39 25.13
C LYS A 376 19.83 -15.89 25.48
N ASP A 377 18.94 -16.70 24.89
CA ASP A 377 18.75 -18.11 25.25
C ASP A 377 19.40 -19.13 24.32
N LEU A 378 20.32 -18.68 23.45
CA LEU A 378 20.87 -19.55 22.41
C LEU A 378 21.84 -20.61 22.98
N ASP A 379 22.66 -20.23 23.95
CA ASP A 379 23.45 -21.18 24.74
C ASP A 379 22.59 -22.29 25.36
N ILE A 380 21.42 -21.91 25.90
CA ILE A 380 20.55 -22.85 26.63
C ILE A 380 19.86 -23.82 25.67
N VAL A 381 19.35 -23.30 24.55
CA VAL A 381 18.67 -24.15 23.57
C VAL A 381 19.66 -25.09 22.85
N LEU A 382 20.92 -24.67 22.72
CA LEU A 382 21.97 -25.51 22.10
C LEU A 382 22.32 -26.73 22.94
N LYS A 383 22.44 -26.53 24.25
CA LYS A 383 22.71 -27.63 25.19
C LYS A 383 21.51 -28.57 25.32
N ALA A 384 20.31 -28.00 25.29
CA ALA A 384 19.07 -28.78 25.38
C ALA A 384 18.90 -29.75 24.20
N SER A 385 19.28 -29.30 23.00
CA SER A 385 19.24 -30.14 21.78
C SER A 385 20.52 -30.95 21.62
N MET B 1 20.85 -0.24 -15.43
CA MET B 1 22.02 -1.09 -15.81
C MET B 1 23.31 -0.47 -15.28
N TRP B 2 23.56 0.79 -15.67
CA TRP B 2 24.75 1.51 -15.24
C TRP B 2 24.41 2.74 -14.40
N PHE B 3 25.37 3.14 -13.57
CA PHE B 3 25.35 4.41 -12.85
C PHE B 3 26.62 5.12 -13.27
N GLY B 4 26.48 6.17 -14.07
CA GLY B 4 27.58 6.67 -14.90
C GLY B 4 28.15 5.50 -15.67
N GLU B 5 29.45 5.25 -15.53
CA GLU B 5 30.13 4.07 -16.14
C GLU B 5 29.99 2.81 -15.28
N PHE B 6 29.67 2.99 -14.00
CA PHE B 6 29.76 1.90 -13.03
C PHE B 6 28.52 1.01 -13.04
N GLY B 7 28.69 -0.21 -12.58
CA GLY B 7 27.62 -1.19 -12.49
C GLY B 7 27.74 -2.20 -13.60
N GLY B 8 26.69 -2.35 -14.40
CA GLY B 8 26.71 -3.27 -15.54
C GLY B 8 26.37 -4.70 -15.12
N GLN B 9 26.62 -5.62 -16.04
CA GLN B 9 26.26 -7.02 -15.88
C GLN B 9 27.32 -7.85 -16.63
N TYR B 10 28.44 -8.08 -15.96
CA TYR B 10 29.61 -8.75 -16.54
C TYR B 10 29.70 -10.17 -16.01
N VAL B 11 28.92 -11.04 -16.63
CA VAL B 11 28.66 -12.37 -16.10
C VAL B 11 28.80 -13.40 -17.21
N PRO B 12 29.00 -14.70 -16.85
CA PRO B 12 28.95 -15.73 -17.88
C PRO B 12 27.56 -15.85 -18.50
N GLU B 13 27.50 -16.38 -19.72
CA GLU B 13 26.25 -16.39 -20.51
C GLU B 13 25.14 -17.23 -19.86
N THR B 14 25.54 -18.23 -19.06
CA THR B 14 24.62 -19.01 -18.24
C THR B 14 23.72 -18.14 -17.32
N LEU B 15 24.24 -16.99 -16.86
CA LEU B 15 23.51 -16.11 -15.93
C LEU B 15 22.70 -14.98 -16.56
N VAL B 16 22.77 -14.83 -17.88
CA VAL B 16 22.08 -13.74 -18.59
C VAL B 16 20.57 -13.97 -18.58
N GLY B 17 20.15 -15.20 -18.86
CA GLY B 17 18.74 -15.60 -18.86
C GLY B 17 18.07 -15.41 -17.51
N PRO B 18 18.65 -16.02 -16.44
CA PRO B 18 18.18 -15.80 -15.06
C PRO B 18 18.05 -14.31 -14.69
N LEU B 19 19.10 -13.55 -14.93
CA LEU B 19 19.12 -12.12 -14.58
C LEU B 19 18.11 -11.28 -15.38
N LYS B 20 17.87 -11.64 -16.64
CA LYS B 20 16.82 -11.02 -17.45
C LYS B 20 15.42 -11.39 -16.94
N GLU B 21 15.26 -12.63 -16.50
CA GLU B 21 13.98 -13.10 -15.93
C GLU B 21 13.69 -12.37 -14.60
N LEU B 22 14.71 -12.27 -13.74
CA LEU B 22 14.64 -11.47 -12.52
C LEU B 22 14.31 -10.00 -12.79
N GLU B 23 14.94 -9.42 -13.82
CA GLU B 23 14.74 -8.03 -14.20
C GLU B 23 13.31 -7.76 -14.70
N LYS B 24 12.74 -8.71 -15.46
CA LYS B 24 11.35 -8.62 -15.93
C LYS B 24 10.38 -8.86 -14.78
N ALA B 25 10.60 -9.93 -14.02
CA ALA B 25 9.79 -10.23 -12.83
C ALA B 25 9.72 -9.03 -11.89
N TYR B 26 10.89 -8.43 -11.64
CA TYR B 26 10.99 -7.20 -10.84
C TYR B 26 10.25 -6.03 -11.48
N LYS B 27 10.59 -5.66 -12.71
CA LYS B 27 9.91 -4.57 -13.43
C LYS B 27 8.37 -4.71 -13.41
N ARG B 28 7.89 -5.95 -13.45
CA ARG B 28 6.45 -6.26 -13.38
C ARG B 28 5.91 -6.06 -11.95
N PHE B 29 6.44 -6.82 -11.00
CA PHE B 29 5.95 -6.82 -9.63
C PHE B 29 6.39 -5.62 -8.81
N LYS B 30 7.34 -4.82 -9.29
CA LYS B 30 7.81 -3.62 -8.56
C LYS B 30 6.67 -2.75 -8.03
N ASP B 31 5.62 -2.56 -8.83
CA ASP B 31 4.45 -1.77 -8.44
C ASP B 31 3.11 -2.51 -8.59
N ASP B 32 3.13 -3.85 -8.58
CA ASP B 32 1.92 -4.65 -8.41
C ASP B 32 1.38 -4.36 -7.00
N GLU B 33 0.10 -4.01 -6.92
CA GLU B 33 -0.50 -3.64 -5.63
C GLU B 33 -0.52 -4.80 -4.67
N GLU B 34 -0.86 -6.00 -5.16
CA GLU B 34 -0.85 -7.20 -4.32
C GLU B 34 0.54 -7.53 -3.75
N PHE B 35 1.58 -7.23 -4.53
CA PHE B 35 2.96 -7.34 -4.07
C PHE B 35 3.29 -6.28 -3.03
N ASN B 36 2.98 -5.02 -3.32
CA ASN B 36 3.23 -3.90 -2.39
C ASN B 36 2.31 -3.91 -1.16
N ARG B 37 1.15 -4.55 -1.25
CA ARG B 37 0.30 -4.79 -0.08
C ARG B 37 0.96 -5.81 0.82
N GLN B 38 1.44 -6.91 0.24
CA GLN B 38 2.09 -7.96 1.02
C GLN B 38 3.43 -7.51 1.62
N LEU B 39 4.19 -6.70 0.88
CA LEU B 39 5.47 -6.19 1.36
C LEU B 39 5.26 -5.24 2.54
N ASN B 40 4.39 -4.25 2.37
CA ASN B 40 4.08 -3.31 3.45
C ASN B 40 3.54 -4.04 4.69
N TYR B 41 2.71 -5.05 4.44
CA TYR B 41 2.08 -5.86 5.50
C TYR B 41 3.11 -6.62 6.35
N TYR B 42 4.09 -7.25 5.71
CA TYR B 42 5.15 -7.96 6.44
C TYR B 42 6.14 -6.99 7.08
N LEU B 43 6.45 -5.90 6.39
CA LEU B 43 7.33 -4.87 6.95
C LEU B 43 6.72 -4.25 8.21
N LYS B 44 5.40 -4.03 8.19
CA LYS B 44 4.71 -3.46 9.34
C LYS B 44 4.55 -4.46 10.51
N THR B 45 3.91 -5.59 10.24
CA THR B 45 3.46 -6.48 11.33
C THR B 45 4.49 -7.52 11.75
N TRP B 46 5.38 -7.92 10.84
CA TRP B 46 6.40 -8.93 11.15
C TRP B 46 7.76 -8.29 11.45
N ALA B 47 8.17 -7.31 10.65
CA ALA B 47 9.45 -6.64 10.82
C ALA B 47 9.40 -5.50 11.83
N GLY B 48 8.23 -4.89 11.99
CA GLY B 48 8.02 -3.80 12.94
C GLY B 48 8.26 -2.39 12.42
N ARG B 49 8.12 -2.19 11.10
CA ARG B 49 8.27 -0.86 10.50
C ARG B 49 6.99 -0.04 10.76
N PRO B 50 7.07 1.27 10.94
CA PRO B 50 8.28 2.09 10.78
C PRO B 50 9.17 2.05 12.01
N THR B 51 10.48 2.17 11.80
CA THR B 51 11.41 2.29 12.91
C THR B 51 11.38 3.74 13.35
N PRO B 52 11.61 4.00 14.64
CA PRO B 52 11.64 5.39 15.09
C PRO B 52 12.90 6.16 14.68
N LEU B 53 12.81 7.48 14.82
CA LEU B 53 13.92 8.40 14.60
C LEU B 53 14.21 9.09 15.93
N TYR B 54 15.29 8.66 16.58
CA TYR B 54 15.59 9.05 17.95
C TYR B 54 16.53 10.24 18.05
N TYR B 55 16.09 11.30 18.73
CA TYR B 55 16.96 12.43 19.07
C TYR B 55 17.87 12.05 20.24
N ALA B 56 19.18 12.00 19.97
CA ALA B 56 20.16 11.65 21.00
C ALA B 56 20.55 12.90 21.78
N LYS B 57 19.68 13.30 22.71
CA LYS B 57 19.82 14.57 23.45
C LYS B 57 21.09 14.67 24.29
N ARG B 58 21.39 13.63 25.06
CA ARG B 58 22.62 13.61 25.88
C ARG B 58 23.90 13.65 25.02
N LEU B 59 23.91 12.89 23.94
CA LEU B 59 25.05 12.86 23.02
C LEU B 59 25.24 14.22 22.38
N THR B 60 24.16 14.79 21.84
CA THR B 60 24.15 16.14 21.27
C THR B 60 24.78 17.17 22.22
N GLU B 61 24.27 17.24 23.44
CA GLU B 61 24.73 18.23 24.44
C GLU B 61 26.18 18.02 24.89
N LYS B 62 26.59 16.77 25.01
CA LYS B 62 27.97 16.43 25.37
C LYS B 62 28.97 16.93 24.30
N ILE B 63 28.60 16.73 23.03
CA ILE B 63 29.38 17.24 21.90
C ILE B 63 29.25 18.75 21.79
N GLY B 64 28.05 19.27 22.08
CA GLY B 64 27.80 20.70 22.12
C GLY B 64 27.73 21.34 20.75
N GLY B 65 27.48 20.53 19.73
CA GLY B 65 27.49 20.97 18.34
C GLY B 65 26.14 20.73 17.71
N ALA B 66 26.11 20.01 16.60
CA ALA B 66 24.85 19.74 15.88
C ALA B 66 23.94 18.78 16.61
N LYS B 67 22.67 18.81 16.23
CA LYS B 67 21.65 17.90 16.75
C LYS B 67 21.82 16.55 16.05
N VAL B 68 22.10 15.52 16.84
CA VAL B 68 22.31 14.17 16.34
C VAL B 68 21.04 13.34 16.51
N TYR B 69 20.48 12.92 15.37
CA TYR B 69 19.36 11.99 15.32
C TYR B 69 19.86 10.63 14.87
N LEU B 70 19.19 9.57 15.34
CA LEU B 70 19.54 8.20 14.99
C LEU B 70 18.33 7.54 14.36
N LYS B 71 18.45 7.12 13.10
CA LYS B 71 17.43 6.31 12.46
C LYS B 71 17.63 4.88 12.96
N ARG B 72 16.59 4.34 13.61
CA ARG B 72 16.75 3.19 14.51
C ARG B 72 16.48 1.84 13.83
N GLU B 73 17.31 1.49 12.84
CA GLU B 73 17.19 0.19 12.18
C GLU B 73 17.64 -0.95 13.06
N ASP B 74 18.36 -0.63 14.14
CA ASP B 74 18.64 -1.61 15.20
C ASP B 74 17.37 -2.29 15.73
N LEU B 75 16.23 -1.60 15.66
CA LEU B 75 14.93 -2.10 16.16
C LEU B 75 14.11 -2.93 15.17
N VAL B 76 14.58 -3.02 13.92
CA VAL B 76 13.98 -3.91 12.93
C VAL B 76 14.15 -5.34 13.40
N HIS B 77 13.13 -6.16 13.17
CA HIS B 77 13.18 -7.58 13.46
C HIS B 77 14.38 -8.23 12.76
N GLY B 78 15.17 -8.99 13.53
CA GLY B 78 16.46 -9.50 13.06
C GLY B 78 17.61 -8.72 13.66
N GLY B 79 17.38 -7.44 13.93
CA GLY B 79 18.39 -6.58 14.53
C GLY B 79 19.18 -5.73 13.55
N ALA B 80 18.78 -5.70 12.27
CA ALA B 80 19.39 -4.79 11.29
C ALA B 80 18.53 -4.54 10.06
N HIS B 81 18.87 -3.45 9.36
CA HIS B 81 18.27 -3.08 8.06
C HIS B 81 18.12 -4.22 7.04
N LYS B 82 19.01 -5.21 7.09
CA LYS B 82 19.04 -6.33 6.11
C LYS B 82 17.71 -6.99 5.88
N THR B 83 16.91 -7.10 6.94
CA THR B 83 15.58 -7.67 6.88
C THR B 83 14.67 -7.00 5.85
N ASN B 84 14.82 -5.68 5.66
CA ASN B 84 14.00 -4.94 4.66
C ASN B 84 14.15 -5.54 3.24
N ASN B 85 15.41 -5.81 2.87
CA ASN B 85 15.76 -6.35 1.55
C ASN B 85 15.43 -7.84 1.47
N ALA B 86 15.71 -8.58 2.54
CA ALA B 86 15.41 -10.03 2.62
C ALA B 86 13.94 -10.36 2.42
N ILE B 87 13.05 -9.52 2.95
CA ILE B 87 11.61 -9.75 2.81
C ILE B 87 11.21 -9.51 1.36
N GLY B 88 11.61 -8.34 0.84
CA GLY B 88 11.29 -7.94 -0.54
C GLY B 88 11.68 -8.97 -1.58
N GLN B 89 12.93 -9.42 -1.53
CA GLN B 89 13.44 -10.36 -2.51
C GLN B 89 12.87 -11.75 -2.33
N ALA B 90 12.67 -12.18 -1.07
CA ALA B 90 12.07 -13.50 -0.83
C ALA B 90 10.63 -13.59 -1.33
N LEU B 91 9.93 -12.46 -1.28
CA LEU B 91 8.52 -12.36 -1.72
C LEU B 91 8.46 -12.39 -3.24
N LEU B 92 9.38 -11.65 -3.87
CA LEU B 92 9.58 -11.69 -5.31
C LEU B 92 9.93 -13.11 -5.76
N ALA B 93 10.90 -13.73 -5.08
CA ALA B 93 11.35 -15.10 -5.36
C ALA B 93 10.20 -16.10 -5.36
N LYS B 94 9.33 -15.96 -4.35
CA LYS B 94 8.15 -16.80 -4.19
C LYS B 94 7.15 -16.62 -5.33
N LEU B 95 6.87 -15.36 -5.69
CA LEU B 95 6.03 -15.06 -6.88
C LEU B 95 6.67 -15.44 -8.24
N MET B 96 8.00 -15.58 -8.27
CA MET B 96 8.69 -16.11 -9.46
C MET B 96 8.64 -17.64 -9.54
N GLY B 97 8.21 -18.31 -8.46
CA GLY B 97 8.05 -19.75 -8.44
C GLY B 97 9.19 -20.51 -7.77
N LYS B 98 10.11 -19.78 -7.14
CA LYS B 98 11.29 -20.39 -6.55
C LYS B 98 10.94 -21.07 -5.23
N THR B 99 11.59 -22.19 -4.94
CA THR B 99 11.38 -22.95 -3.70
C THR B 99 12.58 -22.88 -2.75
N ARG B 100 13.61 -22.12 -3.13
CA ARG B 100 14.86 -22.09 -2.39
C ARG B 100 15.50 -20.71 -2.48
N LEU B 101 16.08 -20.28 -1.37
CA LEU B 101 16.82 -19.03 -1.28
C LEU B 101 18.22 -19.37 -0.88
N ILE B 102 19.21 -18.84 -1.62
CA ILE B 102 20.60 -18.86 -1.15
C ILE B 102 21.09 -17.45 -0.92
N ALA B 103 22.08 -17.32 -0.06
CA ALA B 103 22.67 -16.03 0.25
C ALA B 103 24.07 -16.18 0.82
N GLU B 104 24.88 -15.14 0.56
CA GLU B 104 26.14 -14.90 1.23
C GLU B 104 25.89 -14.20 2.56
N THR B 105 26.82 -14.35 3.50
CA THR B 105 26.81 -13.52 4.71
C THR B 105 28.21 -13.41 5.31
N GLY B 106 28.48 -12.27 5.93
CA GLY B 106 29.73 -11.98 6.63
C GLY B 106 29.45 -11.78 8.10
N ALA B 107 28.87 -10.64 8.45
CA ALA B 107 28.41 -10.39 9.84
C ALA B 107 27.38 -11.40 10.34
N GLY B 108 26.65 -12.03 9.43
CA GLY B 108 25.61 -12.97 9.78
C GLY B 108 24.23 -12.34 9.78
N GLN B 109 24.14 -11.00 9.69
CA GLN B 109 22.85 -10.32 9.72
C GLN B 109 22.00 -10.63 8.49
N HIS B 110 22.62 -10.60 7.30
CA HIS B 110 21.90 -10.94 6.07
C HIS B 110 21.54 -12.42 5.99
N GLY B 111 22.43 -13.27 6.48
CA GLY B 111 22.14 -14.71 6.57
C GLY B 111 20.96 -15.00 7.49
N VAL B 112 20.95 -14.37 8.66
CA VAL B 112 19.82 -14.48 9.59
C VAL B 112 18.57 -13.87 8.95
N ALA B 113 18.70 -12.69 8.36
CA ALA B 113 17.57 -12.04 7.71
C ALA B 113 16.95 -12.92 6.60
N THR B 114 17.81 -13.56 5.83
CA THR B 114 17.38 -14.47 4.77
C THR B 114 16.72 -15.74 5.33
N ALA B 115 17.33 -16.32 6.36
CA ALA B 115 16.74 -17.45 7.10
C ALA B 115 15.36 -17.12 7.66
N MET B 116 15.22 -15.92 8.23
CA MET B 116 13.96 -15.46 8.82
C MET B 116 12.90 -15.31 7.74
N ALA B 117 13.23 -14.59 6.67
CA ALA B 117 12.32 -14.42 5.52
C ALA B 117 11.99 -15.76 4.86
N GLY B 118 12.99 -16.64 4.76
CA GLY B 118 12.78 -17.99 4.24
C GLY B 118 11.82 -18.81 5.09
N ALA B 119 12.03 -18.77 6.41
CA ALA B 119 11.18 -19.48 7.38
C ALA B 119 9.75 -18.96 7.32
N LEU B 120 9.61 -17.63 7.33
CA LEU B 120 8.33 -16.95 7.17
C LEU B 120 7.52 -17.43 5.96
N LEU B 121 8.19 -17.59 4.82
CA LEU B 121 7.51 -17.91 3.57
C LEU B 121 7.55 -19.40 3.22
N GLY B 122 8.21 -20.21 4.05
CA GLY B 122 8.26 -21.65 3.87
C GLY B 122 9.15 -22.11 2.73
N MET B 123 10.26 -21.39 2.53
CA MET B 123 11.25 -21.70 1.51
C MET B 123 12.50 -22.26 2.17
N LYS B 124 13.18 -23.18 1.47
CA LYS B 124 14.44 -23.75 1.97
C LYS B 124 15.52 -22.68 1.86
N VAL B 125 16.52 -22.73 2.76
CA VAL B 125 17.55 -21.71 2.85
C VAL B 125 18.92 -22.33 3.13
N ASP B 126 19.87 -22.04 2.22
CA ASP B 126 21.27 -22.43 2.39
C ASP B 126 22.09 -21.15 2.39
N ILE B 127 22.85 -20.92 3.46
CA ILE B 127 23.65 -19.70 3.61
C ILE B 127 25.12 -20.05 3.47
N TYR B 128 25.80 -19.34 2.57
CA TYR B 128 27.25 -19.47 2.40
C TYR B 128 27.96 -18.40 3.24
N MET B 129 28.88 -18.83 4.09
CA MET B 129 29.55 -17.96 5.07
C MET B 129 31.00 -18.37 5.24
N GLY B 130 31.92 -17.41 5.19
CA GLY B 130 33.34 -17.68 5.38
C GLY B 130 33.68 -18.11 6.79
N ALA B 131 34.64 -19.01 6.93
CA ALA B 131 34.98 -19.64 8.21
C ALA B 131 35.49 -18.67 9.28
N GLU B 132 36.15 -17.59 8.87
CA GLU B 132 36.58 -16.56 9.82
C GLU B 132 35.36 -15.81 10.38
N ASP B 133 34.36 -15.60 9.53
CA ASP B 133 33.10 -14.95 9.93
C ASP B 133 32.17 -15.86 10.76
N VAL B 134 32.21 -17.17 10.50
CA VAL B 134 31.49 -18.17 11.32
C VAL B 134 31.90 -18.08 12.79
N GLU B 135 33.20 -18.07 13.02
CA GLU B 135 33.77 -18.04 14.37
C GLU B 135 33.67 -16.66 15.02
N ARG B 136 33.65 -15.61 14.21
CA ARG B 136 33.60 -14.22 14.68
C ARG B 136 32.17 -13.73 15.04
N GLN B 137 31.14 -14.34 14.45
CA GLN B 137 29.73 -13.97 14.67
C GLN B 137 28.89 -15.24 14.98
N LYS B 138 29.34 -16.00 15.99
CA LYS B 138 28.80 -17.33 16.30
C LYS B 138 27.31 -17.35 16.64
N MET B 139 26.85 -16.30 17.33
CA MET B 139 25.42 -16.10 17.64
C MET B 139 24.55 -16.20 16.39
N ASN B 140 24.94 -15.45 15.36
CA ASN B 140 24.18 -15.43 14.10
C ASN B 140 24.16 -16.79 13.40
N VAL B 141 25.21 -17.58 13.57
CA VAL B 141 25.26 -18.94 13.01
C VAL B 141 24.22 -19.83 13.68
N PHE B 142 24.19 -19.83 15.01
N PHE B 142 24.21 -19.83 15.02
CA PHE B 142 23.18 -20.66 15.71
CA PHE B 142 23.21 -20.55 15.82
C PHE B 142 21.75 -20.17 15.47
C PHE B 142 21.80 -20.18 15.39
N ARG B 143 21.56 -18.86 15.27
CA ARG B 143 20.26 -18.32 14.87
C ARG B 143 19.79 -18.83 13.49
N MET B 144 20.69 -18.83 12.52
CA MET B 144 20.38 -19.38 11.18
C MET B 144 19.99 -20.85 11.26
N LYS B 145 20.72 -21.64 12.04
CA LYS B 145 20.40 -23.05 12.24
C LYS B 145 19.03 -23.23 12.93
N LEU B 146 18.79 -22.45 14.00
CA LEU B 146 17.49 -22.45 14.69
C LEU B 146 16.33 -21.94 13.82
N LEU B 147 16.62 -20.99 12.93
CA LEU B 147 15.63 -20.52 11.96
C LEU B 147 15.31 -21.53 10.86
N GLY B 148 16.06 -22.62 10.78
CA GLY B 148 15.82 -23.70 9.82
C GLY B 148 16.73 -23.66 8.61
N ALA B 149 17.60 -22.66 8.53
CA ALA B 149 18.55 -22.54 7.41
C ALA B 149 19.74 -23.47 7.62
N ASN B 150 20.42 -23.79 6.52
CA ASN B 150 21.68 -24.56 6.53
C ASN B 150 22.84 -23.59 6.32
N VAL B 151 23.81 -23.62 7.22
CA VAL B 151 24.99 -22.78 7.08
C VAL B 151 26.10 -23.63 6.47
N ILE B 152 26.66 -23.15 5.37
CA ILE B 152 27.73 -23.84 4.63
C ILE B 152 29.02 -23.05 4.82
N PRO B 153 29.97 -23.56 5.64
CA PRO B 153 31.25 -22.86 5.80
C PRO B 153 32.14 -22.91 4.55
N VAL B 154 32.64 -21.75 4.14
CA VAL B 154 33.58 -21.64 3.04
C VAL B 154 34.97 -21.42 3.64
N ASN B 155 35.80 -22.46 3.60
CA ASN B 155 37.20 -22.39 4.05
C ASN B 155 38.16 -21.99 2.90
N SER B 156 37.67 -22.07 1.65
CA SER B 156 38.49 -21.86 0.45
C SER B 156 38.87 -20.39 0.23
N GLY B 157 39.94 -20.19 -0.54
CA GLY B 157 40.49 -18.86 -0.80
C GLY B 157 40.84 -18.14 0.48
N SER B 158 40.45 -16.87 0.56
CA SER B 158 40.62 -16.08 1.79
C SER B 158 39.72 -16.55 2.96
N ARG B 159 38.76 -17.44 2.68
CA ARG B 159 37.91 -18.04 3.71
C ARG B 159 36.95 -17.05 4.41
N THR B 160 36.57 -15.97 3.71
CA THR B 160 35.67 -14.91 4.25
C THR B 160 34.64 -14.46 3.18
N LEU B 161 33.94 -13.33 3.41
CA LEU B 161 32.79 -12.88 2.59
C LEU B 161 32.95 -12.94 1.06
N LYS B 162 34.02 -12.33 0.55
CA LYS B 162 34.37 -12.43 -0.88
C LYS B 162 34.22 -13.87 -1.41
N ASP B 163 34.74 -14.82 -0.63
CA ASP B 163 34.76 -16.23 -0.99
C ASP B 163 33.40 -16.90 -0.81
N ALA B 164 32.64 -16.41 0.17
CA ALA B 164 31.23 -16.79 0.34
C ALA B 164 30.40 -16.42 -0.89
N ILE B 165 30.69 -15.25 -1.49
CA ILE B 165 29.98 -14.79 -2.69
C ILE B 165 30.29 -15.72 -3.86
N ASN B 166 31.56 -16.04 -4.05
CA ASN B 166 32.02 -16.94 -5.12
C ASN B 166 31.30 -18.30 -5.08
N GLU B 167 31.18 -18.87 -3.88
CA GLU B 167 30.48 -20.14 -3.67
C GLU B 167 28.98 -20.09 -3.96
N ALA B 168 28.33 -18.99 -3.57
CA ALA B 168 26.91 -18.77 -3.83
C ALA B 168 26.59 -18.60 -5.33
N LEU B 169 27.44 -17.87 -6.05
CA LEU B 169 27.28 -17.71 -7.51
C LEU B 169 27.46 -19.05 -8.23
N ARG B 170 28.49 -19.80 -7.84
CA ARG B 170 28.70 -21.18 -8.32
C ARG B 170 27.48 -22.08 -8.08
N ASP B 171 26.84 -21.94 -6.92
CA ASP B 171 25.59 -22.64 -6.61
C ASP B 171 24.46 -22.21 -7.54
N TRP B 172 24.26 -20.90 -7.65
CA TRP B 172 23.15 -20.34 -8.42
C TRP B 172 23.19 -20.69 -9.92
N VAL B 173 24.37 -20.78 -10.51
CA VAL B 173 24.47 -21.24 -11.90
C VAL B 173 23.88 -22.64 -12.01
N ALA B 174 24.21 -23.49 -11.04
CA ALA B 174 23.73 -24.88 -11.03
C ALA B 174 22.25 -25.06 -10.64
N THR B 175 21.66 -24.11 -9.91
CA THR B 175 20.31 -24.27 -9.34
C THR B 175 19.27 -23.16 -9.63
N PHE B 176 19.57 -22.20 -10.51
CA PHE B 176 18.69 -21.01 -10.72
C PHE B 176 17.20 -21.25 -11.02
N GLU B 177 16.87 -22.42 -11.55
CA GLU B 177 15.49 -22.79 -11.91
C GLU B 177 14.49 -22.69 -10.74
N TYR B 178 14.91 -23.21 -9.59
CA TYR B 178 14.12 -23.17 -8.36
C TYR B 178 14.77 -22.37 -7.21
N THR B 179 16.05 -21.97 -7.38
CA THR B 179 16.79 -21.23 -6.37
C THR B 179 16.90 -19.76 -6.74
N HIS B 180 16.59 -18.89 -5.79
CA HIS B 180 16.82 -17.45 -5.92
C HIS B 180 18.06 -17.10 -5.10
N TYR B 181 18.99 -16.36 -5.71
CA TYR B 181 20.17 -15.87 -5.02
C TYR B 181 19.82 -14.52 -4.42
N LEU B 182 19.68 -14.50 -3.10
CA LEU B 182 19.27 -13.30 -2.37
C LEU B 182 20.54 -12.58 -1.92
N ILE B 183 21.01 -11.67 -2.77
CA ILE B 183 22.17 -10.84 -2.47
C ILE B 183 21.78 -9.79 -1.44
N GLY B 184 22.68 -9.56 -0.48
CA GLY B 184 22.41 -8.75 0.72
C GLY B 184 22.85 -7.31 0.70
N SER B 185 23.55 -6.89 -0.35
CA SER B 185 23.98 -5.51 -0.49
C SER B 185 23.77 -4.98 -1.91
N VAL B 186 24.02 -3.69 -2.11
CA VAL B 186 23.80 -3.06 -3.42
C VAL B 186 24.95 -3.37 -4.41
N VAL B 187 25.19 -4.67 -4.61
CA VAL B 187 26.37 -5.16 -5.32
C VAL B 187 25.94 -6.21 -6.33
N GLY B 188 26.90 -6.71 -7.10
CA GLY B 188 26.64 -7.78 -8.03
C GLY B 188 26.17 -7.24 -9.36
N PRO B 189 25.76 -8.14 -10.28
CA PRO B 189 25.28 -7.66 -11.57
C PRO B 189 23.88 -7.07 -11.45
N HIS B 190 23.56 -6.17 -12.38
CA HIS B 190 22.18 -5.69 -12.57
C HIS B 190 21.25 -6.91 -12.71
N PRO B 191 20.06 -6.91 -12.11
CA PRO B 191 19.40 -5.76 -11.46
C PRO B 191 19.65 -5.56 -9.95
N TYR B 192 20.55 -6.34 -9.35
CA TYR B 192 20.68 -6.40 -7.89
C TYR B 192 21.01 -5.07 -7.19
N PRO B 193 21.97 -4.28 -7.73
CA PRO B 193 22.22 -2.98 -7.11
C PRO B 193 20.97 -2.10 -7.00
N THR B 194 20.10 -2.17 -8.01
CA THR B 194 18.87 -1.38 -8.06
C THR B 194 17.81 -1.97 -7.12
N ILE B 195 17.67 -3.30 -7.15
CA ILE B 195 16.65 -4.00 -6.37
C ILE B 195 16.90 -3.82 -4.87
N VAL B 196 18.15 -3.98 -4.46
CA VAL B 196 18.50 -3.90 -3.05
C VAL B 196 18.34 -2.46 -2.54
N ARG B 197 18.76 -1.49 -3.34
CA ARG B 197 18.56 -0.08 -3.02
C ARG B 197 17.07 0.28 -2.91
N ASP B 198 16.25 -0.25 -3.80
CA ASP B 198 14.82 0.05 -3.79
C ASP B 198 14.14 -0.47 -2.54
N PHE B 199 14.45 -1.71 -2.17
CA PHE B 199 13.90 -2.33 -0.96
C PHE B 199 14.41 -1.72 0.36
N GLN B 200 15.53 -0.99 0.30
CA GLN B 200 16.07 -0.24 1.44
C GLN B 200 15.66 1.24 1.47
N SER B 201 15.07 1.75 0.40
CA SER B 201 14.68 3.16 0.32
C SER B 201 13.66 3.60 1.38
N VAL B 202 12.83 2.65 1.80
CA VAL B 202 11.86 2.86 2.87
C VAL B 202 12.47 3.57 4.10
N ILE B 203 13.72 3.25 4.43
CA ILE B 203 14.42 3.89 5.54
C ILE B 203 14.49 5.40 5.35
N GLY B 204 15.01 5.83 4.20
CA GLY B 204 15.13 7.25 3.90
C GLY B 204 13.79 7.97 3.83
N ARG B 205 12.78 7.29 3.26
CA ARG B 205 11.45 7.87 3.13
C ARG B 205 10.78 8.10 4.49
N GLU B 206 10.91 7.12 5.39
CA GLU B 206 10.46 7.28 6.78
C GLU B 206 11.22 8.42 7.46
N ALA B 207 12.55 8.37 7.38
CA ALA B 207 13.41 9.35 8.03
C ALA B 207 13.14 10.77 7.57
N LYS B 208 12.83 10.94 6.28
CA LYS B 208 12.42 12.24 5.75
C LYS B 208 11.12 12.73 6.43
N ALA B 209 10.11 11.88 6.43
CA ALA B 209 8.84 12.22 7.08
C ALA B 209 9.04 12.53 8.57
N GLN B 210 9.84 11.69 9.23
CA GLN B 210 10.06 11.79 10.68
C GLN B 210 10.83 13.05 11.09
N ILE B 211 11.85 13.43 10.32
CA ILE B 211 12.63 14.65 10.62
C ILE B 211 11.87 15.97 10.34
N LEU B 212 11.00 15.98 9.33
CA LEU B 212 10.10 17.13 9.10
C LEU B 212 9.08 17.28 10.23
N GLU B 213 8.65 16.14 10.76
CA GLU B 213 7.71 16.13 11.89
C GLU B 213 8.39 16.62 13.17
N ALA B 214 9.59 16.13 13.44
CA ALA B 214 10.34 16.49 14.64
C ALA B 214 10.92 17.90 14.62
N GLU B 215 11.64 18.23 13.54
CA GLU B 215 12.42 19.48 13.45
C GLU B 215 11.87 20.56 12.50
N GLY B 216 10.86 20.22 11.70
CA GLY B 216 10.26 21.17 10.78
C GLY B 216 11.16 21.61 9.64
N GLN B 217 12.12 20.76 9.27
CA GLN B 217 13.04 21.03 8.16
C GLN B 217 13.85 19.78 7.84
N LEU B 218 14.45 19.76 6.65
CA LEU B 218 15.30 18.64 6.23
C LEU B 218 16.63 18.67 6.97
N PRO B 219 17.29 17.50 7.10
CA PRO B 219 18.55 17.49 7.82
C PRO B 219 19.67 18.12 7.00
N ASP B 220 20.66 18.70 7.68
CA ASP B 220 21.81 19.28 7.00
C ASP B 220 22.70 18.19 6.42
N VAL B 221 22.93 17.13 7.21
CA VAL B 221 23.79 16.00 6.82
C VAL B 221 23.12 14.65 7.15
N ILE B 222 23.44 13.63 6.38
CA ILE B 222 23.02 12.24 6.65
C ILE B 222 24.27 11.37 6.61
N VAL B 223 24.52 10.63 7.69
CA VAL B 223 25.72 9.81 7.84
C VAL B 223 25.31 8.35 7.96
N ALA B 224 25.91 7.50 7.13
CA ALA B 224 25.68 6.06 7.18
C ALA B 224 26.94 5.32 6.84
N CYS B 225 27.18 4.18 7.51
CA CYS B 225 28.34 3.37 7.22
C CYS B 225 28.19 2.71 5.85
N VAL B 226 29.30 2.45 5.19
CA VAL B 226 29.31 1.88 3.83
C VAL B 226 30.19 0.65 3.88
N GLY B 227 29.55 -0.50 3.71
CA GLY B 227 30.22 -1.76 3.38
C GLY B 227 30.08 -1.91 1.88
N GLY B 228 29.16 -2.77 1.46
CA GLY B 228 28.71 -2.82 0.08
C GLY B 228 27.84 -1.61 -0.28
N GLY B 229 27.17 -1.03 0.72
CA GLY B 229 26.44 0.24 0.56
C GLY B 229 24.92 0.24 0.67
N SER B 230 24.31 -0.86 1.11
CA SER B 230 22.84 -0.97 1.12
C SER B 230 22.13 -0.10 2.16
N ASN B 231 22.58 -0.08 3.42
CA ASN B 231 21.94 0.80 4.42
C ASN B 231 22.13 2.27 4.06
N ALA B 232 23.29 2.60 3.47
CA ALA B 232 23.59 3.97 3.09
C ALA B 232 22.70 4.40 1.92
N MET B 233 22.62 3.58 0.88
CA MET B 233 21.74 3.90 -0.26
C MET B 233 20.30 4.04 0.21
N GLY B 234 19.84 3.08 1.01
CA GLY B 234 18.50 3.11 1.60
C GLY B 234 18.12 4.44 2.22
N ILE B 235 18.99 4.96 3.08
CA ILE B 235 18.73 6.25 3.73
C ILE B 235 19.04 7.43 2.82
N PHE B 236 20.09 7.31 2.00
CA PHE B 236 20.47 8.35 1.02
C PHE B 236 19.43 8.63 -0.06
N TYR B 237 18.86 7.57 -0.63
CA TYR B 237 18.18 7.69 -1.92
C TYR B 237 17.08 8.74 -1.98
N PRO B 238 16.17 8.78 -0.98
CA PRO B 238 15.08 9.77 -1.04
C PRO B 238 15.49 11.23 -0.79
N PHE B 239 16.75 11.47 -0.38
CA PHE B 239 17.29 12.82 -0.25
C PHE B 239 18.24 13.24 -1.40
N VAL B 240 18.42 12.37 -2.40
CA VAL B 240 19.39 12.63 -3.48
C VAL B 240 19.09 13.97 -4.18
N ASN B 241 17.81 14.23 -4.46
CA ASN B 241 17.38 15.47 -5.12
C ASN B 241 17.09 16.66 -4.19
N ASP B 242 17.35 16.51 -2.90
CA ASP B 242 17.36 17.63 -1.97
C ASP B 242 18.82 18.12 -1.86
N LYS B 243 19.16 19.09 -2.70
CA LYS B 243 20.55 19.55 -2.85
C LYS B 243 21.15 20.10 -1.55
N LYS B 244 20.30 20.70 -0.72
CA LYS B 244 20.74 21.23 0.57
C LYS B 244 21.19 20.15 1.56
N VAL B 245 20.75 18.91 1.36
CA VAL B 245 21.08 17.77 2.25
C VAL B 245 22.37 17.09 1.82
N LYS B 246 23.45 17.29 2.58
CA LYS B 246 24.71 16.58 2.36
C LYS B 246 24.53 15.10 2.67
N LEU B 247 25.33 14.26 2.01
CA LEU B 247 25.28 12.79 2.15
C LEU B 247 26.69 12.30 2.42
N VAL B 248 26.87 11.56 3.52
CA VAL B 248 28.21 11.10 3.90
C VAL B 248 28.23 9.59 4.16
N GLY B 249 29.07 8.88 3.39
CA GLY B 249 29.31 7.46 3.55
C GLY B 249 30.60 7.23 4.30
N VAL B 250 30.56 6.35 5.29
CA VAL B 250 31.68 6.11 6.19
C VAL B 250 32.13 4.67 5.99
N GLU B 251 33.35 4.49 5.49
CA GLU B 251 33.91 3.17 5.24
C GLU B 251 34.80 2.75 6.39
N ALA B 252 35.13 1.47 6.42
CA ALA B 252 36.02 0.91 7.43
C ALA B 252 37.46 1.31 7.12
N GLY B 253 38.03 2.12 8.01
CA GLY B 253 39.44 2.47 7.97
C GLY B 253 40.34 1.46 8.65
N GLY B 254 39.75 0.48 9.33
CA GLY B 254 40.49 -0.64 9.92
C GLY B 254 41.62 -0.21 10.83
N LYS B 255 42.81 -0.79 10.63
CA LYS B 255 44.01 -0.40 11.36
C LYS B 255 44.61 0.95 10.88
N GLY B 256 44.00 1.56 9.85
CA GLY B 256 44.43 2.85 9.31
C GLY B 256 44.48 2.73 7.80
N LEU B 257 44.24 3.84 7.10
CA LEU B 257 44.26 3.86 5.64
C LEU B 257 45.63 3.50 5.02
N GLU B 258 46.71 3.96 5.65
CA GLU B 258 48.08 3.66 5.20
C GLU B 258 48.63 2.32 5.71
N SER B 259 47.81 1.51 6.38
CA SER B 259 48.23 0.25 7.00
C SER B 259 48.07 -1.00 6.12
N GLY B 260 47.30 -0.89 5.04
CA GLY B 260 46.96 -2.06 4.21
C GLY B 260 45.96 -3.03 4.84
N LYS B 261 45.28 -2.59 5.89
CA LYS B 261 44.30 -3.42 6.60
C LYS B 261 43.07 -2.59 6.93
N HIS B 262 42.22 -2.44 5.93
CA HIS B 262 40.97 -1.67 5.98
C HIS B 262 39.97 -2.19 4.92
N SER B 263 38.80 -1.56 4.80
CA SER B 263 37.84 -1.88 3.72
C SER B 263 37.28 -0.66 2.95
N ALA B 264 38.03 0.44 3.00
CA ALA B 264 37.71 1.67 2.29
C ALA B 264 37.97 1.56 0.79
N SER B 265 37.03 0.93 0.10
CA SER B 265 37.08 0.73 -1.34
C SER B 265 37.03 2.05 -2.12
N LEU B 266 36.07 2.89 -1.78
CA LEU B 266 35.92 4.18 -2.44
C LEU B 266 37.12 5.10 -2.20
N ASN B 267 37.65 5.08 -0.98
CA ASN B 267 38.76 5.96 -0.59
C ASN B 267 40.10 5.53 -1.20
N ALA B 268 40.35 4.22 -1.28
CA ALA B 268 41.67 3.68 -1.64
C ALA B 268 41.66 2.53 -2.66
N GLY B 269 40.49 2.14 -3.16
CA GLY B 269 40.40 1.08 -4.15
C GLY B 269 40.65 1.65 -5.53
N GLN B 270 40.81 0.74 -6.49
CA GLN B 270 40.94 1.07 -7.91
C GLN B 270 39.69 0.56 -8.64
N VAL B 271 39.37 1.19 -9.76
CA VAL B 271 38.22 0.77 -10.55
C VAL B 271 38.56 -0.58 -11.19
N GLY B 272 37.58 -1.43 -11.33
CA GLY B 272 37.79 -2.78 -11.82
C GLY B 272 36.51 -3.59 -11.83
N VAL B 273 36.55 -4.73 -12.52
CA VAL B 273 35.39 -5.60 -12.64
C VAL B 273 35.55 -6.80 -11.72
N SER B 274 34.53 -7.05 -10.90
CA SER B 274 34.43 -8.26 -10.11
C SER B 274 33.01 -8.50 -9.63
N HIS B 275 32.68 -9.76 -9.38
CA HIS B 275 31.32 -10.18 -9.05
C HIS B 275 30.24 -9.52 -9.91
N GLY B 276 30.49 -9.46 -11.22
CA GLY B 276 29.50 -8.99 -12.19
C GLY B 276 29.32 -7.49 -12.33
N MET B 277 30.11 -6.69 -11.63
CA MET B 277 29.99 -5.23 -11.70
C MET B 277 31.32 -4.54 -11.95
N LEU B 278 31.23 -3.34 -12.51
CA LEU B 278 32.34 -2.41 -12.49
C LEU B 278 32.14 -1.47 -11.30
N SER B 279 33.08 -1.51 -10.37
CA SER B 279 33.08 -0.60 -9.24
C SER B 279 34.49 -0.47 -8.65
N TYR B 280 34.59 0.04 -7.42
CA TYR B 280 35.88 0.16 -6.75
C TYR B 280 36.14 -1.07 -5.93
N PHE B 281 37.32 -1.66 -6.12
CA PHE B 281 37.77 -2.79 -5.36
C PHE B 281 39.16 -2.51 -4.85
N LEU B 282 39.45 -2.98 -3.63
CA LEU B 282 40.81 -2.93 -3.11
C LEU B 282 41.61 -3.95 -3.92
N GLN B 283 42.83 -3.61 -4.32
CA GLN B 283 43.67 -4.53 -5.11
C GLN B 283 45.17 -4.31 -4.95
N ASP B 284 45.92 -5.38 -5.24
CA ASP B 284 47.38 -5.38 -5.15
C ASP B 284 47.99 -4.60 -6.31
N GLY B 287 46.46 -5.62 -9.47
CA GLY B 287 45.42 -6.17 -10.34
C GLY B 287 44.50 -7.12 -9.61
N GLN B 288 45.10 -8.10 -8.92
CA GLN B 288 44.34 -9.08 -8.13
C GLN B 288 43.68 -8.40 -6.93
N ILE B 289 42.45 -8.82 -6.62
CA ILE B 289 41.68 -8.19 -5.53
C ILE B 289 42.28 -8.53 -4.17
N LYS B 290 42.35 -7.50 -3.33
CA LYS B 290 42.93 -7.61 -1.99
C LYS B 290 41.89 -8.19 -1.04
N PRO B 291 42.32 -9.05 -0.09
CA PRO B 291 41.43 -9.35 1.05
C PRO B 291 41.40 -8.16 2.02
N SER B 292 40.20 -7.79 2.47
CA SER B 292 40.02 -6.62 3.32
C SER B 292 40.09 -6.97 4.82
N HIS B 293 40.07 -5.93 5.67
CA HIS B 293 39.91 -6.08 7.12
C HIS B 293 39.03 -4.98 7.73
N SER B 294 38.26 -5.37 8.75
CA SER B 294 37.62 -4.43 9.68
C SER B 294 37.25 -5.15 10.95
N ILE B 295 37.27 -4.43 12.07
CA ILE B 295 36.76 -4.97 13.32
C ILE B 295 35.28 -5.31 13.19
N ALA B 296 34.56 -4.52 12.39
CA ALA B 296 33.16 -4.77 12.05
C ALA B 296 33.05 -5.76 10.88
N PRO B 297 32.72 -7.03 11.16
CA PRO B 297 32.69 -8.03 10.06
C PRO B 297 31.72 -7.72 8.91
N GLY B 298 30.69 -6.94 9.17
CA GLY B 298 29.77 -6.49 8.12
C GLY B 298 30.35 -5.51 7.10
N LEU B 299 31.45 -4.84 7.44
CA LEU B 299 32.14 -3.93 6.50
C LEU B 299 33.32 -4.59 5.80
N ASP B 300 33.59 -5.87 6.09
CA ASP B 300 34.77 -6.57 5.62
C ASP B 300 34.53 -7.16 4.22
N TYR B 301 34.48 -6.27 3.22
CA TYR B 301 34.28 -6.63 1.81
C TYR B 301 35.20 -5.74 0.99
N PRO B 302 36.03 -6.34 0.11
CA PRO B 302 36.91 -5.51 -0.74
C PRO B 302 36.19 -4.50 -1.61
N GLY B 303 34.99 -4.83 -2.09
CA GLY B 303 34.24 -3.99 -3.00
C GLY B 303 33.27 -2.99 -2.42
N VAL B 304 32.49 -2.40 -3.31
CA VAL B 304 31.46 -1.42 -2.96
C VAL B 304 30.49 -1.31 -4.13
N GLY B 305 29.24 -0.94 -3.84
CA GLY B 305 28.20 -0.86 -4.85
C GLY B 305 28.43 0.23 -5.89
N PRO B 306 28.03 0.00 -7.16
CA PRO B 306 28.31 0.94 -8.24
C PRO B 306 27.62 2.28 -8.12
N GLU B 307 26.45 2.32 -7.47
CA GLU B 307 25.74 3.58 -7.28
C GLU B 307 26.51 4.52 -6.36
N HIS B 308 27.20 3.97 -5.35
CA HIS B 308 28.11 4.78 -4.53
C HIS B 308 29.30 5.28 -5.37
N ALA B 309 29.95 4.37 -6.09
CA ALA B 309 31.02 4.76 -7.04
C ALA B 309 30.58 5.93 -7.92
N TYR B 310 29.33 5.87 -8.40
CA TYR B 310 28.73 6.97 -9.17
C TYR B 310 28.51 8.24 -8.35
N LEU B 311 27.90 8.12 -7.17
CA LEU B 311 27.65 9.28 -6.31
C LEU B 311 28.94 10.00 -5.90
N LYS B 312 30.03 9.24 -5.72
CA LYS B 312 31.35 9.80 -5.48
C LYS B 312 31.87 10.61 -6.67
N LYS B 313 31.73 10.05 -7.86
CA LYS B 313 32.22 10.69 -9.08
C LYS B 313 31.54 12.01 -9.40
N ILE B 314 30.22 12.03 -9.32
CA ILE B 314 29.46 13.29 -9.53
C ILE B 314 29.49 14.20 -8.29
N GLN B 315 30.08 13.71 -7.20
CA GLN B 315 30.31 14.47 -5.95
C GLN B 315 29.00 14.83 -5.22
N ARG B 316 27.99 13.97 -5.37
CA ARG B 316 26.73 14.13 -4.66
C ARG B 316 26.90 13.64 -3.22
N ALA B 317 27.64 12.55 -3.05
CA ALA B 317 27.97 12.04 -1.72
C ALA B 317 29.47 12.14 -1.47
N GLU B 318 29.82 12.39 -0.21
CA GLU B 318 31.19 12.39 0.27
C GLU B 318 31.47 11.06 0.97
N TYR B 319 32.71 10.59 0.87
CA TYR B 319 33.10 9.30 1.46
C TYR B 319 34.35 9.44 2.29
N VAL B 320 34.24 9.03 3.56
CA VAL B 320 35.30 9.18 4.54
C VAL B 320 35.54 7.82 5.16
N ALA B 321 36.50 7.74 6.07
CA ALA B 321 36.76 6.52 6.81
C ALA B 321 36.93 6.77 8.30
N VAL B 322 36.74 5.69 9.05
CA VAL B 322 36.85 5.69 10.48
C VAL B 322 37.57 4.40 10.87
N THR B 323 38.52 4.50 11.81
CA THR B 323 39.33 3.35 12.20
C THR B 323 38.57 2.42 13.15
N ASP B 324 39.14 1.24 13.36
CA ASP B 324 38.66 0.30 14.37
C ASP B 324 38.57 0.98 15.74
N GLU B 325 39.64 1.64 16.15
CA GLU B 325 39.68 2.30 17.46
C GLU B 325 38.54 3.32 17.62
N GLU B 326 38.31 4.11 16.57
CA GLU B 326 37.24 5.13 16.58
C GLU B 326 35.85 4.50 16.60
N ALA B 327 35.70 3.35 15.96
CA ALA B 327 34.43 2.62 15.96
C ALA B 327 34.09 2.06 17.34
N LEU B 328 35.06 1.38 17.95
CA LEU B 328 34.92 0.87 19.32
C LEU B 328 34.56 1.97 20.32
N LYS B 329 35.17 3.14 20.17
CA LYS B 329 34.88 4.27 21.05
C LYS B 329 33.43 4.76 20.90
N ALA B 330 32.94 4.82 19.67
CA ALA B 330 31.54 5.19 19.42
C ALA B 330 30.56 4.14 19.96
N PHE B 331 30.96 2.87 19.90
CA PHE B 331 30.20 1.76 20.45
C PHE B 331 29.97 1.93 21.97
N HIS B 332 31.03 2.22 22.72
CA HIS B 332 30.93 2.46 24.17
C HIS B 332 30.26 3.79 24.49
N GLU B 333 30.58 4.83 23.71
CA GLU B 333 30.00 6.15 23.94
C GLU B 333 28.47 6.09 23.86
N LEU B 334 27.96 5.42 22.82
CA LEU B 334 26.51 5.35 22.57
C LEU B 334 25.79 4.43 23.54
N SER B 335 26.42 3.32 23.90
CA SER B 335 25.91 2.41 24.90
C SER B 335 25.70 3.10 26.24
N ARG B 336 26.72 3.81 26.70
CA ARG B 336 26.70 4.51 27.99
C ARG B 336 25.86 5.78 28.00
N THR B 337 25.96 6.58 26.95
CA THR B 337 25.32 7.90 26.91
C THR B 337 23.84 7.86 26.53
N GLU B 338 23.46 6.90 25.70
CA GLU B 338 22.10 6.81 25.19
C GLU B 338 21.39 5.48 25.45
N GLY B 339 22.09 4.49 25.99
CA GLY B 339 21.49 3.19 26.27
C GLY B 339 21.10 2.41 25.03
N ILE B 340 21.85 2.61 23.93
CA ILE B 340 21.66 1.87 22.70
C ILE B 340 23.01 1.23 22.37
N ILE B 341 23.05 -0.10 22.34
CA ILE B 341 24.24 -0.85 21.97
C ILE B 341 24.23 -1.01 20.44
N PRO B 342 25.08 -0.24 19.71
CA PRO B 342 25.03 -0.29 18.26
C PRO B 342 25.83 -1.43 17.68
N ALA B 343 25.48 -1.85 16.45
CA ALA B 343 26.37 -2.75 15.68
C ALA B 343 27.68 -2.03 15.43
N LEU B 344 28.77 -2.79 15.42
CA LEU B 344 30.10 -2.23 15.13
C LEU B 344 30.18 -1.54 13.76
N GLU B 345 29.41 -2.02 12.79
CA GLU B 345 29.32 -1.39 11.47
C GLU B 345 28.73 0.00 11.64
N SER B 346 27.59 0.06 12.31
CA SER B 346 26.89 1.31 12.63
C SER B 346 27.74 2.29 13.43
N ALA B 347 28.51 1.76 14.38
CA ALA B 347 29.41 2.58 15.20
C ALA B 347 30.40 3.43 14.38
N HIS B 348 30.80 2.93 13.20
CA HIS B 348 31.59 3.73 12.27
C HIS B 348 30.81 4.99 11.91
N ALA B 349 29.55 4.82 11.57
CA ALA B 349 28.67 5.96 11.25
C ALA B 349 28.56 6.90 12.45
N VAL B 350 28.37 6.32 13.64
CA VAL B 350 28.24 7.11 14.86
C VAL B 350 29.55 7.86 15.15
N ALA B 351 30.68 7.19 14.99
CA ALA B 351 32.01 7.78 15.26
C ALA B 351 32.28 9.02 14.43
N TYR B 352 31.95 8.97 13.14
CA TYR B 352 32.14 10.12 12.24
C TYR B 352 31.12 11.23 12.51
N ALA B 353 29.88 10.83 12.82
CA ALA B 353 28.83 11.80 13.14
C ALA B 353 29.18 12.64 14.36
N MET B 354 29.84 12.02 15.35
CA MET B 354 30.28 12.73 16.56
C MET B 354 31.41 13.71 16.29
N LYS B 355 32.32 13.35 15.38
CA LYS B 355 33.38 14.26 14.92
C LYS B 355 32.80 15.42 14.12
N LEU B 356 31.85 15.09 13.23
CA LEU B 356 31.23 16.08 12.36
C LEU B 356 30.30 17.02 13.12
N ALA B 357 29.56 16.48 14.08
CA ALA B 357 28.66 17.26 14.94
C ALA B 357 29.39 18.39 15.67
N LYS B 358 30.61 18.11 16.13
CA LYS B 358 31.44 19.11 16.83
C LYS B 358 31.72 20.37 15.99
N GLU B 359 32.04 20.18 14.71
CA GLU B 359 32.33 21.30 13.80
C GLU B 359 31.08 22.08 13.35
N MET B 360 29.88 21.49 13.55
CA MET B 360 28.60 22.10 13.15
C MET B 360 27.90 22.80 14.32
N SER B 361 26.88 23.61 14.00
CA SER B 361 26.23 24.50 14.98
C SER B 361 24.99 23.87 15.63
N ARG B 362 24.56 24.46 16.75
CA ARG B 362 23.38 24.00 17.51
C ARG B 362 22.09 23.95 16.69
N ASP B 363 21.93 24.91 15.78
CA ASP B 363 20.76 24.96 14.89
C ASP B 363 20.72 23.85 13.83
N GLU B 364 21.87 23.24 13.53
CA GLU B 364 21.98 22.26 12.45
C GLU B 364 21.66 20.82 12.89
N ILE B 365 21.35 19.97 11.90
CA ILE B 365 20.74 18.66 12.08
C ILE B 365 21.51 17.56 11.32
N ILE B 366 21.87 16.48 12.01
CA ILE B 366 22.49 15.30 11.42
C ILE B 366 21.65 14.05 11.72
N ILE B 367 21.36 13.26 10.69
CA ILE B 367 20.75 11.94 10.88
C ILE B 367 21.81 10.87 10.66
N VAL B 368 21.99 10.00 11.64
CA VAL B 368 22.86 8.83 11.54
C VAL B 368 22.00 7.58 11.33
N ASN B 369 22.30 6.78 10.30
CA ASN B 369 21.61 5.51 10.11
C ASN B 369 22.23 4.51 11.08
N LEU B 370 21.48 4.16 12.12
CA LEU B 370 21.93 3.16 13.06
C LEU B 370 21.48 1.81 12.51
N SER B 371 22.35 1.21 11.71
CA SER B 371 21.96 0.12 10.83
C SER B 371 21.62 -1.17 11.58
N GLY B 372 22.24 -1.40 12.72
CA GLY B 372 22.01 -2.60 13.49
C GLY B 372 22.28 -2.45 14.98
N ARG B 373 21.84 -3.45 15.74
CA ARG B 373 22.14 -3.54 17.17
C ARG B 373 23.41 -4.37 17.40
N GLY B 374 24.07 -4.14 18.52
CA GLY B 374 25.39 -4.68 18.79
C GLY B 374 25.51 -6.01 19.48
N ASP B 375 24.37 -6.69 19.71
CA ASP B 375 24.32 -7.98 20.40
C ASP B 375 25.24 -9.01 19.78
N LYS B 376 25.29 -9.03 18.44
CA LYS B 376 26.17 -9.92 17.68
C LYS B 376 27.67 -9.66 17.89
N ASP B 377 28.01 -8.45 18.33
CA ASP B 377 29.41 -8.01 18.47
C ASP B 377 29.98 -8.08 19.88
N LEU B 378 29.25 -8.66 20.83
CA LEU B 378 29.67 -8.65 22.23
C LEU B 378 31.01 -9.37 22.47
N ASP B 379 31.18 -10.54 21.86
CA ASP B 379 32.48 -11.27 21.92
C ASP B 379 33.64 -10.44 21.37
N ILE B 380 33.40 -9.75 20.25
CA ILE B 380 34.43 -8.93 19.60
C ILE B 380 34.85 -7.75 20.46
N VAL B 381 33.88 -7.03 21.02
CA VAL B 381 34.17 -5.86 21.85
C VAL B 381 34.81 -6.31 23.17
N LEU B 382 34.45 -7.51 23.64
CA LEU B 382 35.02 -8.12 24.84
C LEU B 382 36.50 -8.47 24.69
N LYS B 383 36.87 -9.08 23.56
CA LYS B 383 38.28 -9.38 23.25
C LYS B 383 39.08 -8.11 23.01
N ALA B 384 38.48 -7.17 22.27
CA ALA B 384 39.06 -5.83 22.04
C ALA B 384 39.36 -5.07 23.33
N SER B 385 38.54 -5.29 24.36
CA SER B 385 38.89 -4.83 25.71
C SER B 385 40.04 -5.68 26.24
N MET C 1 -18.44 -5.68 14.41
CA MET C 1 -19.88 -5.31 14.28
C MET C 1 -20.15 -3.82 14.56
N TRP C 2 -19.42 -3.23 15.51
CA TRP C 2 -19.64 -1.84 15.90
C TRP C 2 -18.51 -0.89 15.51
N PHE C 3 -18.84 0.40 15.38
CA PHE C 3 -17.86 1.47 15.31
C PHE C 3 -18.26 2.43 16.40
N GLY C 4 -17.54 2.38 17.52
CA GLY C 4 -17.99 2.99 18.76
C GLY C 4 -19.35 2.41 19.10
N GLU C 5 -20.37 3.27 19.19
CA GLU C 5 -21.75 2.86 19.49
C GLU C 5 -22.60 2.56 18.26
N PHE C 6 -22.07 2.83 17.06
CA PHE C 6 -22.84 2.77 15.83
C PHE C 6 -22.60 1.46 15.09
N GLY C 7 -23.59 1.03 14.32
CA GLY C 7 -23.48 -0.17 13.49
C GLY C 7 -24.51 -1.22 13.87
N GLY C 8 -24.04 -2.46 14.06
CA GLY C 8 -24.88 -3.57 14.49
C GLY C 8 -25.58 -4.32 13.36
N GLN C 9 -26.43 -5.28 13.77
CA GLN C 9 -27.26 -6.08 12.87
C GLN C 9 -28.73 -6.03 13.30
N TYR C 10 -29.40 -4.90 13.06
CA TYR C 10 -30.81 -4.74 13.44
C TYR C 10 -31.73 -5.29 12.34
N VAL C 11 -31.77 -6.62 12.27
CA VAL C 11 -32.42 -7.36 11.18
C VAL C 11 -33.34 -8.43 11.77
N PRO C 12 -34.35 -8.90 10.99
CA PRO C 12 -35.17 -10.01 11.48
C PRO C 12 -34.35 -11.30 11.62
N GLU C 13 -34.89 -12.24 12.38
CA GLU C 13 -34.13 -13.43 12.79
C GLU C 13 -33.72 -14.34 11.63
N THR C 14 -34.51 -14.35 10.56
CA THR C 14 -34.19 -15.10 9.34
C THR C 14 -32.92 -14.63 8.61
N LEU C 15 -32.47 -13.40 8.85
CA LEU C 15 -31.23 -12.88 8.25
C LEU C 15 -29.97 -13.04 9.12
N VAL C 16 -30.12 -13.48 10.37
CA VAL C 16 -28.96 -13.65 11.27
C VAL C 16 -28.00 -14.73 10.78
N GLY C 17 -28.54 -15.90 10.43
CA GLY C 17 -27.77 -17.01 9.87
C GLY C 17 -27.08 -16.68 8.55
N PRO C 18 -27.82 -16.17 7.55
CA PRO C 18 -27.24 -15.70 6.28
C PRO C 18 -26.16 -14.62 6.41
N LEU C 19 -26.42 -13.61 7.24
CA LEU C 19 -25.39 -12.59 7.54
C LEU C 19 -24.15 -13.18 8.21
N LYS C 20 -24.33 -14.15 9.09
CA LYS C 20 -23.20 -14.88 9.69
C LYS C 20 -22.40 -15.66 8.62
N GLU C 21 -23.11 -16.35 7.72
CA GLU C 21 -22.47 -17.00 6.56
C GLU C 21 -21.64 -16.02 5.72
N LEU C 22 -22.20 -14.84 5.45
CA LEU C 22 -21.51 -13.80 4.69
C LEU C 22 -20.22 -13.33 5.37
N GLU C 23 -20.27 -13.17 6.69
CA GLU C 23 -19.12 -12.71 7.47
C GLU C 23 -17.98 -13.72 7.44
N LYS C 24 -18.30 -15.00 7.60
CA LYS C 24 -17.29 -16.06 7.66
C LYS C 24 -16.67 -16.30 6.28
N ALA C 25 -17.50 -16.35 5.25
CA ALA C 25 -17.02 -16.39 3.88
C ALA C 25 -16.08 -15.21 3.62
N TYR C 26 -16.53 -14.01 3.96
CA TYR C 26 -15.76 -12.79 3.73
C TYR C 26 -14.41 -12.83 4.41
N LYS C 27 -14.41 -13.18 5.70
CA LYS C 27 -13.17 -13.29 6.46
C LYS C 27 -12.25 -14.40 5.90
N ARG C 28 -12.85 -15.48 5.40
CA ARG C 28 -12.09 -16.54 4.70
C ARG C 28 -11.39 -16.03 3.44
N PHE C 29 -12.12 -15.27 2.63
CA PHE C 29 -11.62 -14.81 1.32
C PHE C 29 -10.83 -13.51 1.32
N LYS C 30 -11.08 -12.60 2.26
CA LYS C 30 -10.46 -11.25 2.19
C LYS C 30 -8.93 -11.25 2.20
N ASP C 31 -8.32 -12.21 2.89
CA ASP C 31 -6.87 -12.34 2.95
C ASP C 31 -6.38 -13.59 2.20
N ASP C 32 -7.21 -14.16 1.33
CA ASP C 32 -6.87 -15.35 0.55
C ASP C 32 -6.07 -14.94 -0.70
N GLU C 33 -5.09 -15.77 -1.07
CA GLU C 33 -4.21 -15.49 -2.22
C GLU C 33 -4.98 -15.42 -3.54
N GLU C 34 -5.72 -16.49 -3.83
CA GLU C 34 -6.47 -16.63 -5.10
C GLU C 34 -7.58 -15.61 -5.26
N PHE C 35 -8.31 -15.32 -4.17
CA PHE C 35 -9.39 -14.32 -4.20
C PHE C 35 -8.87 -12.93 -4.52
N ASN C 36 -7.77 -12.55 -3.89
CA ASN C 36 -7.16 -11.23 -4.11
C ASN C 36 -6.54 -11.11 -5.50
N ARG C 37 -5.95 -12.19 -5.99
CA ARG C 37 -5.41 -12.26 -7.35
C ARG C 37 -6.54 -11.99 -8.35
N GLN C 38 -7.63 -12.75 -8.22
CA GLN C 38 -8.78 -12.67 -9.13
C GLN C 38 -9.50 -11.31 -9.07
N LEU C 39 -9.59 -10.74 -7.87
CA LEU C 39 -10.18 -9.41 -7.68
C LEU C 39 -9.31 -8.31 -8.29
N ASN C 40 -8.01 -8.35 -8.00
CA ASN C 40 -7.08 -7.34 -8.50
C ASN C 40 -6.96 -7.43 -10.02
N TYR C 41 -7.00 -8.66 -10.53
CA TYR C 41 -7.05 -8.94 -11.97
C TYR C 41 -8.19 -8.21 -12.67
N TYR C 42 -9.42 -8.38 -12.17
CA TYR C 42 -10.59 -7.68 -12.74
C TYR C 42 -10.51 -6.17 -12.53
N LEU C 43 -10.05 -5.71 -11.37
CA LEU C 43 -9.91 -4.27 -11.13
C LEU C 43 -8.92 -3.60 -12.10
N LYS C 44 -7.84 -4.30 -12.44
CA LYS C 44 -6.85 -3.79 -13.39
C LYS C 44 -7.34 -3.86 -14.83
N THR C 45 -7.63 -5.08 -15.29
CA THR C 45 -7.87 -5.34 -16.71
C THR C 45 -9.27 -4.95 -17.17
N TRP C 46 -10.27 -5.12 -16.31
CA TRP C 46 -11.65 -4.85 -16.67
C TRP C 46 -12.11 -3.46 -16.19
N ALA C 47 -11.74 -3.07 -14.98
CA ALA C 47 -12.16 -1.78 -14.42
C ALA C 47 -11.21 -0.62 -14.72
N GLY C 48 -9.94 -0.92 -15.01
CA GLY C 48 -8.94 0.09 -15.36
C GLY C 48 -8.18 0.71 -14.20
N ARG C 49 -8.15 0.03 -13.06
CA ARG C 49 -7.34 0.48 -11.92
C ARG C 49 -5.85 0.18 -12.18
N PRO C 50 -4.94 1.03 -11.69
CA PRO C 50 -5.24 2.17 -10.83
C PRO C 50 -5.75 3.38 -11.60
N THR C 51 -6.61 4.16 -10.97
CA THR C 51 -7.06 5.42 -11.53
C THR C 51 -6.00 6.45 -11.25
N PRO C 52 -5.89 7.48 -12.10
CA PRO C 52 -4.87 8.50 -11.84
C PRO C 52 -5.25 9.43 -10.70
N LEU C 53 -4.26 10.20 -10.26
CA LEU C 53 -4.43 11.28 -9.32
C LEU C 53 -4.05 12.54 -10.08
N TYR C 54 -5.05 13.33 -10.47
CA TYR C 54 -4.87 14.49 -11.35
C TYR C 54 -4.66 15.78 -10.58
N TYR C 55 -3.61 16.52 -10.92
CA TYR C 55 -3.38 17.86 -10.37
C TYR C 55 -4.21 18.87 -11.17
N ALA C 56 -5.21 19.47 -10.53
CA ALA C 56 -6.00 20.54 -11.16
C ALA C 56 -5.24 21.86 -11.03
N LYS C 57 -4.29 22.08 -11.93
CA LYS C 57 -3.43 23.27 -11.92
C LYS C 57 -4.23 24.54 -12.22
N ARG C 58 -4.99 24.50 -13.31
CA ARG C 58 -5.83 25.63 -13.74
C ARG C 58 -6.82 26.07 -12.66
N LEU C 59 -7.48 25.12 -12.00
CA LEU C 59 -8.37 25.42 -10.87
C LEU C 59 -7.59 25.98 -9.68
N THR C 60 -6.49 25.30 -9.33
CA THR C 60 -5.62 25.69 -8.20
C THR C 60 -5.13 27.13 -8.30
N GLU C 61 -4.56 27.48 -9.45
CA GLU C 61 -4.00 28.82 -9.70
C GLU C 61 -5.06 29.93 -9.70
N LYS C 62 -6.24 29.63 -10.27
CA LYS C 62 -7.40 30.55 -10.28
C LYS C 62 -7.85 30.92 -8.85
N ILE C 63 -7.91 29.92 -7.97
CA ILE C 63 -8.26 30.14 -6.56
C ILE C 63 -7.14 30.90 -5.84
N GLY C 64 -5.91 30.44 -6.01
CA GLY C 64 -4.73 31.10 -5.43
C GLY C 64 -4.39 30.67 -4.01
N GLY C 65 -4.86 29.48 -3.61
CA GLY C 65 -4.46 28.86 -2.34
C GLY C 65 -3.93 27.46 -2.58
N ALA C 66 -4.38 26.49 -1.78
CA ALA C 66 -3.81 25.12 -1.81
C ALA C 66 -3.94 24.39 -3.15
N LYS C 67 -3.05 23.42 -3.35
CA LYS C 67 -3.07 22.53 -4.52
C LYS C 67 -4.26 21.59 -4.43
N VAL C 68 -5.06 21.53 -5.50
CA VAL C 68 -6.21 20.64 -5.60
C VAL C 68 -5.86 19.46 -6.52
N TYR C 69 -5.77 18.27 -5.92
CA TYR C 69 -5.59 17.02 -6.65
C TYR C 69 -6.93 16.31 -6.71
N LEU C 70 -7.30 15.82 -7.89
CA LEU C 70 -8.51 15.00 -8.05
C LEU C 70 -8.13 13.53 -8.22
N LYS C 71 -8.68 12.68 -7.35
CA LYS C 71 -8.58 11.23 -7.50
C LYS C 71 -9.69 10.82 -8.45
N ARG C 72 -9.30 10.23 -9.59
CA ARG C 72 -10.16 10.17 -10.76
C ARG C 72 -10.94 8.84 -10.85
N GLU C 73 -11.89 8.66 -9.95
CA GLU C 73 -12.80 7.49 -9.99
C GLU C 73 -13.85 7.60 -11.08
N ASP C 74 -14.09 8.82 -11.57
CA ASP C 74 -14.82 9.05 -12.81
C ASP C 74 -14.31 8.23 -14.04
N LEU C 75 -13.05 7.78 -14.00
CA LEU C 75 -12.46 6.96 -15.07
C LEU C 75 -12.53 5.45 -14.86
N VAL C 76 -13.12 5.01 -13.75
CA VAL C 76 -13.37 3.58 -13.54
C VAL C 76 -14.45 3.16 -14.55
N HIS C 77 -14.33 1.94 -15.05
CA HIS C 77 -15.34 1.33 -15.93
C HIS C 77 -16.74 1.45 -15.29
N GLY C 78 -17.68 2.03 -16.03
CA GLY C 78 -19.03 2.31 -15.55
C GLY C 78 -19.25 3.78 -15.19
N GLY C 79 -18.16 4.49 -14.89
CA GLY C 79 -18.18 5.92 -14.65
C GLY C 79 -18.28 6.36 -13.20
N ALA C 80 -17.99 5.46 -12.25
CA ALA C 80 -17.94 5.81 -10.83
C ALA C 80 -17.25 4.75 -9.97
N HIS C 81 -16.91 5.16 -8.76
CA HIS C 81 -16.33 4.28 -7.72
C HIS C 81 -17.11 3.01 -7.40
N LYS C 82 -18.42 3.01 -7.65
CA LYS C 82 -19.31 1.90 -7.30
C LYS C 82 -18.85 0.56 -7.82
N THR C 83 -18.20 0.56 -8.99
CA THR C 83 -17.66 -0.64 -9.59
C THR C 83 -16.69 -1.41 -8.68
N ASN C 84 -15.91 -0.72 -7.85
CA ASN C 84 -14.89 -1.40 -7.02
C ASN C 84 -15.53 -2.36 -6.04
N ASN C 85 -16.59 -1.86 -5.38
CA ASN C 85 -17.39 -2.64 -4.44
C ASN C 85 -18.20 -3.72 -5.16
N ALA C 86 -18.80 -3.36 -6.30
CA ALA C 86 -19.60 -4.29 -7.08
C ALA C 86 -18.82 -5.53 -7.50
N ILE C 87 -17.58 -5.34 -7.93
CA ILE C 87 -16.74 -6.45 -8.38
C ILE C 87 -16.40 -7.32 -7.17
N GLY C 88 -15.90 -6.71 -6.11
CA GLY C 88 -15.55 -7.45 -4.88
C GLY C 88 -16.67 -8.32 -4.37
N GLN C 89 -17.86 -7.72 -4.18
CA GLN C 89 -19.01 -8.45 -3.63
C GLN C 89 -19.53 -9.53 -4.56
N ALA C 90 -19.57 -9.25 -5.86
CA ALA C 90 -20.05 -10.20 -6.84
C ALA C 90 -19.15 -11.41 -6.89
N LEU C 91 -17.84 -11.20 -6.81
CA LEU C 91 -16.88 -12.30 -6.78
C LEU C 91 -17.09 -13.14 -5.52
N LEU C 92 -17.32 -12.47 -4.39
CA LEU C 92 -17.61 -13.13 -3.11
C LEU C 92 -18.88 -13.95 -3.25
N ALA C 93 -19.94 -13.32 -3.76
CA ALA C 93 -21.22 -14.01 -4.01
C ALA C 93 -21.03 -15.28 -4.85
N LYS C 94 -20.27 -15.18 -5.94
CA LYS C 94 -20.00 -16.33 -6.82
C LYS C 94 -19.23 -17.43 -6.08
N LEU C 95 -18.24 -17.04 -5.29
CA LEU C 95 -17.47 -18.01 -4.50
C LEU C 95 -18.28 -18.65 -3.37
N MET C 96 -19.32 -17.94 -2.91
CA MET C 96 -20.32 -18.50 -1.98
C MET C 96 -21.46 -19.27 -2.68
N GLY C 97 -21.30 -19.58 -3.97
CA GLY C 97 -22.29 -20.38 -4.70
C GLY C 97 -23.59 -19.71 -5.10
N LYS C 98 -23.74 -18.39 -4.86
CA LYS C 98 -24.98 -17.68 -5.21
C LYS C 98 -25.06 -17.52 -6.73
N THR C 99 -26.27 -17.59 -7.28
CA THR C 99 -26.48 -17.46 -8.73
C THR C 99 -27.14 -16.14 -9.13
N ARG C 100 -27.48 -15.29 -8.15
CA ARG C 100 -28.26 -14.10 -8.40
C ARG C 100 -27.77 -12.95 -7.54
N LEU C 101 -27.74 -11.75 -8.12
CA LEU C 101 -27.43 -10.53 -7.40
C LEU C 101 -28.69 -9.67 -7.38
N ILE C 102 -28.96 -9.04 -6.23
CA ILE C 102 -29.95 -7.97 -6.17
C ILE C 102 -29.31 -6.75 -5.54
N ALA C 103 -29.83 -5.58 -5.88
CA ALA C 103 -29.26 -4.33 -5.41
C ALA C 103 -30.23 -3.18 -5.57
N GLU C 104 -30.14 -2.24 -4.64
CA GLU C 104 -30.79 -0.93 -4.72
C GLU C 104 -29.98 0.00 -5.59
N THR C 105 -30.63 1.02 -6.14
CA THR C 105 -29.90 2.12 -6.78
C THR C 105 -30.74 3.41 -6.84
N GLY C 106 -30.03 4.54 -6.84
CA GLY C 106 -30.64 5.87 -6.89
C GLY C 106 -30.12 6.67 -8.06
N ALA C 107 -28.81 6.92 -8.08
CA ALA C 107 -28.13 7.52 -9.25
C ALA C 107 -28.11 6.57 -10.46
N GLY C 108 -28.26 5.27 -10.21
CA GLY C 108 -28.16 4.25 -11.24
C GLY C 108 -26.76 3.72 -11.42
N GLN C 109 -25.76 4.39 -10.83
CA GLN C 109 -24.37 3.96 -10.96
C GLN C 109 -24.16 2.60 -10.28
N HIS C 110 -24.70 2.43 -9.08
CA HIS C 110 -24.54 1.17 -8.37
C HIS C 110 -25.26 0.04 -9.10
N GLY C 111 -26.45 0.35 -9.60
CA GLY C 111 -27.22 -0.58 -10.41
C GLY C 111 -26.50 -0.99 -11.68
N VAL C 112 -25.93 -0.02 -12.39
CA VAL C 112 -25.12 -0.29 -13.58
C VAL C 112 -23.90 -1.11 -13.19
N ALA C 113 -23.23 -0.71 -12.12
CA ALA C 113 -22.04 -1.44 -11.66
C ALA C 113 -22.34 -2.88 -11.28
N THR C 114 -23.49 -3.11 -10.64
CA THR C 114 -23.91 -4.47 -10.27
C THR C 114 -24.32 -5.27 -11.50
N ALA C 115 -25.03 -4.61 -12.41
CA ALA C 115 -25.37 -5.19 -13.70
C ALA C 115 -24.11 -5.55 -14.50
N MET C 116 -23.09 -4.70 -14.48
CA MET C 116 -21.84 -4.99 -15.18
C MET C 116 -21.10 -6.16 -14.57
N ALA C 117 -20.98 -6.13 -13.23
CA ALA C 117 -20.28 -7.19 -12.49
C ALA C 117 -20.96 -8.53 -12.66
N GLY C 118 -22.29 -8.52 -12.70
CA GLY C 118 -23.07 -9.75 -12.89
C GLY C 118 -22.93 -10.32 -14.28
N ALA C 119 -22.98 -9.44 -15.28
CA ALA C 119 -22.66 -9.82 -16.65
C ALA C 119 -21.28 -10.46 -16.69
N LEU C 120 -20.28 -9.80 -16.13
CA LEU C 120 -18.90 -10.30 -16.13
C LEU C 120 -18.78 -11.70 -15.56
N LEU C 121 -19.49 -11.96 -14.46
CA LEU C 121 -19.38 -13.22 -13.73
C LEU C 121 -20.52 -14.22 -14.01
N GLY C 122 -21.43 -13.88 -14.91
CA GLY C 122 -22.45 -14.82 -15.38
C GLY C 122 -23.58 -15.08 -14.40
N MET C 123 -23.94 -14.05 -13.64
CA MET C 123 -24.95 -14.12 -12.62
C MET C 123 -26.17 -13.30 -13.06
N LYS C 124 -27.36 -13.74 -12.64
CA LYS C 124 -28.60 -12.98 -12.86
C LYS C 124 -28.58 -11.75 -11.97
N VAL C 125 -29.22 -10.67 -12.42
CA VAL C 125 -29.25 -9.41 -11.68
C VAL C 125 -30.62 -8.78 -11.76
N ASP C 126 -31.19 -8.48 -10.58
CA ASP C 126 -32.39 -7.65 -10.45
C ASP C 126 -32.03 -6.39 -9.66
N ILE C 127 -32.55 -5.25 -10.11
CA ILE C 127 -32.21 -3.96 -9.52
C ILE C 127 -33.50 -3.22 -9.13
N TYR C 128 -33.60 -2.83 -7.87
CA TYR C 128 -34.71 -2.01 -7.38
C TYR C 128 -34.31 -0.54 -7.47
N MET C 129 -35.16 0.26 -8.11
CA MET C 129 -34.87 1.67 -8.36
C MET C 129 -36.14 2.50 -8.16
N GLY C 130 -36.02 3.61 -7.43
CA GLY C 130 -37.14 4.53 -7.21
C GLY C 130 -37.64 5.15 -8.51
N ALA C 131 -38.95 5.17 -8.68
CA ALA C 131 -39.59 5.65 -9.91
C ALA C 131 -39.14 7.05 -10.36
N GLU C 132 -38.85 7.94 -9.40
CA GLU C 132 -38.39 9.29 -9.70
C GLU C 132 -36.96 9.23 -10.24
N ASP C 133 -36.16 8.35 -9.64
CA ASP C 133 -34.80 8.08 -10.12
C ASP C 133 -34.77 7.37 -11.49
N VAL C 134 -35.80 6.58 -11.80
CA VAL C 134 -35.96 5.94 -13.12
C VAL C 134 -36.03 7.01 -14.21
N GLU C 135 -36.89 8.00 -14.01
CA GLU C 135 -37.00 9.14 -14.93
C GLU C 135 -35.71 9.98 -14.87
N ARG C 136 -35.38 10.42 -13.66
CA ARG C 136 -34.28 11.34 -13.38
C ARG C 136 -32.89 10.88 -13.87
N GLN C 137 -32.64 9.57 -13.88
CA GLN C 137 -31.36 8.98 -14.33
C GLN C 137 -31.59 7.89 -15.43
N LYS C 138 -32.50 8.18 -16.38
CA LYS C 138 -32.97 7.23 -17.41
C LYS C 138 -31.87 6.60 -18.28
N MET C 139 -30.78 7.34 -18.49
CA MET C 139 -29.61 6.82 -19.21
C MET C 139 -29.04 5.58 -18.50
N ASN C 140 -28.94 5.64 -17.18
CA ASN C 140 -28.47 4.49 -16.40
C ASN C 140 -29.46 3.34 -16.38
N VAL C 141 -30.75 3.64 -16.51
CA VAL C 141 -31.79 2.61 -16.66
C VAL C 141 -31.61 1.77 -17.94
N PHE C 142 -31.38 2.42 -19.09
CA PHE C 142 -31.25 1.62 -20.32
CA PHE C 142 -31.17 1.73 -20.38
C PHE C 142 -29.91 0.86 -20.31
N ARG C 143 -28.86 1.45 -19.73
CA ARG C 143 -27.58 0.75 -19.54
C ARG C 143 -27.76 -0.58 -18.82
N MET C 144 -28.52 -0.55 -17.71
CA MET C 144 -28.80 -1.76 -16.92
C MET C 144 -29.53 -2.82 -17.72
N LYS C 145 -30.53 -2.41 -18.47
CA LYS C 145 -31.27 -3.31 -19.36
C LYS C 145 -30.37 -3.90 -20.44
N LEU C 146 -29.56 -3.07 -21.09
CA LEU C 146 -28.62 -3.59 -22.11
C LEU C 146 -27.59 -4.54 -21.54
N LEU C 147 -27.25 -4.36 -20.26
CA LEU C 147 -26.36 -5.29 -19.53
C LEU C 147 -27.04 -6.61 -19.11
N GLY C 148 -28.34 -6.75 -19.35
CA GLY C 148 -29.06 -7.97 -19.06
C GLY C 148 -29.73 -8.03 -17.69
N ALA C 149 -29.69 -6.94 -16.93
CA ALA C 149 -30.33 -6.89 -15.60
C ALA C 149 -31.78 -6.48 -15.71
N ASN C 150 -32.60 -6.92 -14.75
CA ASN C 150 -34.00 -6.51 -14.66
C ASN C 150 -34.12 -5.31 -13.74
N VAL C 151 -34.61 -4.19 -14.26
CA VAL C 151 -34.88 -3.01 -13.47
C VAL C 151 -36.34 -3.09 -12.99
N ILE C 152 -36.54 -3.04 -11.68
CA ILE C 152 -37.87 -3.13 -11.08
C ILE C 152 -38.23 -1.75 -10.50
N PRO C 153 -39.07 -0.97 -11.22
CA PRO C 153 -39.38 0.37 -10.72
C PRO C 153 -40.19 0.31 -9.41
N VAL C 154 -39.84 1.20 -8.46
CA VAL C 154 -40.47 1.25 -7.16
C VAL C 154 -41.37 2.48 -7.08
N ASN C 155 -42.62 2.25 -6.69
CA ASN C 155 -43.69 3.27 -6.68
C ASN C 155 -44.01 3.79 -5.27
N SER C 156 -43.41 3.17 -4.24
CA SER C 156 -43.74 3.46 -2.82
C SER C 156 -43.08 4.75 -2.33
N GLY C 157 -43.73 5.40 -1.35
CA GLY C 157 -43.16 6.54 -0.63
C GLY C 157 -42.66 7.71 -1.48
N SER C 158 -41.40 8.09 -1.27
CA SER C 158 -40.77 9.20 -2.01
C SER C 158 -40.43 8.91 -3.47
N ARG C 159 -40.44 7.62 -3.85
CA ARG C 159 -39.99 7.16 -5.17
C ARG C 159 -38.47 7.45 -5.38
N THR C 160 -37.71 7.32 -4.28
CA THR C 160 -36.25 7.59 -4.26
C THR C 160 -35.51 6.38 -3.64
N LEU C 161 -34.21 6.56 -3.35
CA LEU C 161 -33.33 5.48 -2.83
C LEU C 161 -33.88 4.69 -1.62
N LYS C 162 -34.37 5.40 -0.59
CA LYS C 162 -34.95 4.78 0.62
C LYS C 162 -36.00 3.70 0.27
N ASP C 163 -36.84 4.04 -0.71
CA ASP C 163 -37.95 3.20 -1.14
C ASP C 163 -37.47 1.99 -1.93
N ALA C 164 -36.44 2.19 -2.74
CA ALA C 164 -35.78 1.09 -3.43
C ALA C 164 -35.14 0.08 -2.47
N ILE C 165 -34.56 0.59 -1.38
CA ILE C 165 -33.93 -0.26 -0.35
C ILE C 165 -34.96 -1.13 0.37
N ASN C 166 -36.11 -0.54 0.72
CA ASN C 166 -37.18 -1.28 1.39
C ASN C 166 -37.61 -2.50 0.57
N GLU C 167 -37.90 -2.27 -0.71
CA GLU C 167 -38.31 -3.34 -1.62
C GLU C 167 -37.21 -4.40 -1.83
N ALA C 168 -35.96 -3.95 -1.91
CA ALA C 168 -34.79 -4.85 -2.02
C ALA C 168 -34.58 -5.75 -0.79
N LEU C 169 -34.71 -5.14 0.39
CA LEU C 169 -34.62 -5.89 1.66
C LEU C 169 -35.73 -6.93 1.75
N ARG C 170 -36.94 -6.54 1.35
CA ARG C 170 -38.09 -7.46 1.29
C ARG C 170 -37.84 -8.68 0.41
N ASP C 171 -37.20 -8.45 -0.75
CA ASP C 171 -36.82 -9.55 -1.67
C ASP C 171 -35.76 -10.44 -1.01
N TRP C 172 -34.70 -9.81 -0.52
CA TRP C 172 -33.58 -10.53 0.10
C TRP C 172 -34.02 -11.41 1.29
N VAL C 173 -34.96 -10.92 2.09
CA VAL C 173 -35.55 -11.73 3.18
C VAL C 173 -36.05 -13.08 2.66
N ALA C 174 -36.70 -13.05 1.49
CA ALA C 174 -37.25 -14.25 0.85
C ALA C 174 -36.22 -15.09 0.05
N THR C 175 -35.27 -14.45 -0.64
CA THR C 175 -34.46 -15.14 -1.66
C THR C 175 -32.99 -15.46 -1.31
N PHE C 176 -32.59 -15.19 -0.06
CA PHE C 176 -31.18 -15.30 0.38
C PHE C 176 -30.39 -16.60 0.11
N GLU C 177 -31.09 -17.73 -0.05
CA GLU C 177 -30.41 -19.03 -0.26
C GLU C 177 -29.55 -19.07 -1.52
N TYR C 178 -30.04 -18.42 -2.58
CA TYR C 178 -29.33 -18.33 -3.86
C TYR C 178 -29.03 -16.89 -4.31
N THR C 179 -29.49 -15.89 -3.55
CA THR C 179 -29.37 -14.48 -3.90
C THR C 179 -28.38 -13.77 -2.97
N HIS C 180 -27.48 -12.97 -3.54
CA HIS C 180 -26.64 -12.08 -2.75
C HIS C 180 -27.22 -10.68 -2.87
N TYR C 181 -27.48 -10.03 -1.74
CA TYR C 181 -27.89 -8.63 -1.74
C TYR C 181 -26.63 -7.78 -1.78
N LEU C 182 -26.39 -7.18 -2.95
CA LEU C 182 -25.17 -6.39 -3.19
C LEU C 182 -25.44 -4.93 -2.82
N ILE C 183 -25.16 -4.61 -1.56
CA ILE C 183 -25.41 -3.27 -1.02
C ILE C 183 -24.30 -2.35 -1.55
N GLY C 184 -24.72 -1.19 -2.06
CA GLY C 184 -23.83 -0.26 -2.75
C GLY C 184 -23.17 0.84 -1.96
N SER C 185 -23.37 0.86 -0.64
CA SER C 185 -22.72 1.84 0.23
C SER C 185 -22.36 1.23 1.58
N VAL C 186 -21.71 2.02 2.44
CA VAL C 186 -21.18 1.53 3.73
C VAL C 186 -22.28 1.57 4.79
N VAL C 187 -23.40 0.91 4.45
CA VAL C 187 -24.65 0.99 5.19
C VAL C 187 -25.18 -0.43 5.32
N GLY C 188 -26.37 -0.59 5.90
CA GLY C 188 -26.95 -1.91 6.13
C GLY C 188 -26.34 -2.55 7.36
N PRO C 189 -26.73 -3.79 7.66
CA PRO C 189 -26.25 -4.48 8.84
C PRO C 189 -24.84 -5.00 8.61
N HIS C 190 -24.09 -5.22 9.70
CA HIS C 190 -22.81 -5.91 9.64
C HIS C 190 -23.01 -7.23 8.88
N PRO C 191 -22.10 -7.63 7.98
CA PRO C 191 -20.78 -7.02 7.77
C PRO C 191 -20.66 -6.02 6.60
N TYR C 192 -21.79 -5.51 6.10
CA TYR C 192 -21.77 -4.70 4.88
C TYR C 192 -20.98 -3.39 4.98
N PRO C 193 -21.16 -2.61 6.08
CA PRO C 193 -20.31 -1.42 6.25
C PRO C 193 -18.81 -1.75 6.22
N THR C 194 -18.42 -2.85 6.86
CA THR C 194 -17.03 -3.29 6.86
C THR C 194 -16.59 -3.75 5.47
N ILE C 195 -17.45 -4.53 4.80
CA ILE C 195 -17.13 -5.08 3.49
C ILE C 195 -16.98 -4.00 2.41
N VAL C 196 -17.89 -3.02 2.39
CA VAL C 196 -17.90 -1.98 1.36
C VAL C 196 -16.73 -1.01 1.54
N ARG C 197 -16.42 -0.63 2.78
CA ARG C 197 -15.26 0.21 3.06
C ARG C 197 -13.95 -0.50 2.64
N ASP C 198 -13.83 -1.78 2.97
CA ASP C 198 -12.68 -2.61 2.58
C ASP C 198 -12.49 -2.71 1.06
N PHE C 199 -13.57 -2.87 0.29
CA PHE C 199 -13.46 -2.95 -1.19
C PHE C 199 -13.25 -1.60 -1.87
N GLN C 200 -13.58 -0.51 -1.17
CA GLN C 200 -13.24 0.85 -1.64
C GLN C 200 -11.90 1.36 -1.10
N SER C 201 -11.31 0.68 -0.12
CA SER C 201 -10.03 1.10 0.49
C SER C 201 -8.88 1.16 -0.50
N VAL C 202 -8.99 0.40 -1.60
CA VAL C 202 -8.10 0.55 -2.75
C VAL C 202 -7.93 2.01 -3.22
N ILE C 203 -9.01 2.79 -3.21
CA ILE C 203 -8.96 4.20 -3.65
C ILE C 203 -7.91 4.96 -2.84
N GLY C 204 -8.00 4.87 -1.51
CA GLY C 204 -7.07 5.58 -0.62
C GLY C 204 -5.64 5.09 -0.69
N ARG C 205 -5.44 3.79 -0.90
CA ARG C 205 -4.09 3.20 -0.96
C ARG C 205 -3.34 3.66 -2.21
N GLU C 206 -4.04 3.71 -3.34
CA GLU C 206 -3.50 4.30 -4.58
C GLU C 206 -3.21 5.78 -4.39
N ALA C 207 -4.19 6.52 -3.89
CA ALA C 207 -4.02 7.96 -3.65
C ALA C 207 -2.88 8.32 -2.67
N LYS C 208 -2.63 7.47 -1.68
CA LYS C 208 -1.49 7.67 -0.75
C LYS C 208 -0.16 7.47 -1.46
N ALA C 209 -0.03 6.35 -2.15
CA ALA C 209 1.17 6.05 -2.93
C ALA C 209 1.41 7.13 -4.00
N GLN C 210 0.33 7.57 -4.65
CA GLN C 210 0.41 8.55 -5.72
C GLN C 210 0.81 9.95 -5.26
N ILE C 211 0.21 10.44 -4.17
CA ILE C 211 0.54 11.77 -3.66
C ILE C 211 1.95 11.84 -3.03
N LEU C 212 2.42 10.75 -2.43
CA LEU C 212 3.83 10.62 -2.00
C LEU C 212 4.80 10.68 -3.18
N GLU C 213 4.43 10.07 -4.31
CA GLU C 213 5.21 10.17 -5.53
C GLU C 213 5.16 11.57 -6.13
N ALA C 214 3.97 12.16 -6.17
CA ALA C 214 3.75 13.47 -6.80
C ALA C 214 4.32 14.63 -5.99
N GLU C 215 4.17 14.58 -4.66
CA GLU C 215 4.50 15.70 -3.77
C GLU C 215 5.54 15.41 -2.68
N GLY C 216 5.98 14.16 -2.54
CA GLY C 216 6.94 13.78 -1.49
C GLY C 216 6.39 13.87 -0.07
N GLN C 217 5.07 13.86 0.06
CA GLN C 217 4.41 14.04 1.36
C GLN C 217 2.94 13.65 1.30
N LEU C 218 2.34 13.55 2.48
CA LEU C 218 0.92 13.23 2.63
C LEU C 218 0.09 14.50 2.43
N PRO C 219 -1.20 14.35 2.04
CA PRO C 219 -2.03 15.55 1.90
C PRO C 219 -2.34 16.18 3.25
N ASP C 220 -2.71 17.45 3.22
CA ASP C 220 -3.16 18.14 4.44
C ASP C 220 -4.63 17.79 4.67
N VAL C 221 -5.42 17.85 3.60
CA VAL C 221 -6.84 17.50 3.65
C VAL C 221 -7.20 16.50 2.55
N ILE C 222 -8.14 15.60 2.88
CA ILE C 222 -8.80 14.75 1.90
C ILE C 222 -10.29 15.06 1.98
N VAL C 223 -10.86 15.39 0.82
CA VAL C 223 -12.26 15.81 0.71
C VAL C 223 -13.06 14.82 -0.17
N ALA C 224 -14.23 14.41 0.32
CA ALA C 224 -15.08 13.46 -0.38
C ALA C 224 -16.55 13.71 -0.07
N CYS C 225 -17.43 13.52 -1.05
CA CYS C 225 -18.87 13.61 -0.81
C CYS C 225 -19.35 12.38 -0.05
N VAL C 226 -20.45 12.55 0.67
CA VAL C 226 -21.01 11.50 1.53
C VAL C 226 -22.52 11.40 1.26
N GLY C 227 -22.94 10.23 0.77
CA GLY C 227 -24.33 9.80 0.78
C GLY C 227 -24.47 8.83 1.94
N GLY C 228 -24.42 7.53 1.63
CA GLY C 228 -24.17 6.50 2.63
C GLY C 228 -22.73 6.57 3.13
N GLY C 229 -21.80 6.93 2.23
CA GLY C 229 -20.42 7.28 2.56
C GLY C 229 -19.32 6.36 2.06
N SER C 230 -19.58 5.54 1.04
CA SER C 230 -18.60 4.55 0.57
C SER C 230 -17.35 5.14 -0.11
N ASN C 231 -17.51 6.19 -0.93
CA ASN C 231 -16.35 6.77 -1.63
C ASN C 231 -15.48 7.50 -0.61
N ALA C 232 -16.13 8.23 0.28
CA ALA C 232 -15.46 8.85 1.40
C ALA C 232 -14.68 7.84 2.25
N MET C 233 -15.31 6.73 2.66
CA MET C 233 -14.57 5.71 3.45
C MET C 233 -13.49 5.02 2.62
N GLY C 234 -13.74 4.84 1.33
CA GLY C 234 -12.75 4.29 0.44
C GLY C 234 -11.46 5.07 0.43
N ILE C 235 -11.58 6.39 0.36
CA ILE C 235 -10.40 7.25 0.30
C ILE C 235 -9.87 7.65 1.69
N PHE C 236 -10.74 7.76 2.70
CA PHE C 236 -10.32 8.06 4.09
C PHE C 236 -9.50 6.95 4.77
N TYR C 237 -9.96 5.71 4.65
CA TYR C 237 -9.50 4.62 5.54
C TYR C 237 -7.98 4.38 5.63
N PRO C 238 -7.25 4.30 4.50
CA PRO C 238 -5.77 4.21 4.61
C PRO C 238 -5.06 5.40 5.27
N PHE C 239 -5.70 6.57 5.31
CA PHE C 239 -5.15 7.76 5.99
C PHE C 239 -5.57 7.93 7.47
N VAL C 240 -6.32 7.00 8.06
CA VAL C 240 -6.89 7.17 9.41
C VAL C 240 -5.81 7.35 10.48
N ASN C 241 -4.84 6.45 10.49
CA ASN C 241 -3.73 6.47 11.46
C ASN C 241 -2.62 7.46 11.09
N ASP C 242 -2.70 8.10 9.94
CA ASP C 242 -1.91 9.29 9.63
C ASP C 242 -2.61 10.50 10.25
N LYS C 243 -2.25 10.79 11.50
CA LYS C 243 -2.97 11.76 12.35
C LYS C 243 -2.99 13.19 11.81
N LYS C 244 -1.95 13.59 11.07
CA LYS C 244 -1.87 14.95 10.52
C LYS C 244 -2.81 15.19 9.34
N VAL C 245 -3.28 14.12 8.68
CA VAL C 245 -4.13 14.25 7.51
C VAL C 245 -5.58 14.49 7.93
N LYS C 246 -6.11 15.69 7.61
CA LYS C 246 -7.50 16.03 7.90
C LYS C 246 -8.44 15.30 6.93
N LEU C 247 -9.63 14.93 7.41
CA LEU C 247 -10.63 14.21 6.63
C LEU C 247 -11.97 14.97 6.67
N VAL C 248 -12.51 15.31 5.50
CA VAL C 248 -13.76 16.08 5.40
C VAL C 248 -14.78 15.38 4.49
N GLY C 249 -15.96 15.11 5.04
CA GLY C 249 -17.08 14.58 4.27
C GLY C 249 -18.02 15.72 3.90
N VAL C 250 -18.51 15.74 2.66
CA VAL C 250 -19.39 16.81 2.20
C VAL C 250 -20.77 16.24 1.88
N GLU C 251 -21.71 16.43 2.82
CA GLU C 251 -23.09 15.94 2.62
C GLU C 251 -23.88 16.86 1.72
N ALA C 252 -25.04 16.38 1.27
CA ALA C 252 -25.93 17.15 0.42
C ALA C 252 -26.71 18.17 1.24
N GLY C 253 -26.39 19.45 1.04
CA GLY C 253 -27.10 20.57 1.63
C GLY C 253 -28.46 20.83 1.02
N GLY C 254 -28.72 20.27 -0.16
CA GLY C 254 -30.04 20.33 -0.78
C GLY C 254 -30.48 21.74 -1.10
N LYS C 255 -31.71 22.09 -0.70
CA LYS C 255 -32.21 23.46 -0.86
C LYS C 255 -31.81 24.39 0.29
N GLY C 256 -30.84 23.98 1.10
CA GLY C 256 -30.45 24.70 2.31
C GLY C 256 -30.76 23.85 3.52
N LEU C 257 -29.83 23.81 4.48
CA LEU C 257 -29.99 23.04 5.72
C LEU C 257 -31.19 23.50 6.57
N GLU C 258 -31.60 24.77 6.43
CA GLU C 258 -32.80 25.29 7.09
C GLU C 258 -34.03 25.36 6.17
N SER C 259 -34.09 24.51 5.15
CA SER C 259 -35.25 24.40 4.24
C SER C 259 -36.05 23.10 4.39
N GLY C 260 -35.56 22.16 5.20
CA GLY C 260 -36.13 20.81 5.28
C GLY C 260 -36.00 19.93 4.03
N LYS C 261 -35.17 20.33 3.05
CA LYS C 261 -35.03 19.56 1.81
C LYS C 261 -33.55 19.38 1.48
N HIS C 262 -32.97 18.38 2.12
CA HIS C 262 -31.55 18.08 2.09
C HIS C 262 -31.34 16.63 2.55
N SER C 263 -30.10 16.17 2.55
CA SER C 263 -29.77 14.79 2.94
C SER C 263 -28.55 14.70 3.86
N ALA C 264 -28.29 15.80 4.59
CA ALA C 264 -27.16 15.90 5.52
C ALA C 264 -27.54 15.24 6.84
N SER C 265 -27.34 13.93 6.89
CA SER C 265 -27.68 13.10 8.03
C SER C 265 -26.80 13.39 9.25
N LEU C 266 -25.51 13.58 9.03
CA LEU C 266 -24.57 13.92 10.10
C LEU C 266 -24.74 15.34 10.64
N ASN C 267 -25.27 16.26 9.83
CA ASN C 267 -25.52 17.65 10.30
C ASN C 267 -26.79 17.74 11.12
N ALA C 268 -27.92 17.42 10.49
CA ALA C 268 -29.25 17.61 11.07
C ALA C 268 -29.95 16.34 11.58
N GLY C 269 -29.39 15.17 11.28
CA GLY C 269 -30.04 13.91 11.63
C GLY C 269 -29.99 13.56 13.11
N GLN C 270 -30.90 12.67 13.49
CA GLN C 270 -31.04 12.14 14.84
C GLN C 270 -30.59 10.68 14.83
N VAL C 271 -29.98 10.24 15.93
CA VAL C 271 -29.57 8.84 16.07
C VAL C 271 -30.82 7.96 16.02
N GLY C 272 -30.76 6.88 15.24
CA GLY C 272 -31.92 6.03 15.00
C GLY C 272 -31.54 4.66 14.45
N VAL C 273 -32.55 3.83 14.23
CA VAL C 273 -32.35 2.47 13.74
C VAL C 273 -33.30 2.20 12.59
N SER C 274 -32.72 2.20 11.38
CA SER C 274 -33.43 1.83 10.16
C SER C 274 -32.45 1.12 9.20
N HIS C 275 -33.01 0.33 8.29
CA HIS C 275 -32.24 -0.49 7.32
C HIS C 275 -31.07 -1.28 7.93
N GLY C 276 -31.32 -1.84 9.12
CA GLY C 276 -30.39 -2.78 9.77
C GLY C 276 -29.22 -2.23 10.58
N MET C 277 -29.17 -0.90 10.74
CA MET C 277 -28.01 -0.26 11.38
C MET C 277 -28.43 0.82 12.36
N LEU C 278 -27.58 1.04 13.36
CA LEU C 278 -27.72 2.16 14.27
C LEU C 278 -26.79 3.26 13.76
N SER C 279 -27.41 4.33 13.27
CA SER C 279 -26.68 5.45 12.64
C SER C 279 -27.58 6.70 12.67
N TYR C 280 -27.17 7.76 11.99
CA TYR C 280 -27.94 9.01 11.92
C TYR C 280 -28.95 8.95 10.78
N PHE C 281 -30.17 9.37 11.05
CA PHE C 281 -31.22 9.50 10.04
C PHE C 281 -31.96 10.82 10.25
N LEU C 282 -32.44 11.42 9.16
CA LEU C 282 -33.26 12.65 9.24
C LEU C 282 -34.65 12.29 9.72
N GLN C 283 -35.24 13.12 10.58
CA GLN C 283 -36.54 12.80 11.20
C GLN C 283 -37.40 14.04 11.48
N ASP C 284 -38.71 13.85 11.40
CA ASP C 284 -39.67 14.90 11.79
C ASP C 284 -39.73 15.06 13.32
N GLU C 285 -40.58 15.99 13.78
CA GLU C 285 -40.78 16.23 15.22
C GLU C 285 -41.41 15.04 15.98
N GLU C 286 -42.21 14.22 15.28
CA GLU C 286 -42.75 12.97 15.84
C GLU C 286 -41.77 11.78 15.78
N GLY C 287 -40.60 11.95 15.19
CA GLY C 287 -39.53 10.93 15.24
C GLY C 287 -39.43 9.92 14.11
N GLN C 288 -40.36 9.93 13.15
CA GLN C 288 -40.26 9.06 11.95
C GLN C 288 -39.36 9.68 10.89
N ILE C 289 -38.84 8.83 10.01
CA ILE C 289 -37.92 9.25 8.95
C ILE C 289 -38.61 10.26 8.02
N LYS C 290 -37.89 11.34 7.69
CA LYS C 290 -38.37 12.40 6.80
C LYS C 290 -37.77 12.16 5.42
N PRO C 291 -38.58 12.31 4.35
CA PRO C 291 -38.02 12.18 3.00
C PRO C 291 -36.87 13.15 2.74
N SER C 292 -35.78 12.65 2.19
CA SER C 292 -34.60 13.46 1.89
C SER C 292 -34.76 14.12 0.52
N HIS C 293 -33.83 15.00 0.21
CA HIS C 293 -33.75 15.61 -1.11
C HIS C 293 -32.31 15.97 -1.41
N SER C 294 -31.94 15.77 -2.67
CA SER C 294 -30.73 16.37 -3.22
C SER C 294 -30.88 16.43 -4.72
N ILE C 295 -30.27 17.45 -5.32
CA ILE C 295 -30.19 17.54 -6.78
C ILE C 295 -29.37 16.36 -7.33
N ALA C 296 -28.37 15.93 -6.56
CA ALA C 296 -27.60 14.74 -6.89
C ALA C 296 -28.38 13.54 -6.40
N PRO C 297 -28.96 12.74 -7.32
CA PRO C 297 -29.77 11.59 -6.89
C PRO C 297 -29.00 10.48 -6.19
N GLY C 298 -27.67 10.47 -6.32
CA GLY C 298 -26.82 9.59 -5.52
C GLY C 298 -26.69 9.94 -4.04
N LEU C 299 -27.01 11.17 -3.64
CA LEU C 299 -26.95 11.59 -2.22
C LEU C 299 -28.32 11.73 -1.57
N ASP C 300 -29.39 11.55 -2.36
CA ASP C 300 -30.77 11.75 -1.91
C ASP C 300 -31.23 10.54 -1.07
N TYR C 301 -30.76 10.53 0.18
CA TYR C 301 -31.07 9.46 1.14
C TYR C 301 -31.05 10.04 2.58
N PRO C 302 -32.08 9.69 3.41
CA PRO C 302 -32.10 10.24 4.78
C PRO C 302 -30.98 9.77 5.71
N GLY C 303 -30.49 8.54 5.54
CA GLY C 303 -29.42 7.98 6.38
C GLY C 303 -27.96 8.15 5.96
N VAL C 304 -27.08 7.58 6.77
CA VAL C 304 -25.62 7.60 6.54
C VAL C 304 -24.95 6.43 7.27
N GLY C 305 -23.80 5.98 6.76
CA GLY C 305 -23.08 4.82 7.31
C GLY C 305 -22.58 4.98 8.75
N PRO C 306 -22.53 3.87 9.53
CA PRO C 306 -22.12 3.93 10.94
C PRO C 306 -20.65 4.24 11.20
N GLU C 307 -19.75 3.82 10.31
CA GLU C 307 -18.34 4.16 10.46
C GLU C 307 -18.12 5.67 10.39
N HIS C 308 -18.96 6.38 9.62
CA HIS C 308 -18.93 7.86 9.63
C HIS C 308 -19.45 8.48 10.92
N ALA C 309 -20.53 7.94 11.48
CA ALA C 309 -21.05 8.41 12.76
C ALA C 309 -19.92 8.38 13.80
N TYR C 310 -19.24 7.24 13.88
CA TYR C 310 -18.06 7.04 14.71
C TYR C 310 -16.92 8.04 14.45
N LEU C 311 -16.57 8.27 13.19
CA LEU C 311 -15.51 9.25 12.84
C LEU C 311 -15.87 10.69 13.22
N LYS C 312 -17.14 11.05 13.05
CA LYS C 312 -17.67 12.31 13.57
C LYS C 312 -17.63 12.34 15.12
N LYS C 313 -18.09 11.25 15.75
CA LYS C 313 -18.15 11.16 17.22
C LYS C 313 -16.78 11.31 17.87
N ILE C 314 -15.79 10.56 17.39
CA ILE C 314 -14.39 10.70 17.88
C ILE C 314 -13.66 11.91 17.30
N GLN C 315 -14.29 12.62 16.35
CA GLN C 315 -13.74 13.81 15.70
C GLN C 315 -12.44 13.52 14.94
N ARG C 316 -12.37 12.34 14.32
CA ARG C 316 -11.26 12.02 13.42
C ARG C 316 -11.54 12.69 12.07
N ALA C 317 -12.81 12.71 11.66
CA ALA C 317 -13.26 13.37 10.44
C ALA C 317 -14.23 14.48 10.79
N GLU C 318 -14.11 15.60 10.09
CA GLU C 318 -15.10 16.68 10.13
C GLU C 318 -16.15 16.33 9.10
N TYR C 319 -17.33 16.93 9.21
CA TYR C 319 -18.38 16.78 8.18
C TYR C 319 -19.08 18.10 7.90
N VAL C 320 -19.30 18.38 6.62
CA VAL C 320 -19.84 19.67 6.17
C VAL C 320 -20.94 19.44 5.14
N ALA C 321 -21.63 20.51 4.78
CA ALA C 321 -22.69 20.45 3.78
C ALA C 321 -22.48 21.50 2.71
N VAL C 322 -22.88 21.15 1.49
CA VAL C 322 -22.86 22.02 0.32
C VAL C 322 -24.24 21.94 -0.34
N THR C 323 -24.74 23.06 -0.84
CA THR C 323 -26.09 23.12 -1.42
C THR C 323 -26.18 22.63 -2.87
N ASP C 324 -27.40 22.53 -3.37
CA ASP C 324 -27.67 22.19 -4.78
C ASP C 324 -26.99 23.17 -5.72
N GLU C 325 -27.16 24.46 -5.44
CA GLU C 325 -26.58 25.51 -6.28
C GLU C 325 -25.06 25.57 -6.19
N GLU C 326 -24.49 25.36 -5.01
CA GLU C 326 -23.04 25.25 -4.86
C GLU C 326 -22.46 24.05 -5.63
N ALA C 327 -23.15 22.92 -5.60
CA ALA C 327 -22.74 21.71 -6.33
C ALA C 327 -22.89 21.89 -7.85
N LEU C 328 -23.96 22.57 -8.26
CA LEU C 328 -24.25 22.83 -9.66
C LEU C 328 -23.26 23.84 -10.28
N LYS C 329 -22.85 24.85 -9.50
CA LYS C 329 -21.78 25.77 -9.91
C LYS C 329 -20.43 25.07 -10.05
N ALA C 330 -20.16 24.08 -9.18
CA ALA C 330 -18.92 23.29 -9.25
C ALA C 330 -18.87 22.35 -10.46
N PHE C 331 -20.04 21.89 -10.89
CA PHE C 331 -20.19 21.06 -12.09
C PHE C 331 -19.70 21.82 -13.33
N HIS C 332 -20.23 23.03 -13.53
CA HIS C 332 -19.86 23.88 -14.65
C HIS C 332 -18.40 24.32 -14.56
N GLU C 333 -17.97 24.64 -13.34
CA GLU C 333 -16.61 25.11 -13.07
C GLU C 333 -15.54 24.10 -13.46
N LEU C 334 -15.70 22.85 -13.02
CA LEU C 334 -14.73 21.81 -13.34
C LEU C 334 -14.73 21.49 -14.83
N SER C 335 -15.93 21.47 -15.43
CA SER C 335 -16.12 21.21 -16.85
C SER C 335 -15.32 22.17 -17.75
N ARG C 336 -15.43 23.46 -17.46
CA ARG C 336 -14.79 24.51 -18.26
C ARG C 336 -13.32 24.75 -17.91
N THR C 337 -12.93 24.50 -16.65
CA THR C 337 -11.59 24.81 -16.16
C THR C 337 -10.60 23.65 -16.34
N GLU C 338 -11.07 22.42 -16.13
CA GLU C 338 -10.22 21.24 -16.25
C GLU C 338 -10.66 20.23 -17.33
N GLY C 339 -11.74 20.50 -18.04
CA GLY C 339 -12.23 19.57 -19.06
C GLY C 339 -12.74 18.24 -18.51
N ILE C 340 -13.27 18.27 -17.29
CA ILE C 340 -13.78 17.07 -16.63
C ILE C 340 -15.21 17.37 -16.21
N ILE C 341 -16.16 16.62 -16.76
CA ILE C 341 -17.57 16.74 -16.34
C ILE C 341 -17.79 15.76 -15.18
N PRO C 342 -17.91 16.28 -13.94
CA PRO C 342 -18.07 15.39 -12.81
C PRO C 342 -19.53 14.97 -12.63
N ALA C 343 -19.75 13.92 -11.85
CA ALA C 343 -21.09 13.61 -11.33
C ALA C 343 -21.54 14.73 -10.39
N LEU C 344 -22.85 14.97 -10.32
CA LEU C 344 -23.41 15.93 -9.33
C LEU C 344 -23.07 15.59 -7.87
N GLU C 345 -22.86 14.30 -7.59
CA GLU C 345 -22.49 13.84 -6.26
C GLU C 345 -21.07 14.31 -5.92
N SER C 346 -20.15 14.02 -6.84
CA SER C 346 -18.75 14.47 -6.75
C SER C 346 -18.64 16.00 -6.75
N ALA C 347 -19.56 16.68 -7.45
CA ALA C 347 -19.57 18.13 -7.56
C ALA C 347 -19.73 18.85 -6.22
N HIS C 348 -20.45 18.22 -5.30
CA HIS C 348 -20.56 18.71 -3.92
C HIS C 348 -19.18 18.78 -3.29
N ALA C 349 -18.39 17.71 -3.43
CA ALA C 349 -17.04 17.66 -2.85
C ALA C 349 -16.07 18.66 -3.50
N VAL C 350 -16.21 18.86 -4.80
CA VAL C 350 -15.44 19.87 -5.55
C VAL C 350 -15.79 21.25 -5.01
N ALA C 351 -17.09 21.53 -4.88
CA ALA C 351 -17.57 22.84 -4.38
C ALA C 351 -16.97 23.24 -3.03
N TYR C 352 -16.86 22.29 -2.10
CA TYR C 352 -16.28 22.58 -0.79
C TYR C 352 -14.76 22.73 -0.85
N ALA C 353 -14.11 21.87 -1.64
CA ALA C 353 -12.66 21.98 -1.85
C ALA C 353 -12.25 23.34 -2.42
N MET C 354 -13.09 23.90 -3.29
CA MET C 354 -12.88 25.25 -3.84
C MET C 354 -12.90 26.33 -2.76
N LYS C 355 -13.85 26.25 -1.83
CA LYS C 355 -13.90 27.16 -0.70
C LYS C 355 -12.75 26.89 0.28
N LEU C 356 -12.51 25.62 0.60
CA LEU C 356 -11.42 25.23 1.50
C LEU C 356 -10.01 25.63 1.00
N ALA C 357 -9.75 25.45 -0.30
CA ALA C 357 -8.45 25.86 -0.89
C ALA C 357 -8.19 27.36 -0.77
N LYS C 358 -9.25 28.16 -0.88
CA LYS C 358 -9.19 29.63 -0.73
C LYS C 358 -8.72 30.09 0.66
N GLU C 359 -9.08 29.33 1.69
CA GLU C 359 -8.69 29.64 3.08
C GLU C 359 -7.41 28.90 3.54
N MET C 360 -6.80 28.12 2.63
CA MET C 360 -5.59 27.34 2.92
C MET C 360 -4.39 27.91 2.16
N SER C 361 -3.20 27.49 2.60
CA SER C 361 -1.92 27.98 2.07
C SER C 361 -1.55 27.26 0.77
N ARG C 362 -0.74 27.93 -0.06
CA ARG C 362 -0.32 27.39 -1.36
C ARG C 362 0.54 26.13 -1.26
N ASP C 363 1.35 26.03 -0.20
CA ASP C 363 2.17 24.84 0.07
C ASP C 363 1.36 23.61 0.53
N GLU C 364 0.14 23.81 1.02
CA GLU C 364 -0.72 22.70 1.47
C GLU C 364 -1.40 21.99 0.30
N ILE C 365 -1.92 20.79 0.58
CA ILE C 365 -2.39 19.84 -0.44
C ILE C 365 -3.80 19.32 -0.10
N ILE C 366 -4.72 19.46 -1.07
CA ILE C 366 -6.05 18.87 -1.00
C ILE C 366 -6.20 17.76 -2.05
N ILE C 367 -6.57 16.56 -1.62
CA ILE C 367 -7.03 15.49 -2.50
C ILE C 367 -8.56 15.48 -2.43
N VAL C 368 -9.21 15.72 -3.58
CA VAL C 368 -10.66 15.61 -3.73
C VAL C 368 -10.98 14.26 -4.38
N ASN C 369 -11.92 13.50 -3.81
CA ASN C 369 -12.34 12.26 -4.44
C ASN C 369 -13.37 12.59 -5.51
N LEU C 370 -13.00 12.36 -6.77
CA LEU C 370 -13.93 12.57 -7.89
C LEU C 370 -14.68 11.28 -8.16
N SER C 371 -15.75 11.09 -7.38
CA SER C 371 -16.43 9.79 -7.26
C SER C 371 -16.96 9.24 -8.58
N GLY C 372 -17.52 10.10 -9.43
CA GLY C 372 -18.02 9.67 -10.73
C GLY C 372 -17.99 10.74 -11.80
N ARG C 373 -18.18 10.31 -13.06
CA ARG C 373 -18.39 11.22 -14.21
C ARG C 373 -19.85 11.65 -14.30
N GLY C 374 -20.11 12.70 -15.07
CA GLY C 374 -21.41 13.38 -15.10
C GLY C 374 -22.34 13.17 -16.28
N ASP C 375 -22.09 12.14 -17.09
CA ASP C 375 -22.91 11.90 -18.29
C ASP C 375 -24.37 11.59 -17.88
N LYS C 376 -24.53 10.78 -16.84
CA LYS C 376 -25.84 10.49 -16.23
C LYS C 376 -26.71 11.72 -15.90
N ASP C 377 -26.05 12.79 -15.46
CA ASP C 377 -26.73 14.01 -14.97
C ASP C 377 -27.01 15.09 -16.03
N LEU C 378 -26.77 14.81 -17.30
CA LEU C 378 -26.88 15.86 -18.33
C LEU C 378 -28.28 16.48 -18.42
N ASP C 379 -29.31 15.64 -18.36
CA ASP C 379 -30.69 16.12 -18.36
C ASP C 379 -31.06 16.91 -17.10
N ILE C 380 -30.50 16.52 -15.96
CA ILE C 380 -30.71 17.25 -14.69
C ILE C 380 -30.08 18.64 -14.76
N VAL C 381 -28.83 18.73 -15.24
CA VAL C 381 -28.11 20.00 -15.31
C VAL C 381 -28.72 20.94 -16.36
N LEU C 382 -29.27 20.38 -17.44
CA LEU C 382 -30.00 21.18 -18.44
C LEU C 382 -31.29 21.78 -17.87
N LYS C 383 -32.05 20.98 -17.12
CA LYS C 383 -33.26 21.46 -16.44
C LYS C 383 -32.92 22.23 -15.17
N MET D 1 4.22 12.92 -46.74
CA MET D 1 3.04 13.39 -47.54
C MET D 1 2.36 12.25 -48.31
N TRP D 2 3.15 11.28 -48.78
CA TRP D 2 2.68 10.21 -49.65
C TRP D 2 2.86 8.84 -48.99
N PHE D 3 1.84 8.01 -49.14
CA PHE D 3 1.88 6.61 -48.75
C PHE D 3 1.73 5.86 -50.06
N GLY D 4 2.87 5.70 -50.76
CA GLY D 4 2.88 5.27 -52.16
C GLY D 4 2.04 6.23 -52.98
N GLU D 5 0.98 5.73 -53.61
CA GLU D 5 0.14 6.52 -54.52
C GLU D 5 -0.97 7.33 -53.87
N PHE D 6 -1.07 7.30 -52.54
CA PHE D 6 -2.17 7.91 -51.81
C PHE D 6 -1.67 8.98 -50.86
N GLY D 7 -2.50 9.99 -50.64
CA GLY D 7 -2.21 11.06 -49.71
C GLY D 7 -2.19 12.39 -50.44
N GLY D 8 -1.16 13.19 -50.18
CA GLY D 8 -0.96 14.45 -50.88
C GLY D 8 -1.35 15.66 -50.05
N GLN D 9 -1.47 16.80 -50.74
CA GLN D 9 -1.79 18.08 -50.13
C GLN D 9 -2.59 18.93 -51.13
N TYR D 10 -3.72 18.37 -51.57
CA TYR D 10 -4.56 18.99 -52.61
C TYR D 10 -5.43 20.13 -52.06
N VAL D 11 -4.78 21.26 -51.76
CA VAL D 11 -5.44 22.42 -51.13
C VAL D 11 -5.28 23.68 -51.99
N PRO D 12 -6.15 24.69 -51.78
CA PRO D 12 -5.83 26.01 -52.37
C PRO D 12 -4.51 26.60 -51.85
N GLU D 13 -3.88 27.46 -52.65
CA GLU D 13 -2.55 28.02 -52.36
C GLU D 13 -2.48 28.76 -51.01
N THR D 14 -3.55 29.47 -50.64
CA THR D 14 -3.62 30.16 -49.35
C THR D 14 -3.31 29.25 -48.15
N LEU D 15 -3.72 27.99 -48.23
CA LEU D 15 -3.50 27.01 -47.15
C LEU D 15 -2.16 26.24 -47.17
N VAL D 16 -1.32 26.44 -48.18
CA VAL D 16 -0.02 25.74 -48.24
C VAL D 16 0.95 26.27 -47.16
N GLY D 17 0.90 27.59 -46.91
CA GLY D 17 1.71 28.23 -45.87
C GLY D 17 1.36 27.74 -44.46
N PRO D 18 0.08 27.85 -44.07
CA PRO D 18 -0.46 27.29 -42.82
C PRO D 18 -0.08 25.84 -42.56
N LEU D 19 -0.26 24.99 -43.57
CA LEU D 19 0.10 23.56 -43.47
C LEU D 19 1.61 23.31 -43.36
N LYS D 20 2.42 24.19 -43.96
CA LYS D 20 3.88 24.12 -43.83
C LYS D 20 4.37 24.59 -42.47
N GLU D 21 3.77 25.66 -41.94
CA GLU D 21 3.99 26.09 -40.55
C GLU D 21 3.69 24.97 -39.56
N LEU D 22 2.56 24.29 -39.77
CA LEU D 22 2.13 23.13 -38.97
C LEU D 22 3.13 21.98 -39.05
N GLU D 23 3.59 21.67 -40.27
CA GLU D 23 4.56 20.59 -40.48
C GLU D 23 5.91 20.85 -39.80
N LYS D 24 6.38 22.10 -39.84
CA LYS D 24 7.66 22.49 -39.20
C LYS D 24 7.54 22.55 -37.67
N ALA D 25 6.43 23.12 -37.18
CA ALA D 25 6.12 23.09 -35.74
C ALA D 25 6.09 21.64 -35.23
N TYR D 26 5.42 20.77 -35.96
CA TYR D 26 5.31 19.36 -35.59
C TYR D 26 6.68 18.64 -35.59
N LYS D 27 7.48 18.88 -36.62
CA LYS D 27 8.82 18.26 -36.75
C LYS D 27 9.74 18.71 -35.61
N ARG D 28 9.68 19.99 -35.29
CA ARG D 28 10.43 20.57 -34.17
C ARG D 28 10.06 19.88 -32.85
N PHE D 29 8.76 19.79 -32.56
CA PHE D 29 8.25 19.35 -31.25
C PHE D 29 8.10 17.84 -31.04
N LYS D 30 7.70 17.11 -32.08
CA LYS D 30 7.52 15.63 -32.04
C LYS D 30 8.54 14.88 -31.18
N ASP D 31 9.82 15.27 -31.27
CA ASP D 31 10.93 14.65 -30.52
C ASP D 31 11.43 15.49 -29.33
N ASP D 32 10.92 16.72 -29.18
CA ASP D 32 11.30 17.61 -28.08
C ASP D 32 11.03 16.95 -26.73
N GLU D 33 11.99 17.04 -25.81
CA GLU D 33 11.88 16.39 -24.50
C GLU D 33 10.72 16.96 -23.66
N GLU D 34 10.63 18.29 -23.63
CA GLU D 34 9.59 19.00 -22.87
C GLU D 34 8.18 18.74 -23.41
N PHE D 35 8.02 18.73 -24.74
CA PHE D 35 6.72 18.44 -25.35
C PHE D 35 6.21 17.06 -24.96
N ASN D 36 7.06 16.05 -25.15
CA ASN D 36 6.73 14.66 -24.80
C ASN D 36 6.46 14.44 -23.31
N ARG D 37 7.23 15.13 -22.44
CA ARG D 37 7.01 15.08 -20.98
C ARG D 37 5.62 15.64 -20.63
N GLN D 38 5.27 16.77 -21.26
CA GLN D 38 3.98 17.43 -21.05
C GLN D 38 2.82 16.67 -21.67
N LEU D 39 3.01 16.15 -22.89
CA LEU D 39 2.00 15.32 -23.53
C LEU D 39 1.72 14.04 -22.74
N ASN D 40 2.78 13.34 -22.34
CA ASN D 40 2.65 12.08 -21.59
C ASN D 40 2.05 12.28 -20.18
N TYR D 41 2.32 13.43 -19.58
CA TYR D 41 1.75 13.82 -18.29
C TYR D 41 0.23 13.99 -18.35
N TYR D 42 -0.27 14.63 -19.40
CA TYR D 42 -1.73 14.76 -19.59
C TYR D 42 -2.39 13.43 -19.96
N LEU D 43 -1.74 12.65 -20.83
CA LEU D 43 -2.27 11.32 -21.15
C LEU D 43 -2.36 10.44 -19.91
N LYS D 44 -1.39 10.53 -19.00
CA LYS D 44 -1.37 9.70 -17.79
C LYS D 44 -2.39 10.18 -16.75
N THR D 45 -2.21 11.41 -16.28
CA THR D 45 -2.97 11.91 -15.13
C THR D 45 -4.36 12.43 -15.50
N TRP D 46 -4.53 13.00 -16.69
CA TRP D 46 -5.82 13.58 -17.09
C TRP D 46 -6.66 12.60 -17.91
N ALA D 47 -6.05 11.92 -18.88
CA ALA D 47 -6.75 10.95 -19.73
C ALA D 47 -6.81 9.53 -19.13
N GLY D 48 -5.89 9.19 -18.22
CA GLY D 48 -5.88 7.87 -17.58
C GLY D 48 -5.19 6.77 -18.36
N ARG D 49 -4.24 7.15 -19.25
CA ARG D 49 -3.42 6.16 -19.94
C ARG D 49 -2.39 5.59 -18.95
N PRO D 50 -2.00 4.33 -19.09
CA PRO D 50 -2.45 3.42 -20.13
C PRO D 50 -3.84 2.82 -19.86
N THR D 51 -4.55 2.54 -20.95
CA THR D 51 -5.78 1.77 -20.87
C THR D 51 -5.37 0.31 -20.76
N PRO D 52 -6.20 -0.54 -20.12
CA PRO D 52 -5.86 -1.96 -20.01
C PRO D 52 -6.17 -2.76 -21.25
N LEU D 53 -5.54 -3.93 -21.35
CA LEU D 53 -5.84 -4.92 -22.36
C LEU D 53 -6.57 -6.06 -21.65
N TYR D 54 -7.85 -6.22 -21.97
CA TYR D 54 -8.74 -7.09 -21.23
C TYR D 54 -8.97 -8.40 -21.95
N TYR D 55 -8.78 -9.51 -21.26
CA TYR D 55 -9.13 -10.83 -21.80
C TYR D 55 -10.61 -11.12 -21.63
N ALA D 56 -11.37 -11.02 -22.72
CA ALA D 56 -12.79 -11.38 -22.71
C ALA D 56 -12.96 -12.89 -22.65
N LYS D 57 -12.83 -13.43 -21.42
CA LYS D 57 -12.82 -14.87 -21.18
C LYS D 57 -14.16 -15.55 -21.52
N ARG D 58 -15.27 -14.95 -21.10
CA ARG D 58 -16.59 -15.54 -21.37
C ARG D 58 -16.91 -15.57 -22.85
N LEU D 59 -16.70 -14.44 -23.53
CA LEU D 59 -16.93 -14.34 -24.97
C LEU D 59 -16.06 -15.37 -25.71
N THR D 60 -14.80 -15.46 -25.32
CA THR D 60 -13.86 -16.42 -25.90
C THR D 60 -14.39 -17.85 -25.76
N GLU D 61 -14.81 -18.20 -24.55
CA GLU D 61 -15.30 -19.55 -24.26
C GLU D 61 -16.62 -19.87 -24.96
N LYS D 62 -17.49 -18.88 -25.03
CA LYS D 62 -18.77 -19.01 -25.73
C LYS D 62 -18.58 -19.27 -27.23
N ILE D 63 -17.67 -18.54 -27.87
CA ILE D 63 -17.39 -18.70 -29.31
C ILE D 63 -16.68 -20.03 -29.56
N GLY D 64 -15.73 -20.38 -28.70
CA GLY D 64 -15.10 -21.69 -28.69
C GLY D 64 -13.77 -21.78 -29.41
N GLY D 65 -13.27 -20.66 -29.95
CA GLY D 65 -12.05 -20.65 -30.74
C GLY D 65 -10.95 -19.83 -30.11
N ALA D 66 -10.43 -18.84 -30.86
CA ALA D 66 -9.30 -18.04 -30.42
C ALA D 66 -9.61 -17.11 -29.25
N LYS D 67 -8.55 -16.77 -28.51
CA LYS D 67 -8.66 -15.82 -27.42
C LYS D 67 -8.94 -14.42 -27.96
N VAL D 68 -9.93 -13.76 -27.36
CA VAL D 68 -10.29 -12.39 -27.70
C VAL D 68 -9.88 -11.43 -26.58
N TYR D 69 -8.92 -10.57 -26.89
CA TYR D 69 -8.52 -9.49 -26.00
C TYR D 69 -9.11 -8.20 -26.51
N LEU D 70 -9.46 -7.30 -25.59
CA LEU D 70 -10.02 -6.00 -25.93
C LEU D 70 -9.06 -4.96 -25.44
N LYS D 71 -8.60 -4.08 -26.35
CA LYS D 71 -7.80 -2.95 -25.96
C LYS D 71 -8.79 -1.87 -25.59
N ARG D 72 -8.73 -1.41 -24.35
CA ARG D 72 -9.85 -0.69 -23.72
C ARG D 72 -9.77 0.82 -23.85
N GLU D 73 -9.84 1.30 -25.09
CA GLU D 73 -9.90 2.75 -25.34
C GLU D 73 -11.22 3.36 -24.91
N ASP D 74 -12.22 2.52 -24.64
CA ASP D 74 -13.48 2.96 -24.01
C ASP D 74 -13.28 3.62 -22.65
N LEU D 75 -12.19 3.26 -21.95
CA LEU D 75 -11.87 3.82 -20.64
C LEU D 75 -11.07 5.11 -20.66
N VAL D 76 -10.71 5.62 -21.84
CA VAL D 76 -10.00 6.88 -21.94
C VAL D 76 -10.98 7.97 -21.54
N HIS D 77 -10.48 8.99 -20.87
CA HIS D 77 -11.29 10.16 -20.52
C HIS D 77 -12.00 10.68 -21.77
N GLY D 78 -13.32 10.81 -21.67
CA GLY D 78 -14.17 11.21 -22.80
C GLY D 78 -14.96 10.03 -23.34
N GLY D 79 -14.43 8.83 -23.17
CA GLY D 79 -15.06 7.59 -23.61
C GLY D 79 -14.63 7.08 -24.97
N ALA D 80 -13.53 7.61 -25.53
CA ALA D 80 -13.01 7.14 -26.83
C ALA D 80 -11.54 7.49 -27.08
N HIS D 81 -10.95 6.76 -28.02
CA HIS D 81 -9.57 6.98 -28.49
C HIS D 81 -9.26 8.42 -28.95
N LYS D 82 -10.28 9.10 -29.48
CA LYS D 82 -10.18 10.49 -29.98
C LYS D 82 -9.39 11.44 -29.08
N THR D 83 -9.52 11.28 -27.77
CA THR D 83 -8.86 12.14 -26.81
C THR D 83 -7.32 12.14 -26.89
N ASN D 84 -6.73 10.99 -27.26
CA ASN D 84 -5.27 10.89 -27.45
C ASN D 84 -4.77 11.92 -28.49
N ASN D 85 -5.52 12.03 -29.58
CA ASN D 85 -5.19 12.94 -30.69
C ASN D 85 -5.54 14.38 -30.36
N ALA D 86 -6.69 14.60 -29.74
CA ALA D 86 -7.12 15.94 -29.31
C ALA D 86 -6.10 16.64 -28.40
N ILE D 87 -5.65 15.94 -27.36
CA ILE D 87 -4.64 16.49 -26.43
C ILE D 87 -3.34 16.80 -27.18
N GLY D 88 -2.84 15.84 -27.94
CA GLY D 88 -1.63 16.02 -28.76
C GLY D 88 -1.64 17.26 -29.65
N GLN D 89 -2.72 17.44 -30.41
CA GLN D 89 -2.87 18.57 -31.31
C GLN D 89 -3.13 19.87 -30.58
N ALA D 90 -4.00 19.84 -29.58
CA ALA D 90 -4.30 21.03 -28.78
C ALA D 90 -3.06 21.61 -28.12
N LEU D 91 -2.22 20.73 -27.57
CA LEU D 91 -0.94 21.12 -26.97
C LEU D 91 0.05 21.67 -28.02
N LEU D 92 0.12 21.03 -29.18
CA LEU D 92 0.87 21.56 -30.33
C LEU D 92 0.34 22.93 -30.77
N ALA D 93 -0.99 23.06 -30.86
CA ALA D 93 -1.65 24.33 -31.20
C ALA D 93 -1.35 25.41 -30.15
N LYS D 94 -1.31 25.01 -28.89
CA LYS D 94 -0.93 25.91 -27.79
C LYS D 94 0.47 26.50 -28.01
N LEU D 95 1.44 25.63 -28.25
CA LEU D 95 2.85 26.04 -28.42
C LEU D 95 3.13 26.84 -29.71
N MET D 96 2.31 26.63 -30.74
CA MET D 96 2.37 27.42 -31.97
C MET D 96 1.76 28.83 -31.85
N GLY D 97 1.20 29.17 -30.69
CA GLY D 97 0.66 30.50 -30.41
C GLY D 97 -0.81 30.67 -30.69
N LYS D 98 -1.52 29.57 -30.95
CA LYS D 98 -2.93 29.62 -31.28
C LYS D 98 -3.73 29.82 -29.98
N THR D 99 -4.83 30.55 -30.09
CA THR D 99 -5.78 30.74 -29.00
C THR D 99 -7.07 29.93 -29.19
N ARG D 100 -7.26 29.34 -30.38
CA ARG D 100 -8.54 28.75 -30.78
C ARG D 100 -8.37 27.37 -31.42
N LEU D 101 -9.29 26.46 -31.10
CA LEU D 101 -9.42 25.16 -31.75
C LEU D 101 -10.72 25.12 -32.54
N ILE D 102 -10.70 24.44 -33.69
CA ILE D 102 -11.91 24.07 -34.39
C ILE D 102 -11.82 22.63 -34.86
N ALA D 103 -12.97 21.99 -35.02
CA ALA D 103 -13.03 20.61 -35.44
C ALA D 103 -14.39 20.22 -36.00
N GLU D 104 -14.34 19.32 -36.98
CA GLU D 104 -15.49 18.54 -37.43
C GLU D 104 -15.87 17.50 -36.38
N THR D 105 -17.14 17.08 -36.36
CA THR D 105 -17.52 15.87 -35.63
C THR D 105 -18.76 15.19 -36.22
N GLY D 106 -18.75 13.85 -36.20
CA GLY D 106 -19.90 13.02 -36.53
C GLY D 106 -20.50 12.46 -35.25
N ALA D 107 -19.89 11.37 -34.74
CA ALA D 107 -20.34 10.71 -33.50
C ALA D 107 -20.37 11.63 -32.27
N GLY D 108 -19.58 12.70 -32.31
CA GLY D 108 -19.52 13.65 -31.21
C GLY D 108 -18.31 13.40 -30.34
N GLN D 109 -17.72 12.20 -30.41
CA GLN D 109 -16.59 11.85 -29.56
C GLN D 109 -15.40 12.77 -29.84
N HIS D 110 -15.08 12.98 -31.11
CA HIS D 110 -14.01 13.90 -31.47
C HIS D 110 -14.35 15.34 -31.07
N GLY D 111 -15.59 15.74 -31.35
CA GLY D 111 -16.09 17.05 -30.93
C GLY D 111 -16.03 17.27 -29.42
N VAL D 112 -16.40 16.26 -28.63
CA VAL D 112 -16.27 16.34 -27.16
C VAL D 112 -14.80 16.35 -26.75
N ALA D 113 -13.99 15.49 -27.38
CA ALA D 113 -12.57 15.38 -27.04
C ALA D 113 -11.83 16.71 -27.22
N THR D 114 -12.18 17.45 -28.27
CA THR D 114 -11.54 18.74 -28.58
C THR D 114 -11.98 19.81 -27.58
N ALA D 115 -13.28 19.83 -27.26
CA ALA D 115 -13.81 20.69 -26.20
C ALA D 115 -13.10 20.45 -24.86
N MET D 116 -12.91 19.18 -24.51
CA MET D 116 -12.19 18.81 -23.29
C MET D 116 -10.74 19.33 -23.31
N ALA D 117 -10.03 19.04 -24.41
CA ALA D 117 -8.65 19.52 -24.59
C ALA D 117 -8.54 21.05 -24.57
N GLY D 118 -9.50 21.73 -25.21
CA GLY D 118 -9.56 23.19 -25.19
C GLY D 118 -9.81 23.78 -23.81
N ALA D 119 -10.75 23.18 -23.08
CA ALA D 119 -11.00 23.57 -21.70
C ALA D 119 -9.76 23.36 -20.82
N LEU D 120 -9.11 22.20 -21.00
CA LEU D 120 -7.89 21.86 -20.26
C LEU D 120 -6.79 22.90 -20.41
N LEU D 121 -6.45 23.23 -21.67
CA LEU D 121 -5.35 24.15 -21.99
C LEU D 121 -5.72 25.65 -22.03
N GLY D 122 -7.02 25.95 -21.94
CA GLY D 122 -7.50 27.32 -21.82
C GLY D 122 -7.70 28.03 -23.15
N MET D 123 -8.06 27.25 -24.17
CA MET D 123 -8.26 27.75 -25.53
C MET D 123 -9.76 27.75 -25.85
N LYS D 124 -10.20 28.72 -26.65
CA LYS D 124 -11.57 28.76 -27.16
C LYS D 124 -11.77 27.60 -28.14
N VAL D 125 -13.00 27.04 -28.16
CA VAL D 125 -13.36 25.93 -29.06
C VAL D 125 -14.68 26.18 -29.80
N ASP D 126 -14.68 25.92 -31.11
CA ASP D 126 -15.90 25.91 -31.94
C ASP D 126 -15.95 24.62 -32.75
N ILE D 127 -17.09 23.93 -32.70
CA ILE D 127 -17.23 22.63 -33.35
C ILE D 127 -18.27 22.71 -34.47
N TYR D 128 -17.95 22.06 -35.60
CA TYR D 128 -18.86 21.92 -36.73
C TYR D 128 -19.39 20.47 -36.76
N MET D 129 -20.70 20.32 -36.93
CA MET D 129 -21.38 19.03 -36.78
C MET D 129 -22.64 18.97 -37.66
N GLY D 130 -22.94 17.77 -38.14
CA GLY D 130 -24.12 17.55 -38.99
C GLY D 130 -25.41 17.54 -38.19
N ALA D 131 -26.48 18.06 -38.80
CA ALA D 131 -27.80 18.16 -38.16
C ALA D 131 -28.34 16.80 -37.71
N GLU D 132 -28.17 15.79 -38.54
CA GLU D 132 -28.53 14.41 -38.18
C GLU D 132 -27.74 13.95 -36.96
N ASP D 133 -26.44 14.23 -36.95
CA ASP D 133 -25.54 13.84 -35.87
C ASP D 133 -25.78 14.58 -34.53
N VAL D 134 -26.40 15.76 -34.61
CA VAL D 134 -26.84 16.48 -33.40
C VAL D 134 -27.98 15.70 -32.73
N GLU D 135 -28.98 15.34 -33.54
CA GLU D 135 -30.09 14.49 -33.10
C GLU D 135 -29.60 13.09 -32.69
N ARG D 136 -28.73 12.51 -33.52
CA ARG D 136 -28.29 11.12 -33.39
C ARG D 136 -27.35 10.89 -32.19
N GLN D 137 -26.56 11.90 -31.83
CA GLN D 137 -25.59 11.80 -30.72
C GLN D 137 -25.70 13.00 -29.73
N LYS D 138 -26.93 13.37 -29.36
CA LYS D 138 -27.20 14.56 -28.53
C LYS D 138 -26.48 14.57 -27.18
N MET D 139 -26.22 13.38 -26.62
CA MET D 139 -25.45 13.23 -25.39
C MET D 139 -24.08 13.93 -25.52
N ASN D 140 -23.42 13.70 -26.65
CA ASN D 140 -22.14 14.37 -26.94
C ASN D 140 -22.30 15.88 -27.24
N VAL D 141 -23.44 16.29 -27.78
CA VAL D 141 -23.72 17.71 -28.05
C VAL D 141 -23.84 18.51 -26.74
N PHE D 142 -24.59 17.97 -25.77
CA PHE D 142 -24.72 18.58 -24.44
C PHE D 142 -23.35 18.85 -23.83
N ARG D 143 -22.50 17.82 -23.87
CA ARG D 143 -21.18 17.86 -23.25
C ARG D 143 -20.29 18.97 -23.78
N MET D 144 -20.36 19.22 -25.08
CA MET D 144 -19.56 20.27 -25.73
C MET D 144 -19.93 21.66 -25.23
N LYS D 145 -21.23 21.97 -25.19
CA LYS D 145 -21.72 23.22 -24.59
C LYS D 145 -21.24 23.39 -23.14
N LEU D 146 -21.40 22.35 -22.32
CA LEU D 146 -20.99 22.37 -20.91
C LEU D 146 -19.47 22.50 -20.69
N LEU D 147 -18.69 21.95 -21.63
CA LEU D 147 -17.23 22.10 -21.61
C LEU D 147 -16.76 23.46 -22.14
N GLY D 148 -17.67 24.26 -22.70
CA GLY D 148 -17.38 25.64 -23.10
C GLY D 148 -17.25 25.86 -24.60
N ALA D 149 -17.38 24.80 -25.39
CA ALA D 149 -17.36 24.91 -26.84
C ALA D 149 -18.72 25.34 -27.37
N ASN D 150 -18.73 25.83 -28.60
CA ASN D 150 -19.98 26.12 -29.34
C ASN D 150 -20.13 25.05 -30.41
N VAL D 151 -21.27 24.35 -30.40
CA VAL D 151 -21.60 23.37 -31.44
C VAL D 151 -22.36 24.13 -32.52
N ILE D 152 -21.85 24.09 -33.74
CA ILE D 152 -22.48 24.73 -34.90
C ILE D 152 -23.07 23.62 -35.79
N PRO D 153 -24.42 23.44 -35.75
CA PRO D 153 -25.04 22.45 -36.63
C PRO D 153 -24.86 22.79 -38.11
N VAL D 154 -24.70 21.77 -38.94
CA VAL D 154 -24.51 21.94 -40.38
C VAL D 154 -25.69 21.32 -41.13
N ASN D 155 -26.55 22.18 -41.68
CA ASN D 155 -27.76 21.74 -42.42
C ASN D 155 -27.56 21.59 -43.94
N SER D 156 -26.32 21.76 -44.43
CA SER D 156 -26.01 21.64 -45.87
C SER D 156 -25.80 20.18 -46.27
N GLY D 157 -26.14 19.86 -47.51
CA GLY D 157 -25.98 18.52 -48.08
C GLY D 157 -26.67 17.43 -47.27
N SER D 158 -25.92 16.37 -46.96
CA SER D 158 -26.43 15.22 -46.21
C SER D 158 -26.61 15.42 -44.69
N ARG D 159 -26.09 16.53 -44.15
CA ARG D 159 -26.15 16.82 -42.71
C ARG D 159 -25.42 15.76 -41.88
N THR D 160 -24.27 15.28 -42.39
CA THR D 160 -23.46 14.25 -41.74
C THR D 160 -21.99 14.72 -41.69
N LEU D 161 -21.08 13.82 -41.34
CA LEU D 161 -19.64 14.14 -41.19
C LEU D 161 -18.99 14.83 -42.39
N LYS D 162 -19.31 14.37 -43.60
CA LYS D 162 -18.79 14.96 -44.85
C LYS D 162 -19.09 16.45 -44.95
N ASP D 163 -20.29 16.83 -44.52
CA ASP D 163 -20.76 18.22 -44.59
C ASP D 163 -20.14 19.10 -43.49
N ALA D 164 -19.85 18.50 -42.34
CA ALA D 164 -19.18 19.21 -41.24
C ALA D 164 -17.75 19.61 -41.61
N ILE D 165 -17.01 18.70 -42.24
CA ILE D 165 -15.62 18.93 -42.65
C ILE D 165 -15.50 20.14 -43.59
N ASN D 166 -16.46 20.29 -44.50
CA ASN D 166 -16.48 21.39 -45.47
C ASN D 166 -16.52 22.75 -44.79
N GLU D 167 -17.42 22.90 -43.82
CA GLU D 167 -17.59 24.16 -43.09
C GLU D 167 -16.40 24.53 -42.18
N ALA D 168 -15.67 23.52 -41.71
CA ALA D 168 -14.46 23.74 -40.91
C ALA D 168 -13.31 24.33 -41.73
N LEU D 169 -13.09 23.81 -42.93
CA LEU D 169 -12.04 24.32 -43.84
C LEU D 169 -12.34 25.74 -44.33
N ARG D 170 -13.61 26.02 -44.61
CA ARG D 170 -14.06 27.38 -44.96
C ARG D 170 -13.77 28.37 -43.84
N ASP D 171 -14.00 27.93 -42.59
CA ASP D 171 -13.66 28.69 -41.40
C ASP D 171 -12.15 28.91 -41.27
N TRP D 172 -11.38 27.83 -41.42
CA TRP D 172 -9.93 27.89 -41.17
C TRP D 172 -9.17 28.84 -42.09
N VAL D 173 -9.56 28.90 -43.37
CA VAL D 173 -8.92 29.79 -44.35
C VAL D 173 -9.05 31.25 -43.92
N ALA D 174 -10.23 31.61 -43.39
CA ALA D 174 -10.47 32.96 -42.87
C ALA D 174 -9.70 33.26 -41.59
N THR D 175 -9.51 32.25 -40.73
CA THR D 175 -9.10 32.44 -39.33
C THR D 175 -7.81 31.71 -38.88
N PHE D 176 -7.01 31.20 -39.82
CA PHE D 176 -5.83 30.35 -39.49
C PHE D 176 -4.71 31.02 -38.68
N GLU D 177 -4.60 32.36 -38.73
CA GLU D 177 -3.55 33.07 -38.00
C GLU D 177 -3.54 32.74 -36.49
N TYR D 178 -4.74 32.57 -35.91
CA TYR D 178 -4.91 32.28 -34.48
C TYR D 178 -5.63 30.95 -34.17
N THR D 179 -6.03 30.20 -35.22
CA THR D 179 -6.85 29.00 -35.08
C THR D 179 -6.10 27.77 -35.60
N HIS D 180 -6.12 26.69 -34.81
CA HIS D 180 -5.66 25.38 -35.24
C HIS D 180 -6.88 24.56 -35.60
N TYR D 181 -6.91 24.03 -36.82
CA TYR D 181 -7.96 23.11 -37.23
C TYR D 181 -7.59 21.72 -36.73
N LEU D 182 -8.32 21.25 -35.72
CA LEU D 182 -8.03 19.95 -35.09
C LEU D 182 -8.81 18.84 -35.80
N ILE D 183 -8.18 18.25 -36.81
CA ILE D 183 -8.79 17.17 -37.60
C ILE D 183 -8.73 15.90 -36.76
N GLY D 184 -9.83 15.14 -36.78
CA GLY D 184 -10.06 14.04 -35.84
C GLY D 184 -9.75 12.63 -36.30
N SER D 185 -9.31 12.48 -37.55
CA SER D 185 -8.95 11.18 -38.10
C SER D 185 -7.69 11.27 -38.96
N VAL D 186 -7.26 10.13 -39.51
CA VAL D 186 -6.04 10.07 -40.36
C VAL D 186 -6.33 10.51 -41.80
N VAL D 187 -6.91 11.70 -41.93
CA VAL D 187 -7.50 12.20 -43.16
C VAL D 187 -7.04 13.63 -43.40
N GLY D 188 -7.42 14.19 -44.55
CA GLY D 188 -7.05 15.55 -44.90
C GLY D 188 -5.70 15.60 -45.59
N PRO D 189 -5.26 16.82 -45.92
CA PRO D 189 -3.96 17.00 -46.56
C PRO D 189 -2.84 16.87 -45.54
N HIS D 190 -1.66 16.48 -46.01
CA HIS D 190 -0.45 16.42 -45.18
C HIS D 190 -0.29 17.75 -44.42
N PRO D 191 0.10 17.74 -43.14
CA PRO D 191 0.60 16.58 -42.41
C PRO D 191 -0.43 15.85 -41.55
N TYR D 192 -1.72 16.09 -41.75
CA TYR D 192 -2.74 15.57 -40.80
C TYR D 192 -2.79 14.03 -40.69
N PRO D 193 -2.71 13.30 -41.82
CA PRO D 193 -2.66 11.82 -41.69
C PRO D 193 -1.49 11.27 -40.86
N THR D 194 -0.32 11.90 -40.98
CA THR D 194 0.87 11.49 -40.22
C THR D 194 0.74 11.89 -38.74
N ILE D 195 0.26 13.10 -38.49
CA ILE D 195 0.15 13.64 -37.13
C ILE D 195 -0.85 12.86 -36.30
N VAL D 196 -2.01 12.56 -36.89
CA VAL D 196 -3.08 11.88 -36.16
C VAL D 196 -2.67 10.44 -35.88
N ARG D 197 -2.08 9.77 -36.86
CA ARG D 197 -1.55 8.42 -36.65
C ARG D 197 -0.52 8.38 -35.51
N ASP D 198 0.42 9.30 -35.52
CA ASP D 198 1.47 9.34 -34.49
C ASP D 198 0.94 9.53 -33.08
N PHE D 199 -0.09 10.38 -32.89
CA PHE D 199 -0.70 10.59 -31.56
C PHE D 199 -1.61 9.45 -31.10
N GLN D 200 -2.08 8.64 -32.05
CA GLN D 200 -2.86 7.45 -31.75
C GLN D 200 -2.00 6.18 -31.64
N SER D 201 -0.74 6.25 -32.06
CA SER D 201 0.15 5.07 -32.04
C SER D 201 0.41 4.52 -30.63
N VAL D 202 0.36 5.39 -29.63
CA VAL D 202 0.41 4.98 -28.22
C VAL D 202 -0.48 3.75 -27.90
N ILE D 203 -1.61 3.63 -28.59
CA ILE D 203 -2.53 2.49 -28.40
C ILE D 203 -1.81 1.18 -28.70
N GLY D 204 -1.14 1.12 -29.84
CA GLY D 204 -0.42 -0.08 -30.25
C GLY D 204 0.82 -0.42 -29.44
N ARG D 205 1.54 0.60 -28.97
CA ARG D 205 2.72 0.37 -28.13
C ARG D 205 2.34 -0.16 -26.74
N GLU D 206 1.30 0.40 -26.16
CA GLU D 206 0.73 -0.15 -24.91
C GLU D 206 0.26 -1.59 -25.13
N ALA D 207 -0.50 -1.79 -26.20
CA ALA D 207 -1.11 -3.09 -26.49
C ALA D 207 -0.06 -4.18 -26.77
N LYS D 208 1.02 -3.81 -27.47
CA LYS D 208 2.13 -4.74 -27.73
C LYS D 208 2.79 -5.17 -26.41
N ALA D 209 3.17 -4.20 -25.58
CA ALA D 209 3.74 -4.51 -24.26
C ALA D 209 2.76 -5.29 -23.37
N GLN D 210 1.47 -4.98 -23.47
CA GLN D 210 0.45 -5.66 -22.66
C GLN D 210 0.22 -7.10 -23.08
N ILE D 211 0.19 -7.35 -24.39
CA ILE D 211 -0.01 -8.73 -24.89
C ILE D 211 1.23 -9.61 -24.65
N LEU D 212 2.42 -9.02 -24.70
CA LEU D 212 3.64 -9.76 -24.37
C LEU D 212 3.62 -10.21 -22.90
N GLU D 213 3.24 -9.29 -22.01
CA GLU D 213 3.12 -9.62 -20.58
C GLU D 213 2.06 -10.70 -20.31
N ALA D 214 0.88 -10.54 -20.87
CA ALA D 214 -0.23 -11.48 -20.66
C ALA D 214 0.02 -12.87 -21.23
N GLU D 215 0.51 -12.92 -22.48
CA GLU D 215 0.60 -14.18 -23.23
C GLU D 215 2.02 -14.63 -23.62
N GLY D 216 3.04 -13.78 -23.44
CA GLY D 216 4.42 -14.14 -23.81
C GLY D 216 4.70 -14.16 -25.31
N GLN D 217 3.83 -13.53 -26.10
CA GLN D 217 3.90 -13.59 -27.55
C GLN D 217 3.01 -12.52 -28.17
N LEU D 218 3.38 -12.11 -29.38
CA LEU D 218 2.62 -11.14 -30.16
C LEU D 218 1.27 -11.74 -30.58
N PRO D 219 0.28 -10.89 -30.90
CA PRO D 219 -1.01 -11.43 -31.35
C PRO D 219 -0.95 -11.98 -32.78
N ASP D 220 -1.82 -12.95 -33.07
CA ASP D 220 -1.97 -13.45 -34.44
C ASP D 220 -2.69 -12.42 -35.29
N VAL D 221 -3.74 -11.80 -34.76
CA VAL D 221 -4.54 -10.81 -35.49
C VAL D 221 -4.87 -9.60 -34.62
N ILE D 222 -4.88 -8.42 -35.24
CA ILE D 222 -5.39 -7.19 -34.62
C ILE D 222 -6.56 -6.73 -35.47
N VAL D 223 -7.69 -6.47 -34.81
CA VAL D 223 -8.94 -6.09 -35.47
C VAL D 223 -9.38 -4.74 -34.93
N ALA D 224 -9.64 -3.82 -35.85
CA ALA D 224 -10.08 -2.47 -35.51
C ALA D 224 -11.07 -1.99 -36.54
N CYS D 225 -12.04 -1.18 -36.13
CA CYS D 225 -13.03 -0.61 -37.04
C CYS D 225 -12.38 0.56 -37.73
N VAL D 226 -12.78 0.83 -38.98
CA VAL D 226 -12.16 1.87 -39.81
C VAL D 226 -13.21 2.86 -40.33
N GLY D 227 -13.15 4.09 -39.83
CA GLY D 227 -13.88 5.22 -40.39
C GLY D 227 -12.90 5.87 -41.34
N GLY D 228 -12.40 7.06 -40.98
CA GLY D 228 -11.22 7.65 -41.60
C GLY D 228 -9.97 6.82 -41.34
N GLY D 229 -9.90 6.19 -40.15
CA GLY D 229 -8.88 5.18 -39.85
C GLY D 229 -7.92 5.39 -38.69
N SER D 230 -8.19 6.37 -37.82
CA SER D 230 -7.26 6.75 -36.75
C SER D 230 -7.05 5.71 -35.64
N ASN D 231 -8.14 5.12 -35.11
CA ASN D 231 -7.99 4.11 -34.05
C ASN D 231 -7.31 2.87 -34.61
N ALA D 232 -7.64 2.52 -35.85
CA ALA D 232 -7.01 1.38 -36.49
C ALA D 232 -5.53 1.64 -36.72
N MET D 233 -5.17 2.80 -37.26
CA MET D 233 -3.75 3.14 -37.47
C MET D 233 -3.01 3.19 -36.16
N GLY D 234 -3.68 3.73 -35.13
CA GLY D 234 -3.11 3.82 -33.79
C GLY D 234 -2.68 2.48 -33.24
N ILE D 235 -3.52 1.46 -33.40
CA ILE D 235 -3.19 0.13 -32.91
C ILE D 235 -2.38 -0.70 -33.92
N PHE D 236 -2.61 -0.48 -35.22
CA PHE D 236 -1.82 -1.17 -36.28
C PHE D 236 -0.33 -0.79 -36.34
N TYR D 237 -0.04 0.51 -36.26
CA TYR D 237 1.26 1.04 -36.69
C TYR D 237 2.45 0.39 -35.98
N PRO D 238 2.38 0.22 -34.63
CA PRO D 238 3.52 -0.42 -33.95
C PRO D 238 3.76 -1.90 -34.29
N PHE D 239 2.77 -2.57 -34.88
CA PHE D 239 2.92 -3.96 -35.34
C PHE D 239 3.22 -4.11 -36.85
N VAL D 240 3.24 -3.02 -37.63
CA VAL D 240 3.42 -3.10 -39.10
C VAL D 240 4.65 -3.93 -39.48
N ASN D 241 5.77 -3.69 -38.80
CA ASN D 241 7.02 -4.41 -39.05
C ASN D 241 7.10 -5.81 -38.43
N ASP D 242 6.13 -6.17 -37.60
CA ASP D 242 6.00 -7.56 -37.13
C ASP D 242 5.19 -8.31 -38.17
N LYS D 243 5.91 -9.01 -39.05
CA LYS D 243 5.33 -9.56 -40.29
C LYS D 243 4.26 -10.63 -40.05
N LYS D 244 4.44 -11.42 -38.99
CA LYS D 244 3.48 -12.47 -38.62
C LYS D 244 2.18 -11.98 -37.97
N VAL D 245 2.08 -10.68 -37.67
CA VAL D 245 0.88 -10.10 -37.04
C VAL D 245 -0.08 -9.63 -38.14
N LYS D 246 -1.18 -10.37 -38.34
CA LYS D 246 -2.21 -10.00 -39.30
C LYS D 246 -2.96 -8.76 -38.79
N LEU D 247 -3.36 -7.90 -39.72
CA LEU D 247 -4.04 -6.65 -39.41
C LEU D 247 -5.33 -6.59 -40.19
N VAL D 248 -6.45 -6.42 -39.49
CA VAL D 248 -7.77 -6.40 -40.14
C VAL D 248 -8.55 -5.14 -39.76
N GLY D 249 -8.92 -4.38 -40.78
CA GLY D 249 -9.73 -3.17 -40.61
C GLY D 249 -11.16 -3.51 -40.98
N VAL D 250 -12.11 -3.01 -40.20
CA VAL D 250 -13.52 -3.37 -40.36
C VAL D 250 -14.35 -2.12 -40.67
N GLU D 251 -14.79 -2.00 -41.92
CA GLU D 251 -15.59 -0.85 -42.36
C GLU D 251 -17.09 -1.04 -42.16
N ALA D 252 -17.83 0.07 -42.26
CA ALA D 252 -19.27 0.06 -42.12
C ALA D 252 -19.93 -0.51 -43.37
N GLY D 253 -20.44 -1.72 -43.24
CA GLY D 253 -21.24 -2.38 -44.26
C GLY D 253 -22.68 -1.92 -44.37
N GLY D 254 -23.13 -1.07 -43.43
CA GLY D 254 -24.45 -0.44 -43.47
C GLY D 254 -25.56 -1.46 -43.64
N LYS D 255 -26.42 -1.24 -44.63
CA LYS D 255 -27.54 -2.17 -44.95
C LYS D 255 -27.09 -3.34 -45.84
N GLY D 256 -25.81 -3.38 -46.22
CA GLY D 256 -25.26 -4.41 -47.09
C GLY D 256 -24.36 -3.74 -48.12
N LEU D 257 -23.26 -4.39 -48.48
CA LEU D 257 -22.33 -3.87 -49.49
C LEU D 257 -22.97 -3.68 -50.88
N GLU D 258 -23.95 -4.52 -51.24
CA GLU D 258 -24.66 -4.37 -52.52
C GLU D 258 -25.91 -3.48 -52.43
N SER D 259 -26.08 -2.74 -51.32
CA SER D 259 -27.31 -2.00 -51.04
C SER D 259 -27.26 -0.49 -51.33
N GLY D 260 -26.08 0.05 -51.64
CA GLY D 260 -25.88 1.50 -51.76
C GLY D 260 -25.97 2.29 -50.46
N LYS D 261 -25.91 1.62 -49.32
CA LYS D 261 -26.03 2.26 -48.00
C LYS D 261 -24.99 1.65 -47.06
N HIS D 262 -23.79 2.21 -47.09
CA HIS D 262 -22.65 1.73 -46.31
C HIS D 262 -21.58 2.82 -46.31
N SER D 263 -20.44 2.57 -45.67
CA SER D 263 -19.29 3.51 -45.73
C SER D 263 -17.95 2.80 -45.94
N ALA D 264 -18.00 1.65 -46.61
CA ALA D 264 -16.82 0.85 -46.95
C ALA D 264 -16.07 1.43 -48.13
N SER D 265 -15.27 2.46 -47.84
CA SER D 265 -14.50 3.18 -48.85
C SER D 265 -13.45 2.28 -49.49
N LEU D 266 -12.68 1.60 -48.66
CA LEU D 266 -11.68 0.65 -49.14
C LEU D 266 -12.29 -0.50 -49.95
N ASN D 267 -13.48 -0.96 -49.57
CA ASN D 267 -14.13 -2.09 -50.25
C ASN D 267 -14.74 -1.73 -51.61
N ALA D 268 -15.41 -0.57 -51.69
CA ALA D 268 -16.23 -0.21 -52.86
C ALA D 268 -16.07 1.24 -53.35
N GLY D 269 -15.06 1.95 -52.86
CA GLY D 269 -14.78 3.31 -53.31
C GLY D 269 -13.90 3.32 -54.55
N GLN D 270 -13.84 4.49 -55.18
CA GLN D 270 -12.94 4.73 -56.31
C GLN D 270 -11.85 5.67 -55.83
N VAL D 271 -10.70 5.60 -56.48
CA VAL D 271 -9.58 6.47 -56.12
C VAL D 271 -9.81 7.84 -56.75
N GLY D 272 -9.69 8.88 -55.94
CA GLY D 272 -9.99 10.25 -56.35
C GLY D 272 -9.52 11.27 -55.32
N VAL D 273 -9.66 12.54 -55.65
CA VAL D 273 -9.17 13.63 -54.82
C VAL D 273 -10.34 14.29 -54.08
N SER D 274 -10.24 14.35 -52.76
CA SER D 274 -11.23 15.03 -51.93
C SER D 274 -10.72 15.31 -50.52
N HIS D 275 -11.12 16.47 -50.00
CA HIS D 275 -10.69 16.95 -48.68
C HIS D 275 -9.16 16.90 -48.54
N GLY D 276 -8.48 17.47 -49.53
CA GLY D 276 -7.04 17.60 -49.50
C GLY D 276 -6.21 16.35 -49.67
N MET D 277 -6.84 15.21 -49.96
CA MET D 277 -6.13 13.93 -50.02
C MET D 277 -6.57 13.10 -51.22
N LEU D 278 -5.64 12.27 -51.69
CA LEU D 278 -5.90 11.29 -52.74
C LEU D 278 -6.06 9.94 -52.06
N SER D 279 -7.26 9.39 -52.15
CA SER D 279 -7.59 8.14 -51.45
C SER D 279 -8.86 7.54 -52.02
N TYR D 280 -9.42 6.54 -51.32
CA TYR D 280 -10.66 5.91 -51.74
C TYR D 280 -11.88 6.73 -51.28
N PHE D 281 -12.86 6.87 -52.16
CA PHE D 281 -14.09 7.62 -51.90
C PHE D 281 -15.29 6.94 -52.57
N LEU D 282 -16.42 6.89 -51.87
CA LEU D 282 -17.65 6.33 -52.42
C LEU D 282 -18.23 7.34 -53.40
N GLN D 283 -18.49 6.87 -54.63
CA GLN D 283 -18.91 7.75 -55.73
C GLN D 283 -20.19 7.28 -56.45
N ASP D 284 -20.90 8.24 -57.02
CA ASP D 284 -22.11 7.99 -57.83
C ASP D 284 -21.74 7.76 -59.31
N GLU D 285 -22.75 7.64 -60.18
CA GLU D 285 -22.54 7.50 -61.63
C GLU D 285 -21.82 8.69 -62.29
N GLU D 286 -22.09 9.90 -61.80
CA GLU D 286 -21.40 11.11 -62.26
C GLU D 286 -19.96 11.24 -61.74
N GLY D 287 -19.59 10.45 -60.72
CA GLY D 287 -18.25 10.48 -60.13
C GLY D 287 -18.15 11.38 -58.90
N GLN D 288 -19.26 12.03 -58.54
CA GLN D 288 -19.32 12.89 -57.36
C GLN D 288 -19.43 12.02 -56.10
N ILE D 289 -19.00 12.57 -54.97
CA ILE D 289 -18.96 11.84 -53.71
C ILE D 289 -20.37 11.65 -53.17
N LYS D 290 -20.90 10.43 -53.32
CA LYS D 290 -22.24 10.10 -52.82
C LYS D 290 -22.22 9.93 -51.30
N PRO D 291 -23.35 10.27 -50.63
CA PRO D 291 -23.33 10.24 -49.17
C PRO D 291 -23.27 8.82 -48.63
N SER D 292 -22.48 8.64 -47.57
CA SER D 292 -22.33 7.34 -46.94
C SER D 292 -23.44 7.13 -45.91
N HIS D 293 -23.53 5.90 -45.41
CA HIS D 293 -24.43 5.56 -44.31
C HIS D 293 -23.82 4.52 -43.35
N SER D 294 -24.08 4.71 -42.07
CA SER D 294 -23.89 3.66 -41.07
C SER D 294 -24.76 3.94 -39.85
N ILE D 295 -25.18 2.86 -39.18
CA ILE D 295 -25.83 2.98 -37.87
C ILE D 295 -24.86 3.55 -36.83
N ALA D 296 -23.56 3.26 -36.97
CA ALA D 296 -22.50 3.89 -36.18
C ALA D 296 -22.16 5.25 -36.78
N PRO D 297 -22.58 6.35 -36.13
CA PRO D 297 -22.35 7.70 -36.71
C PRO D 297 -20.88 8.06 -36.92
N GLY D 298 -20.00 7.45 -36.13
CA GLY D 298 -18.57 7.66 -36.25
C GLY D 298 -17.93 7.04 -37.50
N LEU D 299 -18.61 6.10 -38.14
CA LEU D 299 -18.15 5.47 -39.39
C LEU D 299 -18.85 6.07 -40.62
N ASP D 300 -19.68 7.08 -40.43
CA ASP D 300 -20.48 7.63 -41.52
C ASP D 300 -19.72 8.73 -42.28
N TYR D 301 -18.69 8.31 -43.03
CA TYR D 301 -17.86 9.21 -43.83
C TYR D 301 -17.54 8.51 -45.16
N PRO D 302 -17.77 9.19 -46.32
CA PRO D 302 -17.53 8.57 -47.64
C PRO D 302 -16.09 8.13 -47.92
N GLY D 303 -15.12 8.81 -47.33
CA GLY D 303 -13.69 8.55 -47.54
C GLY D 303 -12.98 7.72 -46.48
N VAL D 304 -11.68 7.53 -46.72
CA VAL D 304 -10.79 6.83 -45.79
C VAL D 304 -9.40 7.42 -45.91
N GLY D 305 -8.62 7.30 -44.83
CA GLY D 305 -7.27 7.80 -44.78
C GLY D 305 -6.36 7.13 -45.81
N PRO D 306 -5.42 7.91 -46.40
CA PRO D 306 -4.53 7.37 -47.44
C PRO D 306 -3.60 6.29 -46.95
N GLU D 307 -3.23 6.29 -45.65
CA GLU D 307 -2.33 5.23 -45.15
C GLU D 307 -3.00 3.85 -45.15
N HIS D 308 -4.33 3.79 -45.00
CA HIS D 308 -5.04 2.51 -45.14
C HIS D 308 -5.12 2.06 -46.59
N ALA D 309 -5.39 3.00 -47.49
CA ALA D 309 -5.26 2.75 -48.93
C ALA D 309 -3.91 2.12 -49.25
N TYR D 310 -2.83 2.71 -48.74
CA TYR D 310 -1.48 2.12 -48.89
C TYR D 310 -1.39 0.71 -48.35
N LEU D 311 -1.70 0.54 -47.06
CA LEU D 311 -1.68 -0.78 -46.40
C LEU D 311 -2.48 -1.82 -47.17
N LYS D 312 -3.64 -1.41 -47.69
CA LYS D 312 -4.43 -2.28 -48.56
C LYS D 312 -3.66 -2.62 -49.84
N LYS D 313 -3.11 -1.60 -50.49
CA LYS D 313 -2.44 -1.75 -51.79
C LYS D 313 -1.28 -2.75 -51.75
N ILE D 314 -0.41 -2.60 -50.75
CA ILE D 314 0.70 -3.55 -50.50
C ILE D 314 0.27 -4.82 -49.72
N GLN D 315 -1.03 -4.98 -49.47
CA GLN D 315 -1.59 -6.14 -48.74
C GLN D 315 -1.03 -6.42 -47.34
N ARG D 316 -0.58 -5.38 -46.65
CA ARG D 316 -0.04 -5.53 -45.31
C ARG D 316 -1.21 -5.67 -44.32
N ALA D 317 -2.35 -5.05 -44.63
CA ALA D 317 -3.58 -5.22 -43.86
C ALA D 317 -4.74 -5.60 -44.79
N GLU D 318 -5.62 -6.43 -44.27
CA GLU D 318 -6.84 -6.85 -44.94
C GLU D 318 -8.00 -5.98 -44.47
N TYR D 319 -8.96 -5.74 -45.36
CA TYR D 319 -10.11 -4.90 -45.06
C TYR D 319 -11.40 -5.62 -45.43
N VAL D 320 -12.35 -5.56 -44.50
CA VAL D 320 -13.64 -6.25 -44.56
C VAL D 320 -14.72 -5.31 -44.08
N ALA D 321 -15.97 -5.74 -44.20
CA ALA D 321 -17.10 -4.98 -43.72
C ALA D 321 -18.04 -5.83 -42.87
N VAL D 322 -18.76 -5.14 -42.00
CA VAL D 322 -19.75 -5.71 -41.12
C VAL D 322 -20.99 -4.84 -41.25
N THR D 323 -22.16 -5.47 -41.30
CA THR D 323 -23.42 -4.76 -41.49
C THR D 323 -23.90 -4.07 -40.21
N ASP D 324 -24.91 -3.21 -40.38
CA ASP D 324 -25.58 -2.57 -39.25
C ASP D 324 -26.08 -3.61 -38.24
N GLU D 325 -26.78 -4.63 -38.75
CA GLU D 325 -27.36 -5.68 -37.91
C GLU D 325 -26.30 -6.49 -37.18
N GLU D 326 -25.18 -6.79 -37.83
CA GLU D 326 -24.11 -7.51 -37.16
C GLU D 326 -23.47 -6.71 -36.04
N ALA D 327 -23.31 -5.40 -36.23
CA ALA D 327 -22.75 -4.52 -35.22
C ALA D 327 -23.68 -4.45 -33.99
N LEU D 328 -24.98 -4.35 -34.26
CA LEU D 328 -26.02 -4.38 -33.23
C LEU D 328 -25.99 -5.66 -32.41
N LYS D 329 -25.95 -6.82 -33.06
CA LYS D 329 -25.82 -8.09 -32.34
C LYS D 329 -24.58 -8.11 -31.44
N ALA D 330 -23.48 -7.55 -31.95
CA ALA D 330 -22.22 -7.48 -31.22
C ALA D 330 -22.25 -6.51 -30.03
N PHE D 331 -23.00 -5.42 -30.19
CA PHE D 331 -23.22 -4.44 -29.15
C PHE D 331 -23.90 -5.13 -27.95
N HIS D 332 -25.00 -5.84 -28.23
CA HIS D 332 -25.74 -6.57 -27.19
C HIS D 332 -24.93 -7.73 -26.60
N GLU D 333 -24.17 -8.43 -27.43
CA GLU D 333 -23.40 -9.60 -27.00
C GLU D 333 -22.30 -9.22 -26.01
N LEU D 334 -21.56 -8.16 -26.31
CA LEU D 334 -20.47 -7.71 -25.43
C LEU D 334 -20.98 -7.18 -24.08
N SER D 335 -22.05 -6.40 -24.14
CA SER D 335 -22.70 -5.87 -22.95
C SER D 335 -23.10 -7.00 -22.01
N ARG D 336 -23.88 -7.96 -22.52
CA ARG D 336 -24.39 -9.07 -21.71
C ARG D 336 -23.33 -10.09 -21.26
N THR D 337 -22.34 -10.34 -22.11
CA THR D 337 -21.34 -11.39 -21.86
C THR D 337 -20.16 -10.87 -21.05
N GLU D 338 -19.74 -9.64 -21.30
CA GLU D 338 -18.55 -9.08 -20.64
C GLU D 338 -18.81 -7.85 -19.78
N GLY D 339 -20.03 -7.32 -19.78
CA GLY D 339 -20.33 -6.14 -18.97
C GLY D 339 -19.67 -4.86 -19.45
N ILE D 340 -19.47 -4.78 -20.77
CA ILE D 340 -18.81 -3.63 -21.41
C ILE D 340 -19.76 -3.19 -22.52
N ILE D 341 -20.32 -1.99 -22.39
CA ILE D 341 -21.17 -1.43 -23.42
C ILE D 341 -20.26 -0.70 -24.44
N PRO D 342 -20.11 -1.28 -25.66
CA PRO D 342 -19.18 -0.68 -26.61
C PRO D 342 -19.86 0.38 -27.48
N ALA D 343 -19.08 1.30 -28.02
CA ALA D 343 -19.58 2.24 -29.02
C ALA D 343 -19.98 1.43 -30.25
N LEU D 344 -20.99 1.89 -30.96
CA LEU D 344 -21.45 1.19 -32.17
C LEU D 344 -20.36 1.05 -33.24
N GLU D 345 -19.44 2.01 -33.29
CA GLU D 345 -18.26 1.95 -34.17
C GLU D 345 -17.41 0.75 -33.79
N SER D 346 -17.00 0.70 -32.53
CA SER D 346 -16.20 -0.41 -31.99
C SER D 346 -16.87 -1.78 -32.15
N ALA D 347 -18.21 -1.80 -32.11
CA ALA D 347 -19.00 -3.04 -32.23
C ALA D 347 -18.84 -3.74 -33.58
N HIS D 348 -18.54 -2.96 -34.63
CA HIS D 348 -18.22 -3.51 -35.94
C HIS D 348 -16.97 -4.40 -35.80
N ALA D 349 -15.97 -3.90 -35.08
CA ALA D 349 -14.75 -4.67 -34.83
C ALA D 349 -15.01 -5.92 -34.00
N VAL D 350 -15.86 -5.79 -32.98
CA VAL D 350 -16.24 -6.91 -32.13
C VAL D 350 -16.96 -7.95 -32.98
N ALA D 351 -17.95 -7.50 -33.76
CA ALA D 351 -18.67 -8.38 -34.70
C ALA D 351 -17.75 -9.24 -35.58
N TYR D 352 -16.77 -8.60 -36.23
CA TYR D 352 -15.87 -9.35 -37.09
C TYR D 352 -14.94 -10.26 -36.30
N ALA D 353 -14.43 -9.78 -35.17
CA ALA D 353 -13.61 -10.61 -34.28
C ALA D 353 -14.32 -11.89 -33.81
N MET D 354 -15.64 -11.83 -33.64
CA MET D 354 -16.42 -12.99 -33.21
C MET D 354 -16.53 -14.04 -34.31
N LYS D 355 -16.69 -13.59 -35.56
CA LYS D 355 -16.64 -14.48 -36.73
C LYS D 355 -15.25 -15.11 -36.89
N LEU D 356 -14.22 -14.29 -36.78
CA LEU D 356 -12.84 -14.72 -36.95
C LEU D 356 -12.34 -15.65 -35.84
N ALA D 357 -12.76 -15.40 -34.61
CA ALA D 357 -12.38 -16.24 -33.47
C ALA D 357 -12.82 -17.67 -33.67
N LYS D 358 -14.04 -17.85 -34.18
CA LYS D 358 -14.59 -19.17 -34.50
C LYS D 358 -13.78 -19.94 -35.54
N GLU D 359 -13.26 -19.23 -36.54
CA GLU D 359 -12.43 -19.86 -37.60
C GLU D 359 -11.02 -20.26 -37.13
N MET D 360 -10.59 -19.74 -35.96
CA MET D 360 -9.23 -19.95 -35.44
C MET D 360 -9.22 -20.97 -34.29
N SER D 361 -8.04 -21.44 -33.91
CA SER D 361 -7.90 -22.43 -32.81
C SER D 361 -7.68 -21.79 -31.44
N ARG D 362 -7.88 -22.59 -30.38
CA ARG D 362 -7.93 -22.10 -28.99
C ARG D 362 -6.70 -21.30 -28.52
N ASP D 363 -5.53 -21.71 -28.99
CA ASP D 363 -4.26 -21.09 -28.58
C ASP D 363 -4.03 -19.70 -29.19
N GLU D 364 -4.69 -19.40 -30.31
CA GLU D 364 -4.40 -18.20 -31.08
C GLU D 364 -5.06 -16.96 -30.48
N ILE D 365 -4.51 -15.78 -30.81
CA ILE D 365 -4.83 -14.52 -30.12
C ILE D 365 -5.32 -13.43 -31.09
N ILE D 366 -6.49 -12.86 -30.79
CA ILE D 366 -7.02 -11.68 -31.47
C ILE D 366 -7.05 -10.51 -30.47
N ILE D 367 -6.58 -9.34 -30.89
CA ILE D 367 -6.74 -8.12 -30.11
C ILE D 367 -7.71 -7.24 -30.88
N VAL D 368 -8.82 -6.88 -30.24
CA VAL D 368 -9.81 -5.97 -30.81
C VAL D 368 -9.59 -4.59 -30.22
N ASN D 369 -9.51 -3.56 -31.06
CA ASN D 369 -9.46 -2.21 -30.54
C ASN D 369 -10.88 -1.81 -30.19
N LEU D 370 -11.17 -1.71 -28.89
CA LEU D 370 -12.46 -1.22 -28.43
C LEU D 370 -12.35 0.29 -28.39
N SER D 371 -12.59 0.92 -29.52
CA SER D 371 -12.28 2.34 -29.70
C SER D 371 -13.04 3.28 -28.75
N GLY D 372 -14.24 2.87 -28.34
CA GLY D 372 -15.02 3.68 -27.38
C GLY D 372 -16.17 2.98 -26.68
N ARG D 373 -16.73 3.68 -25.69
CA ARG D 373 -17.93 3.22 -24.98
C ARG D 373 -19.21 3.66 -25.68
N GLY D 374 -20.28 2.91 -25.42
CA GLY D 374 -21.55 3.07 -26.11
C GLY D 374 -22.64 3.87 -25.44
N ASP D 375 -22.29 4.64 -24.40
CA ASP D 375 -23.24 5.51 -23.70
C ASP D 375 -23.90 6.50 -24.67
N LYS D 376 -23.12 7.04 -25.60
CA LYS D 376 -23.65 7.90 -26.66
C LYS D 376 -24.71 7.24 -27.56
N ASP D 377 -24.66 5.92 -27.69
CA ASP D 377 -25.48 5.16 -28.65
C ASP D 377 -26.73 4.48 -28.09
N LEU D 378 -27.09 4.80 -26.85
CA LEU D 378 -28.19 4.12 -26.17
C LEU D 378 -29.52 4.36 -26.87
N ASP D 379 -29.76 5.59 -27.32
CA ASP D 379 -30.98 5.92 -28.08
C ASP D 379 -31.04 5.21 -29.44
N ILE D 380 -29.91 5.16 -30.14
CA ILE D 380 -29.81 4.48 -31.44
C ILE D 380 -30.16 3.00 -31.28
N VAL D 381 -29.60 2.38 -30.25
CA VAL D 381 -29.81 0.96 -29.98
C VAL D 381 -31.27 0.69 -29.59
N LEU D 382 -31.85 1.61 -28.79
CA LEU D 382 -33.26 1.53 -28.35
C LEU D 382 -34.22 1.57 -29.53
N LYS D 383 -34.08 2.58 -30.38
CA LYS D 383 -34.95 2.76 -31.56
C LYS D 383 -34.83 1.58 -32.51
N ALA D 384 -33.59 1.14 -32.73
CA ALA D 384 -33.28 -0.03 -33.57
C ALA D 384 -34.01 -1.32 -33.15
N SER D 385 -34.26 -1.45 -31.84
CA SER D 385 -35.06 -2.55 -31.30
C SER D 385 -36.28 -2.00 -30.57
#